data_5JOL
#
_entry.id   5JOL
#
_entity_poly.entity_id   1
_entity_poly.type   'polypeptide(L)'
_entity_poly.pdbx_seq_one_letter_code
;MARGSVSDEEMMELREAFAKVDTDGNGYISFNELNDLFKAACLPLPGYRVREITENLMATGDLDQDGRISFDEFIKIFHG
LK
;
_entity_poly.pdbx_strand_id   A
#
# COMPACT_ATOMS: atom_id res chain seq x y z
N MET A 1 -9.99 -12.15 -6.60
CA MET A 1 -10.09 -11.43 -5.34
C MET A 1 -11.01 -10.21 -5.49
N ALA A 2 -11.76 -9.91 -4.42
CA ALA A 2 -12.67 -8.77 -4.44
C ALA A 2 -12.73 -8.11 -3.08
N ARG A 3 -12.16 -6.91 -2.97
CA ARG A 3 -12.16 -6.16 -1.72
C ARG A 3 -11.56 -4.78 -1.92
N GLY A 4 -12.09 -3.80 -1.19
CA GLY A 4 -11.59 -2.43 -1.31
C GLY A 4 -12.11 -1.54 -0.20
N SER A 5 -11.55 -0.34 -0.10
CA SER A 5 -11.95 0.61 0.93
C SER A 5 -11.98 2.04 0.38
N VAL A 6 -10.84 2.48 -0.16
CA VAL A 6 -10.73 3.81 -0.73
C VAL A 6 -11.85 4.08 -1.73
N SER A 7 -12.38 5.30 -1.71
CA SER A 7 -13.45 5.68 -2.62
C SER A 7 -13.09 5.35 -4.06
N ASP A 8 -14.08 5.43 -4.96
CA ASP A 8 -13.86 5.15 -6.36
C ASP A 8 -12.71 5.98 -6.91
N GLU A 9 -12.74 7.28 -6.66
CA GLU A 9 -11.71 8.19 -7.13
C GLU A 9 -10.32 7.65 -6.77
N GLU A 10 -10.07 7.49 -5.49
CA GLU A 10 -8.79 6.99 -5.01
C GLU A 10 -8.50 5.60 -5.57
N MET A 11 -9.40 4.66 -5.29
CA MET A 11 -9.25 3.30 -5.77
C MET A 11 -8.66 3.27 -7.17
N MET A 12 -9.16 4.15 -8.03
CA MET A 12 -8.68 4.23 -9.41
C MET A 12 -7.24 4.76 -9.45
N GLU A 13 -7.01 5.87 -8.77
CA GLU A 13 -5.68 6.47 -8.73
C GLU A 13 -4.69 5.56 -8.01
N LEU A 14 -4.97 5.28 -6.75
CA LEU A 14 -4.10 4.42 -5.95
C LEU A 14 -3.71 3.16 -6.72
N ARG A 15 -4.71 2.50 -7.29
CA ARG A 15 -4.47 1.29 -8.07
C ARG A 15 -3.55 1.56 -9.25
N GLU A 16 -3.80 2.66 -9.95
CA GLU A 16 -2.99 3.03 -11.10
C GLU A 16 -1.50 3.02 -10.74
N ALA A 17 -1.13 3.82 -9.75
CA ALA A 17 0.25 3.91 -9.31
C ALA A 17 0.76 2.55 -8.82
N PHE A 18 0.05 1.96 -7.87
CA PHE A 18 0.43 0.67 -7.33
C PHE A 18 0.90 -0.28 -8.43
N ALA A 19 0.04 -0.49 -9.42
CA ALA A 19 0.37 -1.37 -10.54
C ALA A 19 1.71 -1.00 -11.16
N LYS A 20 1.92 0.30 -11.38
CA LYS A 20 3.16 0.78 -11.96
C LYS A 20 4.36 0.32 -11.14
N VAL A 21 4.15 0.12 -9.84
CA VAL A 21 5.21 -0.33 -8.95
C VAL A 21 5.00 -1.78 -8.52
N ASP A 22 3.99 -2.42 -9.10
CA ASP A 22 3.68 -3.80 -8.78
C ASP A 22 4.11 -4.74 -9.92
N THR A 23 5.35 -4.56 -10.38
CA THR A 23 5.86 -5.38 -11.47
C THR A 23 6.38 -6.72 -10.96
N ASP A 24 6.13 -6.99 -9.67
CA ASP A 24 6.56 -8.24 -9.05
C ASP A 24 5.91 -9.43 -9.74
N GLY A 25 4.85 -9.17 -10.51
CA GLY A 25 4.16 -10.23 -11.20
C GLY A 25 3.45 -11.18 -10.25
N ASN A 26 3.33 -10.78 -8.99
CA ASN A 26 2.67 -11.59 -7.99
C ASN A 26 1.39 -10.93 -7.50
N GLY A 27 1.27 -9.63 -7.75
CA GLY A 27 0.09 -8.90 -7.34
C GLY A 27 0.37 -7.95 -6.18
N TYR A 28 1.46 -8.20 -5.46
CA TYR A 28 1.83 -7.36 -4.33
C TYR A 28 3.19 -6.69 -4.57
N ILE A 29 3.33 -5.47 -4.07
CA ILE A 29 4.57 -4.73 -4.23
C ILE A 29 5.47 -4.91 -3.02
N SER A 30 6.66 -4.31 -3.09
CA SER A 30 7.62 -4.41 -1.99
C SER A 30 7.60 -3.14 -1.14
N PHE A 31 8.23 -3.21 0.03
CA PHE A 31 8.28 -2.08 0.94
C PHE A 31 8.69 -0.81 0.21
N ASN A 32 9.86 -0.84 -0.42
CA ASN A 32 10.37 0.30 -1.16
C ASN A 32 9.34 0.79 -2.17
N GLU A 33 8.76 -0.14 -2.93
CA GLU A 33 7.76 0.20 -3.93
C GLU A 33 6.55 0.88 -3.28
N LEU A 34 6.16 0.39 -2.12
CA LEU A 34 5.02 0.95 -1.39
C LEU A 34 5.22 2.43 -1.12
N ASN A 35 6.24 2.74 -0.32
CA ASN A 35 6.54 4.13 0.01
C ASN A 35 6.55 5.01 -1.23
N ASP A 36 7.28 4.57 -2.25
CA ASP A 36 7.36 5.32 -3.51
C ASP A 36 5.99 5.47 -4.15
N LEU A 37 5.15 4.45 -3.99
CA LEU A 37 3.81 4.46 -4.56
C LEU A 37 2.94 5.49 -3.84
N PHE A 38 3.13 5.60 -2.53
CA PHE A 38 2.35 6.55 -1.72
C PHE A 38 2.59 7.98 -2.19
N LYS A 39 3.86 8.35 -2.36
CA LYS A 39 4.22 9.69 -2.79
C LYS A 39 3.96 9.86 -4.29
N ALA A 40 4.13 8.77 -5.04
CA ALA A 40 3.92 8.80 -6.48
C ALA A 40 2.44 8.95 -6.81
N ALA A 41 1.58 8.49 -5.91
CA ALA A 41 0.14 8.57 -6.10
C ALA A 41 -0.41 9.90 -5.58
N CYS A 42 0.50 10.82 -5.27
CA CYS A 42 0.10 12.13 -4.75
C CYS A 42 -0.85 11.99 -3.57
N LEU A 43 -0.43 11.25 -2.56
CA LEU A 43 -1.25 11.03 -1.38
C LEU A 43 -0.99 12.11 -0.32
N PRO A 44 -1.93 12.26 0.63
CA PRO A 44 -1.81 13.25 1.70
C PRO A 44 -0.72 12.89 2.70
N LEU A 45 -0.74 11.65 3.18
CA LEU A 45 0.25 11.18 4.14
C LEU A 45 1.67 11.47 3.65
N PRO A 46 2.55 11.88 4.56
CA PRO A 46 3.95 12.19 4.25
C PRO A 46 4.75 10.94 3.91
N GLY A 47 6.07 11.09 3.87
CA GLY A 47 6.93 9.96 3.56
C GLY A 47 7.19 9.08 4.76
N TYR A 48 7.43 9.69 5.91
CA TYR A 48 7.69 8.95 7.13
C TYR A 48 6.45 8.19 7.59
N ARG A 49 5.30 8.84 7.48
CA ARG A 49 4.04 8.22 7.88
C ARG A 49 3.87 6.85 7.24
N VAL A 50 4.12 6.77 5.94
CA VAL A 50 4.00 5.52 5.20
C VAL A 50 5.05 4.52 5.66
N ARG A 51 6.32 4.89 5.54
CA ARG A 51 7.42 4.02 5.94
C ARG A 51 7.22 3.51 7.37
N GLU A 52 6.66 4.36 8.22
CA GLU A 52 6.41 4.00 9.61
C GLU A 52 5.29 2.96 9.71
N ILE A 53 4.14 3.29 9.15
CA ILE A 53 2.99 2.39 9.18
C ILE A 53 3.38 0.99 8.71
N THR A 54 4.20 0.92 7.68
CA THR A 54 4.66 -0.36 7.15
C THR A 54 5.58 -1.07 8.13
N GLU A 55 6.72 -0.44 8.43
CA GLU A 55 7.69 -1.02 9.35
C GLU A 55 7.02 -1.38 10.68
N ASN A 56 5.94 -0.68 11.01
CA ASN A 56 5.21 -0.93 12.24
C ASN A 56 4.16 -2.03 12.05
N LEU A 57 3.71 -2.18 10.81
CA LEU A 57 2.70 -3.19 10.49
C LEU A 57 3.25 -4.60 10.71
N MET A 58 4.30 -4.94 9.98
CA MET A 58 4.91 -6.26 10.10
C MET A 58 5.71 -6.37 11.40
N ALA A 59 5.95 -5.22 12.02
CA ALA A 59 6.71 -5.19 13.27
C ALA A 59 6.17 -6.21 14.27
N THR A 60 4.89 -6.55 14.11
CA THR A 60 4.26 -7.53 15.00
C THR A 60 3.98 -8.83 14.28
N GLY A 61 3.21 -8.76 13.19
CA GLY A 61 2.89 -9.95 12.43
C GLY A 61 1.87 -9.67 11.34
N ASP A 62 2.03 -8.55 10.64
CA ASP A 62 1.11 -8.18 9.57
C ASP A 62 1.58 -8.76 8.23
N LEU A 63 2.83 -8.49 7.89
CA LEU A 63 3.39 -8.99 6.64
C LEU A 63 4.15 -10.30 6.86
N ASP A 64 3.74 -11.05 7.88
CA ASP A 64 4.39 -12.32 8.20
C ASP A 64 4.12 -13.35 7.11
N GLN A 65 3.20 -13.02 6.20
CA GLN A 65 2.84 -13.92 5.11
C GLN A 65 4.02 -14.13 4.17
N ASP A 66 4.91 -13.13 4.11
CA ASP A 66 6.08 -13.20 3.25
C ASP A 66 6.93 -11.95 3.40
N GLY A 67 6.29 -10.82 3.71
CA GLY A 67 6.99 -9.57 3.87
C GLY A 67 6.64 -8.55 2.81
N ARG A 68 5.95 -9.00 1.77
CA ARG A 68 5.54 -8.12 0.68
C ARG A 68 4.37 -7.24 1.11
N ILE A 69 3.77 -6.57 0.14
CA ILE A 69 2.64 -5.68 0.42
C ILE A 69 1.67 -5.64 -0.77
N SER A 70 0.53 -6.30 -0.61
CA SER A 70 -0.49 -6.35 -1.65
C SER A 70 -1.33 -5.08 -1.64
N PHE A 71 -1.93 -4.77 -2.79
CA PHE A 71 -2.75 -3.58 -2.91
C PHE A 71 -3.72 -3.45 -1.73
N ASP A 72 -4.23 -4.58 -1.28
CA ASP A 72 -5.16 -4.61 -0.16
C ASP A 72 -4.54 -3.91 1.06
N GLU A 73 -3.34 -4.32 1.43
CA GLU A 73 -2.65 -3.73 2.58
C GLU A 73 -2.49 -2.23 2.40
N PHE A 74 -2.04 -1.83 1.21
CA PHE A 74 -1.83 -0.41 0.91
C PHE A 74 -3.10 0.40 1.22
N ILE A 75 -4.22 -0.05 0.70
CA ILE A 75 -5.50 0.62 0.91
C ILE A 75 -5.82 0.73 2.39
N LYS A 76 -5.89 -0.41 3.06
CA LYS A 76 -6.19 -0.44 4.50
C LYS A 76 -5.22 0.45 5.26
N ILE A 77 -4.02 0.63 4.72
CA ILE A 77 -3.01 1.45 5.36
C ILE A 77 -3.24 2.93 5.06
N PHE A 78 -3.69 3.21 3.85
CA PHE A 78 -3.94 4.59 3.44
C PHE A 78 -5.13 5.17 4.20
N HIS A 79 -6.13 4.33 4.47
CA HIS A 79 -7.32 4.75 5.18
C HIS A 79 -7.14 4.56 6.68
N GLY A 80 -6.42 3.52 7.07
CA GLY A 80 -6.19 3.25 8.48
C GLY A 80 -7.48 3.08 9.25
N LEU A 81 -8.37 2.24 8.73
CA LEU A 81 -9.65 1.99 9.38
C LEU A 81 -10.03 0.51 9.29
N LYS A 82 -10.49 -0.05 10.40
CA LYS A 82 -10.90 -1.45 10.44
C LYS A 82 -11.89 -1.77 9.33
N MET A 1 -12.60 -7.61 -8.00
CA MET A 1 -13.59 -7.67 -6.94
C MET A 1 -13.04 -7.12 -5.63
N ALA A 2 -13.89 -6.42 -4.88
CA ALA A 2 -13.48 -5.84 -3.61
C ALA A 2 -14.65 -5.12 -2.93
N ARG A 3 -14.62 -5.09 -1.60
CA ARG A 3 -15.67 -4.43 -0.84
C ARG A 3 -15.09 -3.65 0.33
N GLY A 4 -15.68 -2.49 0.61
CA GLY A 4 -15.20 -1.67 1.71
C GLY A 4 -13.76 -1.26 1.54
N SER A 5 -13.51 -0.25 0.70
CA SER A 5 -12.15 0.22 0.45
C SER A 5 -12.17 1.68 -0.01
N VAL A 6 -11.01 2.15 -0.46
CA VAL A 6 -10.89 3.52 -0.94
C VAL A 6 -11.98 3.86 -1.96
N SER A 7 -12.35 5.13 -2.02
CA SER A 7 -13.38 5.58 -2.95
C SER A 7 -12.99 5.25 -4.39
N ASP A 8 -13.97 5.32 -5.29
CA ASP A 8 -13.73 5.03 -6.70
C ASP A 8 -12.57 5.85 -7.24
N GLU A 9 -12.59 7.15 -6.96
CA GLU A 9 -11.53 8.04 -7.42
C GLU A 9 -10.16 7.50 -7.05
N GLU A 10 -9.93 7.34 -5.75
CA GLU A 10 -8.65 6.83 -5.26
C GLU A 10 -8.39 5.42 -5.79
N MET A 11 -9.31 4.50 -5.49
CA MET A 11 -9.19 3.12 -5.93
C MET A 11 -8.58 3.05 -7.33
N MET A 12 -9.06 3.91 -8.22
CA MET A 12 -8.57 3.95 -9.60
C MET A 12 -7.13 4.46 -9.64
N GLU A 13 -6.90 5.61 -9.02
CA GLU A 13 -5.56 6.20 -8.99
C GLU A 13 -4.58 5.32 -8.23
N LEU A 14 -4.87 5.09 -6.95
CA LEU A 14 -4.02 4.25 -6.12
C LEU A 14 -3.63 2.97 -6.84
N ARG A 15 -4.63 2.28 -7.39
CA ARG A 15 -4.39 1.04 -8.10
C ARG A 15 -3.43 1.25 -9.26
N GLU A 16 -3.67 2.29 -10.04
CA GLU A 16 -2.83 2.61 -11.19
C GLU A 16 -1.36 2.65 -10.79
N ALA A 17 -1.03 3.55 -9.88
CA ALA A 17 0.35 3.69 -9.40
C ALA A 17 0.89 2.36 -8.89
N PHE A 18 0.17 1.75 -7.95
CA PHE A 18 0.58 0.47 -7.39
C PHE A 18 1.10 -0.46 -8.46
N ALA A 19 0.27 -0.70 -9.48
CA ALA A 19 0.65 -1.57 -10.59
C ALA A 19 2.02 -1.20 -11.15
N LYS A 20 2.22 0.09 -11.37
CA LYS A 20 3.49 0.59 -11.91
C LYS A 20 4.65 0.15 -11.02
N VAL A 21 4.37 -0.08 -9.74
CA VAL A 21 5.41 -0.50 -8.80
C VAL A 21 5.19 -1.95 -8.37
N ASP A 22 4.23 -2.61 -9.01
CA ASP A 22 3.92 -4.01 -8.70
C ASP A 22 4.81 -4.95 -9.51
N THR A 23 6.04 -5.15 -9.04
CA THR A 23 6.98 -6.03 -9.72
C THR A 23 6.40 -7.43 -9.90
N ASP A 24 5.76 -7.93 -8.86
CA ASP A 24 5.15 -9.26 -8.90
C ASP A 24 4.07 -9.33 -9.99
N GLY A 25 3.49 -8.18 -10.32
CA GLY A 25 2.45 -8.14 -11.33
C GLY A 25 1.17 -8.81 -10.88
N ASN A 26 1.15 -9.25 -9.63
CA ASN A 26 -0.03 -9.91 -9.08
C ASN A 26 -0.66 -9.08 -7.97
N GLY A 27 -0.37 -7.78 -7.98
CA GLY A 27 -0.92 -6.89 -6.96
C GLY A 27 -0.09 -6.88 -5.69
N TYR A 28 1.21 -7.13 -5.82
CA TYR A 28 2.10 -7.15 -4.68
C TYR A 28 3.28 -6.19 -4.88
N ILE A 29 3.60 -5.43 -3.85
CA ILE A 29 4.71 -4.48 -3.91
C ILE A 29 5.57 -4.57 -2.65
N SER A 30 6.88 -4.38 -2.84
CA SER A 30 7.82 -4.43 -1.72
C SER A 30 7.78 -3.13 -0.92
N PHE A 31 8.39 -3.15 0.26
CA PHE A 31 8.43 -1.97 1.12
C PHE A 31 8.84 -0.74 0.33
N ASN A 32 10.00 -0.79 -0.30
CA ASN A 32 10.50 0.33 -1.09
C ASN A 32 9.46 0.76 -2.13
N GLU A 33 8.90 -0.21 -2.83
CA GLU A 33 7.90 0.07 -3.85
C GLU A 33 6.67 0.78 -3.24
N LEU A 34 6.29 0.35 -2.05
CA LEU A 34 5.15 0.93 -1.35
C LEU A 34 5.36 2.43 -1.15
N ASN A 35 6.39 2.79 -0.42
CA ASN A 35 6.70 4.19 -0.14
C ASN A 35 6.67 5.00 -1.43
N ASP A 36 7.32 4.50 -2.47
CA ASP A 36 7.36 5.18 -3.76
C ASP A 36 5.97 5.32 -4.34
N LEU A 37 5.11 4.33 -4.09
CA LEU A 37 3.75 4.33 -4.60
C LEU A 37 2.92 5.39 -3.88
N PHE A 38 3.19 5.59 -2.60
CA PHE A 38 2.47 6.57 -1.80
C PHE A 38 2.76 7.99 -2.29
N LYS A 39 4.02 8.24 -2.64
CA LYS A 39 4.43 9.55 -3.12
C LYS A 39 4.13 9.71 -4.61
N ALA A 40 4.31 8.62 -5.36
CA ALA A 40 4.05 8.64 -6.79
C ALA A 40 2.57 8.83 -7.08
N ALA A 41 1.73 8.34 -6.19
CA ALA A 41 0.28 8.45 -6.35
C ALA A 41 -0.24 9.76 -5.76
N CYS A 42 0.69 10.64 -5.39
CA CYS A 42 0.32 11.94 -4.82
C CYS A 42 -0.64 11.76 -3.65
N LEU A 43 -0.25 10.94 -2.68
CA LEU A 43 -1.07 10.68 -1.52
C LEU A 43 -0.89 11.77 -0.46
N PRO A 44 -1.90 11.93 0.40
CA PRO A 44 -1.88 12.94 1.46
C PRO A 44 -0.87 12.61 2.56
N LEU A 45 -0.91 11.37 3.04
CA LEU A 45 0.01 10.93 4.07
C LEU A 45 1.45 11.30 3.73
N PRO A 46 2.21 11.71 4.76
CA PRO A 46 3.62 12.10 4.58
C PRO A 46 4.51 10.91 4.28
N GLY A 47 5.82 11.13 4.31
CA GLY A 47 6.77 10.07 4.04
C GLY A 47 7.01 9.18 5.23
N TYR A 48 7.11 9.79 6.41
CA TYR A 48 7.35 9.04 7.64
C TYR A 48 6.14 8.18 8.00
N ARG A 49 4.95 8.72 7.78
CA ARG A 49 3.72 8.00 8.08
C ARG A 49 3.69 6.65 7.37
N VAL A 50 3.94 6.67 6.06
CA VAL A 50 3.95 5.44 5.27
C VAL A 50 5.03 4.49 5.75
N ARG A 51 6.27 4.93 5.70
CA ARG A 51 7.40 4.11 6.12
C ARG A 51 7.17 3.55 7.52
N GLU A 52 6.63 4.38 8.41
CA GLU A 52 6.35 3.96 9.78
C GLU A 52 5.24 2.91 9.82
N ILE A 53 4.12 3.23 9.18
CA ILE A 53 2.98 2.31 9.13
C ILE A 53 3.42 0.93 8.67
N THR A 54 4.26 0.88 7.65
CA THR A 54 4.75 -0.38 7.12
C THR A 54 5.65 -1.10 8.13
N GLU A 55 6.77 -0.46 8.48
CA GLU A 55 7.70 -1.04 9.44
C GLU A 55 7.00 -1.42 10.73
N ASN A 56 5.88 -0.74 11.02
CA ASN A 56 5.11 -1.00 12.23
C ASN A 56 4.10 -2.11 11.99
N LEU A 57 3.69 -2.28 10.74
CA LEU A 57 2.72 -3.31 10.38
C LEU A 57 3.30 -4.71 10.61
N MET A 58 4.38 -5.02 9.90
CA MET A 58 5.02 -6.32 10.03
C MET A 58 5.83 -6.40 11.32
N ALA A 59 6.04 -5.25 11.95
CA ALA A 59 6.79 -5.19 13.20
C ALA A 59 6.30 -6.24 14.19
N THR A 60 5.04 -6.64 14.05
CA THR A 60 4.45 -7.63 14.93
C THR A 60 4.23 -8.96 14.20
N GLY A 61 3.47 -8.91 13.12
CA GLY A 61 3.20 -10.12 12.36
C GLY A 61 2.17 -9.90 11.26
N ASP A 62 2.28 -8.76 10.57
CA ASP A 62 1.35 -8.43 9.50
C ASP A 62 1.84 -8.98 8.17
N LEU A 63 3.08 -8.66 7.82
CA LEU A 63 3.66 -9.12 6.56
C LEU A 63 4.50 -10.38 6.79
N ASP A 64 4.15 -11.14 7.82
CA ASP A 64 4.87 -12.37 8.14
C ASP A 64 4.75 -13.38 7.01
N GLN A 65 3.80 -13.14 6.11
CA GLN A 65 3.59 -14.03 4.97
C GLN A 65 4.83 -14.12 4.10
N ASP A 66 5.60 -13.04 4.05
CA ASP A 66 6.82 -13.00 3.26
C ASP A 66 7.52 -11.65 3.42
N GLY A 67 6.75 -10.62 3.70
CA GLY A 67 7.32 -9.29 3.86
C GLY A 67 6.84 -8.32 2.81
N ARG A 68 6.19 -8.84 1.78
CA ARG A 68 5.70 -8.01 0.68
C ARG A 68 4.51 -7.18 1.15
N ILE A 69 3.87 -6.49 0.20
CA ILE A 69 2.72 -5.64 0.50
C ILE A 69 1.72 -5.64 -0.64
N SER A 70 0.59 -6.30 -0.43
CA SER A 70 -0.45 -6.37 -1.45
C SER A 70 -1.29 -5.10 -1.47
N PHE A 71 -1.91 -4.82 -2.61
CA PHE A 71 -2.74 -3.63 -2.76
C PHE A 71 -3.68 -3.48 -1.57
N ASP A 72 -4.17 -4.61 -1.06
CA ASP A 72 -5.08 -4.60 0.08
C ASP A 72 -4.48 -3.85 1.25
N GLU A 73 -3.29 -4.25 1.66
CA GLU A 73 -2.60 -3.62 2.79
C GLU A 73 -2.47 -2.12 2.56
N PHE A 74 -2.00 -1.75 1.37
CA PHE A 74 -1.82 -0.33 1.02
C PHE A 74 -3.10 0.45 1.29
N ILE A 75 -4.21 -0.03 0.74
CA ILE A 75 -5.50 0.63 0.92
C ILE A 75 -5.83 0.80 2.40
N LYS A 76 -5.81 -0.31 3.13
CA LYS A 76 -6.11 -0.29 4.56
C LYS A 76 -5.30 0.80 5.26
N ILE A 77 -4.06 0.98 4.84
CA ILE A 77 -3.19 1.98 5.43
C ILE A 77 -3.61 3.39 5.01
N PHE A 78 -4.04 3.52 3.77
CA PHE A 78 -4.48 4.81 3.24
C PHE A 78 -5.78 5.25 3.91
N HIS A 79 -6.56 4.28 4.37
CA HIS A 79 -7.84 4.57 5.01
C HIS A 79 -7.64 4.79 6.51
N GLY A 80 -6.70 4.05 7.10
CA GLY A 80 -6.43 4.18 8.52
C GLY A 80 -7.64 3.80 9.37
N LEU A 81 -8.11 2.57 9.19
CA LEU A 81 -9.26 2.08 9.95
C LEU A 81 -9.05 0.64 10.40
N LYS A 82 -9.10 0.42 11.70
CA LYS A 82 -8.91 -0.90 12.27
C LYS A 82 -9.94 -1.88 11.72
N MET A 1 -16.10 -9.83 -8.23
CA MET A 1 -15.43 -9.24 -7.08
C MET A 1 -15.99 -7.87 -6.76
N ALA A 2 -16.63 -7.74 -5.61
CA ALA A 2 -17.21 -6.47 -5.20
C ALA A 2 -17.39 -6.41 -3.68
N ARG A 3 -16.85 -5.38 -3.06
CA ARG A 3 -16.94 -5.21 -1.62
C ARG A 3 -16.41 -3.85 -1.18
N GLY A 4 -16.48 -3.57 0.11
CA GLY A 4 -16.00 -2.30 0.63
C GLY A 4 -14.53 -2.08 0.34
N SER A 5 -14.16 -0.82 0.14
CA SER A 5 -12.77 -0.47 -0.15
C SER A 5 -12.58 1.05 -0.21
N VAL A 6 -11.38 1.47 -0.56
CA VAL A 6 -11.08 2.91 -0.64
C VAL A 6 -12.03 3.61 -1.59
N SER A 7 -12.19 4.91 -1.40
CA SER A 7 -13.07 5.71 -2.25
C SER A 7 -12.82 5.42 -3.72
N ASP A 8 -13.87 5.54 -4.52
CA ASP A 8 -13.78 5.28 -5.96
C ASP A 8 -12.62 6.07 -6.57
N GLU A 9 -12.64 7.39 -6.38
CA GLU A 9 -11.59 8.26 -6.92
C GLU A 9 -10.21 7.69 -6.60
N GLU A 10 -9.92 7.57 -5.31
CA GLU A 10 -8.64 7.05 -4.86
C GLU A 10 -8.36 5.68 -5.47
N MET A 11 -9.28 4.74 -5.25
CA MET A 11 -9.14 3.39 -5.78
C MET A 11 -8.53 3.41 -7.18
N MET A 12 -9.02 4.33 -8.01
CA MET A 12 -8.53 4.45 -9.38
C MET A 12 -7.09 4.96 -9.39
N GLU A 13 -6.82 6.00 -8.62
CA GLU A 13 -5.50 6.58 -8.54
C GLU A 13 -4.52 5.63 -7.86
N LEU A 14 -4.81 5.28 -6.61
CA LEU A 14 -3.96 4.37 -5.85
C LEU A 14 -3.59 3.15 -6.69
N ARG A 15 -4.58 2.54 -7.32
CA ARG A 15 -4.36 1.37 -8.15
C ARG A 15 -3.42 1.69 -9.31
N GLU A 16 -3.69 2.81 -9.98
CA GLU A 16 -2.87 3.23 -11.11
C GLU A 16 -1.39 3.20 -10.76
N ALA A 17 -1.02 3.97 -9.73
CA ALA A 17 0.38 4.03 -9.29
C ALA A 17 0.86 2.66 -8.82
N PHE A 18 0.12 2.06 -7.89
CA PHE A 18 0.48 0.76 -7.36
C PHE A 18 0.96 -0.18 -8.47
N ALA A 19 0.11 -0.36 -9.48
CA ALA A 19 0.45 -1.22 -10.61
C ALA A 19 1.82 -0.87 -11.17
N LYS A 20 2.05 0.43 -11.38
CA LYS A 20 3.33 0.90 -11.92
C LYS A 20 4.49 0.40 -11.08
N VAL A 21 4.24 0.16 -9.80
CA VAL A 21 5.26 -0.32 -8.89
C VAL A 21 5.03 -1.77 -8.50
N ASP A 22 4.02 -2.38 -9.12
CA ASP A 22 3.69 -3.77 -8.84
C ASP A 22 4.09 -4.67 -10.01
N THR A 23 5.30 -4.48 -10.51
CA THR A 23 5.82 -5.27 -11.62
C THR A 23 6.36 -6.61 -11.14
N ASP A 24 6.15 -6.90 -9.87
CA ASP A 24 6.63 -8.16 -9.29
C ASP A 24 5.99 -9.36 -9.98
N GLY A 25 4.89 -9.10 -10.71
CA GLY A 25 4.20 -10.16 -11.41
C GLY A 25 3.47 -11.10 -10.48
N ASN A 26 3.35 -10.69 -9.22
CA ASN A 26 2.66 -11.50 -8.22
C ASN A 26 1.37 -10.82 -7.76
N GLY A 27 1.27 -9.52 -8.02
CA GLY A 27 0.09 -8.77 -7.63
C GLY A 27 0.35 -7.85 -6.45
N TYR A 28 1.39 -8.16 -5.67
CA TYR A 28 1.73 -7.35 -4.51
C TYR A 28 3.09 -6.68 -4.69
N ILE A 29 3.22 -5.48 -4.15
CA ILE A 29 4.47 -4.74 -4.26
C ILE A 29 5.36 -4.97 -3.04
N SER A 30 6.56 -4.40 -3.07
CA SER A 30 7.50 -4.54 -1.98
C SER A 30 7.50 -3.30 -1.09
N PHE A 31 8.08 -3.43 0.11
CA PHE A 31 8.15 -2.32 1.05
C PHE A 31 8.59 -1.04 0.34
N ASN A 32 9.78 -1.09 -0.26
CA ASN A 32 10.32 0.07 -0.97
C ASN A 32 9.33 0.60 -2.00
N GLU A 33 8.75 -0.31 -2.78
CA GLU A 33 7.78 0.06 -3.81
C GLU A 33 6.58 0.77 -3.18
N LEU A 34 6.14 0.28 -2.04
CA LEU A 34 5.00 0.87 -1.33
C LEU A 34 5.24 2.35 -1.06
N ASN A 35 6.27 2.63 -0.26
CA ASN A 35 6.60 4.01 0.08
C ASN A 35 6.66 4.89 -1.16
N ASP A 36 7.33 4.39 -2.20
CA ASP A 36 7.45 5.12 -3.45
C ASP A 36 6.09 5.31 -4.11
N LEU A 37 5.22 4.33 -3.94
CA LEU A 37 3.88 4.38 -4.53
C LEU A 37 3.05 5.48 -3.88
N PHE A 38 3.19 5.62 -2.56
CA PHE A 38 2.46 6.63 -1.82
C PHE A 38 2.85 8.04 -2.27
N LYS A 39 4.15 8.29 -2.36
CA LYS A 39 4.66 9.59 -2.78
C LYS A 39 4.36 9.83 -4.26
N ALA A 40 4.37 8.76 -5.05
CA ALA A 40 4.10 8.86 -6.47
C ALA A 40 2.61 9.03 -6.73
N ALA A 41 1.79 8.54 -5.81
CA ALA A 41 0.34 8.63 -5.94
C ALA A 41 -0.17 9.99 -5.48
N CYS A 42 0.74 10.79 -4.94
CA CYS A 42 0.38 12.13 -4.45
C CYS A 42 -0.59 12.03 -3.27
N LEU A 43 -0.37 11.04 -2.41
CA LEU A 43 -1.23 10.84 -1.25
C LEU A 43 -1.04 11.97 -0.24
N PRO A 44 -2.03 12.13 0.66
CA PRO A 44 -1.99 13.17 1.69
C PRO A 44 -0.95 12.87 2.76
N LEU A 45 -0.73 11.59 3.04
CA LEU A 45 0.25 11.17 4.04
C LEU A 45 1.67 11.47 3.57
N PRO A 46 2.53 11.88 4.51
CA PRO A 46 3.93 12.19 4.22
C PRO A 46 4.75 10.95 3.87
N GLY A 47 6.07 11.11 3.80
CA GLY A 47 6.93 10.00 3.49
C GLY A 47 7.23 9.12 4.69
N TYR A 48 7.42 9.76 5.84
CA TYR A 48 7.71 9.04 7.07
C TYR A 48 6.49 8.25 7.55
N ARG A 49 5.31 8.84 7.36
CA ARG A 49 4.07 8.20 7.77
C ARG A 49 3.93 6.82 7.13
N VAL A 50 4.05 6.77 5.81
CA VAL A 50 3.95 5.51 5.08
C VAL A 50 5.05 4.54 5.48
N ARG A 51 6.29 5.02 5.44
CA ARG A 51 7.44 4.20 5.80
C ARG A 51 7.27 3.62 7.21
N GLU A 52 6.84 4.46 8.14
CA GLU A 52 6.64 4.03 9.52
C GLU A 52 5.47 3.06 9.63
N ILE A 53 4.35 3.41 8.99
CA ILE A 53 3.16 2.58 9.01
C ILE A 53 3.49 1.15 8.62
N THR A 54 4.31 0.99 7.59
CA THR A 54 4.71 -0.33 7.11
C THR A 54 5.68 -1.00 8.09
N GLU A 55 6.81 -0.33 8.32
CA GLU A 55 7.82 -0.86 9.22
C GLU A 55 7.20 -1.25 10.57
N ASN A 56 6.19 -0.48 10.98
CA ASN A 56 5.52 -0.75 12.26
C ASN A 56 4.38 -1.75 12.07
N LEU A 57 3.90 -1.86 10.84
CA LEU A 57 2.81 -2.78 10.52
C LEU A 57 3.23 -4.23 10.76
N MET A 58 4.26 -4.67 10.03
CA MET A 58 4.76 -6.03 10.16
C MET A 58 5.73 -6.14 11.34
N ALA A 59 6.07 -4.99 11.92
CA ALA A 59 6.99 -4.95 13.05
C ALA A 59 6.62 -6.00 14.09
N THR A 60 5.34 -6.35 14.14
CA THR A 60 4.85 -7.34 15.09
C THR A 60 4.56 -8.67 14.40
N GLY A 61 3.68 -8.63 13.41
CA GLY A 61 3.32 -9.84 12.68
C GLY A 61 2.18 -9.61 11.71
N ASP A 62 2.25 -8.51 10.96
CA ASP A 62 1.21 -8.18 9.98
C ASP A 62 1.55 -8.75 8.62
N LEU A 63 2.74 -8.41 8.11
CA LEU A 63 3.18 -8.89 6.81
C LEU A 63 4.05 -10.13 6.96
N ASP A 64 3.97 -10.77 8.12
CA ASP A 64 4.74 -11.97 8.39
C ASP A 64 4.42 -13.07 7.36
N GLN A 65 3.29 -12.92 6.69
CA GLN A 65 2.88 -13.89 5.69
C GLN A 65 3.98 -14.14 4.67
N ASP A 66 4.78 -13.10 4.40
CA ASP A 66 5.87 -13.20 3.45
C ASP A 66 6.74 -11.95 3.49
N GLY A 67 6.12 -10.81 3.76
CA GLY A 67 6.86 -9.56 3.83
C GLY A 67 6.45 -8.59 2.73
N ARG A 68 5.77 -9.11 1.72
CA ARG A 68 5.33 -8.27 0.60
C ARG A 68 4.16 -7.38 1.01
N ILE A 69 3.57 -6.70 0.04
CA ILE A 69 2.45 -5.81 0.30
C ILE A 69 1.50 -5.76 -0.89
N SER A 70 0.36 -6.42 -0.75
CA SER A 70 -0.63 -6.46 -1.82
C SER A 70 -1.51 -5.21 -1.79
N PHE A 71 -2.08 -4.86 -2.94
CA PHE A 71 -2.93 -3.68 -3.04
C PHE A 71 -3.94 -3.64 -1.90
N ASP A 72 -4.38 -4.81 -1.47
CA ASP A 72 -5.34 -4.91 -0.37
C ASP A 72 -4.82 -4.19 0.87
N GLU A 73 -3.65 -4.59 1.33
CA GLU A 73 -3.04 -3.99 2.52
C GLU A 73 -2.88 -2.48 2.34
N PHE A 74 -2.36 -2.08 1.18
CA PHE A 74 -2.14 -0.66 0.89
C PHE A 74 -3.44 0.12 1.10
N ILE A 75 -4.53 -0.37 0.52
CA ILE A 75 -5.82 0.28 0.63
C ILE A 75 -6.24 0.43 2.10
N LYS A 76 -6.37 -0.71 2.77
CA LYS A 76 -6.77 -0.71 4.18
C LYS A 76 -5.85 0.20 5.00
N ILE A 77 -4.57 0.19 4.68
CA ILE A 77 -3.60 1.03 5.38
C ILE A 77 -3.88 2.51 5.15
N PHE A 78 -4.29 2.85 3.93
CA PHE A 78 -4.59 4.23 3.57
C PHE A 78 -5.80 4.73 4.34
N HIS A 79 -6.91 3.99 4.25
CA HIS A 79 -8.14 4.37 4.93
C HIS A 79 -7.92 4.40 6.44
N GLY A 80 -7.09 3.51 6.95
CA GLY A 80 -6.82 3.46 8.37
C GLY A 80 -7.77 2.54 9.11
N LEU A 81 -9.06 2.85 9.05
CA LEU A 81 -10.08 2.05 9.71
C LEU A 81 -11.30 1.84 8.80
N LYS A 82 -11.43 0.62 8.28
CA LYS A 82 -12.54 0.30 7.40
C LYS A 82 -12.84 1.43 6.44
N MET A 1 -9.76 -12.41 -0.11
CA MET A 1 -9.15 -11.40 0.74
C MET A 1 -10.14 -10.29 1.07
N ALA A 2 -10.21 -9.91 2.34
CA ALA A 2 -11.13 -8.87 2.77
C ALA A 2 -10.39 -7.82 3.60
N ARG A 3 -10.39 -6.58 3.11
CA ARG A 3 -9.73 -5.48 3.81
C ARG A 3 -10.40 -4.15 3.50
N GLY A 4 -9.83 -3.07 4.02
CA GLY A 4 -10.39 -1.75 3.79
C GLY A 4 -10.63 -1.48 2.32
N SER A 5 -11.30 -0.36 2.03
CA SER A 5 -11.60 0.01 0.66
C SER A 5 -11.49 1.52 0.47
N VAL A 6 -11.24 1.94 -0.78
CA VAL A 6 -11.11 3.35 -1.08
C VAL A 6 -12.16 3.79 -2.11
N SER A 7 -12.52 5.07 -2.06
CA SER A 7 -13.51 5.62 -2.98
C SER A 7 -13.10 5.40 -4.42
N ASP A 8 -14.05 5.57 -5.34
CA ASP A 8 -13.78 5.39 -6.76
C ASP A 8 -12.58 6.22 -7.20
N GLU A 9 -12.56 7.49 -6.80
CA GLU A 9 -11.47 8.38 -7.16
C GLU A 9 -10.11 7.77 -6.78
N GLU A 10 -9.94 7.51 -5.49
CA GLU A 10 -8.70 6.93 -4.99
C GLU A 10 -8.46 5.55 -5.60
N MET A 11 -9.40 4.64 -5.36
CA MET A 11 -9.30 3.28 -5.87
C MET A 11 -8.69 3.28 -7.27
N MET A 12 -9.14 4.20 -8.12
CA MET A 12 -8.63 4.30 -9.48
C MET A 12 -7.18 4.78 -9.49
N GLU A 13 -6.93 5.87 -8.76
CA GLU A 13 -5.58 6.44 -8.69
C GLU A 13 -4.64 5.49 -7.95
N LEU A 14 -4.94 5.22 -6.69
CA LEU A 14 -4.12 4.33 -5.87
C LEU A 14 -3.76 3.07 -6.64
N ARG A 15 -4.75 2.45 -7.28
CA ARG A 15 -4.52 1.24 -8.05
C ARG A 15 -3.58 1.50 -9.23
N GLU A 16 -3.82 2.59 -9.95
CA GLU A 16 -3.00 2.96 -11.09
C GLU A 16 -1.52 2.95 -10.71
N ALA A 17 -1.17 3.79 -9.74
CA ALA A 17 0.22 3.89 -9.29
C ALA A 17 0.73 2.54 -8.79
N PHE A 18 0.01 1.95 -7.84
CA PHE A 18 0.39 0.66 -7.28
C PHE A 18 0.88 -0.28 -8.38
N ALA A 19 0.03 -0.50 -9.37
CA ALA A 19 0.36 -1.38 -10.49
C ALA A 19 1.72 -1.02 -11.08
N LYS A 20 1.94 0.27 -11.31
CA LYS A 20 3.20 0.75 -11.88
C LYS A 20 4.38 0.28 -11.03
N VAL A 21 4.14 0.08 -9.75
CA VAL A 21 5.18 -0.36 -8.83
C VAL A 21 4.97 -1.81 -8.41
N ASP A 22 3.97 -2.45 -9.01
CA ASP A 22 3.67 -3.84 -8.71
C ASP A 22 4.03 -4.75 -9.88
N THR A 23 5.23 -4.55 -10.43
CA THR A 23 5.71 -5.35 -11.55
C THR A 23 6.28 -6.69 -11.07
N ASP A 24 6.15 -6.95 -9.78
CA ASP A 24 6.65 -8.19 -9.20
C ASP A 24 5.93 -9.40 -9.80
N GLY A 25 4.80 -9.14 -10.46
CA GLY A 25 4.04 -10.22 -11.07
C GLY A 25 3.44 -11.16 -10.04
N ASN A 26 3.37 -10.70 -8.80
CA ASN A 26 2.82 -11.51 -7.72
C ASN A 26 1.52 -10.89 -7.18
N GLY A 27 1.32 -9.61 -7.46
CA GLY A 27 0.12 -8.93 -7.00
C GLY A 27 0.41 -7.94 -5.89
N TYR A 28 1.51 -8.16 -5.17
CA TYR A 28 1.89 -7.28 -4.07
C TYR A 28 3.21 -6.58 -4.36
N ILE A 29 3.38 -5.40 -3.79
CA ILE A 29 4.60 -4.62 -3.99
C ILE A 29 5.49 -4.67 -2.76
N SER A 30 6.79 -4.52 -2.96
CA SER A 30 7.75 -4.55 -1.88
C SER A 30 7.66 -3.28 -1.03
N PHE A 31 8.24 -3.33 0.17
CA PHE A 31 8.22 -2.18 1.07
C PHE A 31 8.63 -0.90 0.34
N ASN A 32 9.82 -0.91 -0.24
CA ASN A 32 10.32 0.25 -0.96
C ASN A 32 9.31 0.72 -2.01
N GLU A 33 8.75 -0.23 -2.75
CA GLU A 33 7.78 0.09 -3.78
C GLU A 33 6.56 0.80 -3.18
N LEU A 34 6.13 0.32 -2.01
CA LEU A 34 4.97 0.90 -1.33
C LEU A 34 5.19 2.39 -1.08
N ASN A 35 6.20 2.71 -0.28
CA ASN A 35 6.51 4.10 0.04
C ASN A 35 6.54 4.96 -1.22
N ASP A 36 7.23 4.47 -2.25
CA ASP A 36 7.33 5.19 -3.52
C ASP A 36 5.96 5.36 -4.15
N LEU A 37 5.11 4.35 -4.01
CA LEU A 37 3.76 4.39 -4.57
C LEU A 37 2.93 5.49 -3.91
N PHE A 38 3.06 5.61 -2.60
CA PHE A 38 2.32 6.61 -1.84
C PHE A 38 2.59 8.01 -2.39
N LYS A 39 3.86 8.38 -2.46
CA LYS A 39 4.26 9.69 -2.96
C LYS A 39 4.02 9.79 -4.46
N ALA A 40 4.18 8.67 -5.16
CA ALA A 40 3.97 8.63 -6.60
C ALA A 40 2.51 8.85 -6.95
N ALA A 41 1.62 8.45 -6.04
CA ALA A 41 0.19 8.61 -6.26
C ALA A 41 -0.32 9.88 -5.60
N CYS A 42 0.58 10.80 -5.30
CA CYS A 42 0.22 12.06 -4.67
C CYS A 42 -0.62 11.83 -3.43
N LEU A 43 -0.08 11.06 -2.49
CA LEU A 43 -0.78 10.76 -1.24
C LEU A 43 -0.64 11.91 -0.24
N PRO A 44 -1.63 12.04 0.64
CA PRO A 44 -1.65 13.09 1.67
C PRO A 44 -0.58 12.86 2.74
N LEU A 45 -0.49 11.62 3.22
CA LEU A 45 0.49 11.27 4.25
C LEU A 45 1.91 11.53 3.76
N PRO A 46 2.79 11.94 4.70
CA PRO A 46 4.19 12.22 4.39
C PRO A 46 4.98 10.96 4.04
N GLY A 47 6.29 11.09 3.99
CA GLY A 47 7.14 9.96 3.67
C GLY A 47 7.39 9.07 4.88
N TYR A 48 7.61 9.68 6.03
CA TYR A 48 7.87 8.94 7.25
C TYR A 48 6.62 8.19 7.71
N ARG A 49 5.46 8.81 7.52
CA ARG A 49 4.20 8.20 7.91
C ARG A 49 4.01 6.84 7.24
N VAL A 50 4.17 6.82 5.92
CA VAL A 50 4.03 5.57 5.17
C VAL A 50 5.07 4.55 5.57
N ARG A 51 6.33 4.93 5.49
CA ARG A 51 7.44 4.05 5.86
C ARG A 51 7.25 3.51 7.28
N GLU A 52 6.79 4.38 8.17
CA GLU A 52 6.57 4.00 9.56
C GLU A 52 5.39 3.03 9.68
N ILE A 53 4.26 3.42 9.10
CA ILE A 53 3.06 2.59 9.15
C ILE A 53 3.37 1.16 8.73
N THR A 54 4.14 1.02 7.65
CA THR A 54 4.51 -0.30 7.15
C THR A 54 5.45 -1.02 8.11
N GLU A 55 6.58 -0.40 8.42
CA GLU A 55 7.55 -0.98 9.32
C GLU A 55 6.90 -1.36 10.65
N ASN A 56 5.85 -0.64 11.01
CA ASN A 56 5.13 -0.90 12.26
C ASN A 56 4.05 -1.96 12.05
N LEU A 57 3.57 -2.07 10.82
CA LEU A 57 2.53 -3.04 10.48
C LEU A 57 3.04 -4.47 10.69
N MET A 58 4.07 -4.83 9.95
CA MET A 58 4.66 -6.16 10.05
C MET A 58 5.45 -6.31 11.35
N ALA A 59 5.62 -5.21 12.06
CA ALA A 59 6.35 -5.22 13.32
C ALA A 59 5.85 -6.34 14.23
N THR A 60 4.61 -6.76 14.03
CA THR A 60 4.02 -7.83 14.82
C THR A 60 3.87 -9.11 14.01
N GLY A 61 3.92 -8.97 12.68
CA GLY A 61 3.80 -10.13 11.82
C GLY A 61 2.71 -9.94 10.77
N ASP A 62 2.36 -8.69 10.51
CA ASP A 62 1.33 -8.39 9.52
C ASP A 62 1.77 -8.80 8.13
N LEU A 63 2.95 -8.31 7.71
CA LEU A 63 3.49 -8.64 6.39
C LEU A 63 4.41 -9.84 6.47
N ASP A 64 4.67 -10.32 7.69
CA ASP A 64 5.54 -11.47 7.89
C ASP A 64 5.12 -12.64 7.01
N GLN A 65 3.85 -12.63 6.59
CA GLN A 65 3.33 -13.69 5.74
C GLN A 65 4.28 -14.00 4.58
N ASP A 66 4.67 -12.95 3.86
CA ASP A 66 5.58 -13.12 2.72
C ASP A 66 6.62 -12.00 2.72
N GLY A 67 6.27 -10.85 3.28
CA GLY A 67 7.19 -9.73 3.33
C GLY A 67 6.71 -8.56 2.49
N ARG A 68 6.11 -8.86 1.34
CA ARG A 68 5.61 -7.83 0.45
C ARG A 68 4.30 -7.24 0.97
N ILE A 69 3.67 -6.39 0.16
CA ILE A 69 2.41 -5.77 0.54
C ILE A 69 1.44 -5.73 -0.64
N SER A 70 0.31 -6.41 -0.49
CA SER A 70 -0.70 -6.45 -1.55
C SER A 70 -1.53 -5.17 -1.56
N PHE A 71 -2.08 -4.84 -2.72
CA PHE A 71 -2.90 -3.63 -2.86
C PHE A 71 -3.88 -3.51 -1.70
N ASP A 72 -4.44 -4.64 -1.27
CA ASP A 72 -5.39 -4.65 -0.17
C ASP A 72 -4.81 -3.95 1.06
N GLU A 73 -3.63 -4.37 1.47
CA GLU A 73 -2.97 -3.79 2.63
C GLU A 73 -2.79 -2.28 2.45
N PHE A 74 -2.37 -1.88 1.26
CA PHE A 74 -2.16 -0.47 0.95
C PHE A 74 -3.41 0.34 1.22
N ILE A 75 -4.54 -0.14 0.70
CA ILE A 75 -5.82 0.54 0.88
C ILE A 75 -6.17 0.66 2.36
N LYS A 76 -6.24 -0.48 3.04
CA LYS A 76 -6.56 -0.50 4.46
C LYS A 76 -5.65 0.44 5.24
N ILE A 77 -4.41 0.56 4.80
CA ILE A 77 -3.44 1.42 5.46
C ILE A 77 -3.73 2.90 5.17
N PHE A 78 -4.13 3.18 3.93
CA PHE A 78 -4.45 4.55 3.54
C PHE A 78 -5.66 5.07 4.31
N HIS A 79 -6.64 4.21 4.52
CA HIS A 79 -7.85 4.58 5.24
C HIS A 79 -7.61 4.57 6.75
N GLY A 80 -6.78 3.63 7.19
CA GLY A 80 -6.48 3.52 8.61
C GLY A 80 -7.73 3.31 9.45
N LEU A 81 -8.79 2.81 8.82
CA LEU A 81 -10.05 2.58 9.52
C LEU A 81 -10.63 1.21 9.13
N LYS A 82 -11.01 0.44 10.14
CA LYS A 82 -11.59 -0.89 9.92
C LYS A 82 -13.09 -0.87 10.18
N MET A 1 -15.26 -6.47 -8.01
CA MET A 1 -15.04 -7.45 -6.95
C MET A 1 -14.38 -6.81 -5.74
N ALA A 2 -15.19 -6.16 -4.90
CA ALA A 2 -14.67 -5.50 -3.71
C ALA A 2 -15.81 -5.02 -2.82
N ARG A 3 -15.46 -4.46 -1.66
CA ARG A 3 -16.45 -3.95 -0.73
C ARG A 3 -15.79 -3.25 0.45
N GLY A 4 -16.34 -2.10 0.84
CA GLY A 4 -15.77 -1.35 1.94
C GLY A 4 -14.30 -1.06 1.76
N SER A 5 -13.98 -0.09 0.90
CA SER A 5 -12.59 0.27 0.63
C SER A 5 -12.51 1.68 0.06
N VAL A 6 -11.33 2.04 -0.43
CA VAL A 6 -11.11 3.36 -1.01
C VAL A 6 -12.18 3.69 -2.05
N SER A 7 -12.44 4.98 -2.23
CA SER A 7 -13.44 5.43 -3.19
C SER A 7 -12.97 5.18 -4.62
N ASP A 8 -13.87 5.40 -5.57
CA ASP A 8 -13.55 5.21 -6.98
C ASP A 8 -12.35 6.06 -7.39
N GLU A 9 -12.37 7.32 -6.99
CA GLU A 9 -11.28 8.24 -7.32
C GLU A 9 -9.94 7.66 -6.91
N GLU A 10 -9.78 7.41 -5.61
CA GLU A 10 -8.54 6.85 -5.09
C GLU A 10 -8.29 5.46 -5.65
N MET A 11 -9.19 4.53 -5.35
CA MET A 11 -9.06 3.16 -5.83
C MET A 11 -8.48 3.13 -7.24
N MET A 12 -8.97 4.03 -8.10
CA MET A 12 -8.50 4.10 -9.48
C MET A 12 -7.06 4.59 -9.54
N GLU A 13 -6.78 5.69 -8.85
CA GLU A 13 -5.43 6.25 -8.83
C GLU A 13 -4.47 5.33 -8.09
N LEU A 14 -4.76 5.08 -6.82
CA LEU A 14 -3.92 4.21 -6.00
C LEU A 14 -3.55 2.93 -6.75
N ARG A 15 -4.55 2.30 -7.35
CA ARG A 15 -4.34 1.08 -8.10
C ARG A 15 -3.40 1.31 -9.28
N GLU A 16 -3.66 2.37 -10.04
CA GLU A 16 -2.82 2.71 -11.19
C GLU A 16 -1.35 2.72 -10.80
N ALA A 17 -1.00 3.60 -9.86
CA ALA A 17 0.38 3.71 -9.40
C ALA A 17 0.90 2.37 -8.89
N PHE A 18 0.18 1.78 -7.94
CA PHE A 18 0.58 0.50 -7.37
C PHE A 18 1.07 -0.45 -8.45
N ALA A 19 0.25 -0.68 -9.46
CA ALA A 19 0.61 -1.57 -10.56
C ALA A 19 1.97 -1.20 -11.13
N LYS A 20 2.20 0.08 -11.36
CA LYS A 20 3.47 0.56 -11.90
C LYS A 20 4.63 0.11 -11.03
N VAL A 21 4.36 -0.11 -9.74
CA VAL A 21 5.39 -0.54 -8.80
C VAL A 21 5.17 -1.99 -8.39
N ASP A 22 4.20 -2.64 -9.02
CA ASP A 22 3.90 -4.04 -8.71
C ASP A 22 4.79 -4.98 -9.52
N THR A 23 6.02 -5.15 -9.04
CA THR A 23 6.99 -6.02 -9.71
C THR A 23 6.43 -7.43 -9.88
N ASP A 24 5.77 -7.93 -8.85
CA ASP A 24 5.18 -9.26 -8.89
C ASP A 24 4.12 -9.36 -9.98
N GLY A 25 3.53 -8.23 -10.33
CA GLY A 25 2.51 -8.21 -11.37
C GLY A 25 1.23 -8.87 -10.92
N ASN A 26 1.18 -9.29 -9.66
CA ASN A 26 0.00 -9.96 -9.12
C ASN A 26 -0.65 -9.11 -8.03
N GLY A 27 -0.36 -7.81 -8.05
CA GLY A 27 -0.92 -6.91 -7.06
C GLY A 27 -0.12 -6.89 -5.77
N TYR A 28 1.19 -7.12 -5.89
CA TYR A 28 2.06 -7.13 -4.73
C TYR A 28 3.23 -6.16 -4.92
N ILE A 29 3.56 -5.44 -3.85
CA ILE A 29 4.65 -4.47 -3.89
C ILE A 29 5.53 -4.58 -2.65
N SER A 30 6.83 -4.37 -2.83
CA SER A 30 7.77 -4.44 -1.72
C SER A 30 7.72 -3.17 -0.88
N PHE A 31 8.29 -3.23 0.32
CA PHE A 31 8.31 -2.08 1.22
C PHE A 31 8.71 -0.81 0.47
N ASN A 32 9.89 -0.84 -0.14
CA ASN A 32 10.38 0.31 -0.88
C ASN A 32 9.37 0.76 -1.93
N GLU A 33 8.83 -0.20 -2.68
CA GLU A 33 7.85 0.11 -3.71
C GLU A 33 6.63 0.80 -3.11
N LEU A 34 6.22 0.33 -1.95
CA LEU A 34 5.06 0.91 -1.27
C LEU A 34 5.24 2.41 -1.04
N ASN A 35 6.24 2.75 -0.23
CA ASN A 35 6.53 4.15 0.07
C ASN A 35 6.55 4.99 -1.21
N ASP A 36 7.24 4.49 -2.22
CA ASP A 36 7.34 5.19 -3.50
C ASP A 36 5.97 5.33 -4.15
N LEU A 37 5.14 4.29 -4.02
CA LEU A 37 3.80 4.31 -4.58
C LEU A 37 2.95 5.40 -3.94
N PHE A 38 3.07 5.53 -2.62
CA PHE A 38 2.31 6.53 -1.88
C PHE A 38 2.56 7.93 -2.44
N LYS A 39 3.83 8.32 -2.49
CA LYS A 39 4.21 9.63 -2.99
C LYS A 39 3.97 9.73 -4.49
N ALA A 40 4.23 8.63 -5.20
CA ALA A 40 4.04 8.59 -6.64
C ALA A 40 2.57 8.80 -7.01
N ALA A 41 1.68 8.38 -6.14
CA ALA A 41 0.25 8.53 -6.37
C ALA A 41 -0.28 9.80 -5.71
N CYS A 42 0.62 10.72 -5.40
CA CYS A 42 0.25 11.97 -4.77
C CYS A 42 -0.62 11.72 -3.53
N LEU A 43 -0.08 10.98 -2.58
CA LEU A 43 -0.80 10.67 -1.35
C LEU A 43 -0.71 11.82 -0.35
N PRO A 44 -1.72 11.95 0.52
CA PRO A 44 -1.77 12.99 1.54
C PRO A 44 -0.74 12.77 2.64
N LEU A 45 -0.67 11.55 3.14
CA LEU A 45 0.28 11.21 4.21
C LEU A 45 1.71 11.51 3.77
N PRO A 46 2.55 11.92 4.73
CA PRO A 46 3.96 12.25 4.47
C PRO A 46 4.78 11.01 4.14
N GLY A 47 6.10 11.17 4.13
CA GLY A 47 6.98 10.06 3.82
C GLY A 47 7.22 9.17 5.03
N TYR A 48 7.38 9.78 6.19
CA TYR A 48 7.61 9.04 7.42
C TYR A 48 6.37 8.25 7.83
N ARG A 49 5.21 8.84 7.61
CA ARG A 49 3.94 8.20 7.95
C ARG A 49 3.83 6.84 7.28
N VAL A 50 4.04 6.81 5.97
CA VAL A 50 3.95 5.57 5.20
C VAL A 50 5.03 4.58 5.64
N ARG A 51 6.28 5.02 5.58
CA ARG A 51 7.40 4.16 5.97
C ARG A 51 7.20 3.62 7.39
N GLU A 52 6.64 4.45 8.26
CA GLU A 52 6.40 4.05 9.64
C GLU A 52 5.27 3.03 9.72
N ILE A 53 4.13 3.37 9.13
CA ILE A 53 2.98 2.48 9.13
C ILE A 53 3.36 1.07 8.70
N THR A 54 4.23 0.99 7.70
CA THR A 54 4.68 -0.31 7.18
C THR A 54 5.62 -0.99 8.17
N GLU A 55 6.72 -0.31 8.50
CA GLU A 55 7.70 -0.85 9.42
C GLU A 55 7.03 -1.30 10.72
N ASN A 56 5.99 -0.59 11.12
CA ASN A 56 5.25 -0.92 12.34
C ASN A 56 4.16 -1.94 12.06
N LEU A 57 3.73 -2.01 10.80
CA LEU A 57 2.69 -2.95 10.40
C LEU A 57 3.14 -4.39 10.61
N MET A 58 4.22 -4.77 9.93
CA MET A 58 4.75 -6.12 10.05
C MET A 58 5.66 -6.24 11.26
N ALA A 59 5.95 -5.12 11.91
CA ALA A 59 6.80 -5.10 13.09
C ALA A 59 6.40 -6.20 14.08
N THR A 60 5.12 -6.59 14.02
CA THR A 60 4.62 -7.63 14.91
C THR A 60 4.41 -8.94 14.16
N GLY A 61 3.58 -8.89 13.11
CA GLY A 61 3.32 -10.08 12.32
C GLY A 61 2.24 -9.86 11.29
N ASP A 62 2.31 -8.74 10.59
CA ASP A 62 1.33 -8.40 9.56
C ASP A 62 1.78 -8.90 8.19
N LEU A 63 2.99 -8.50 7.80
CA LEU A 63 3.55 -8.91 6.51
C LEU A 63 4.49 -10.09 6.67
N ASP A 64 4.39 -10.78 7.80
CA ASP A 64 5.23 -11.93 8.08
C ASP A 64 5.05 -13.01 7.01
N GLN A 65 3.94 -12.92 6.27
CA GLN A 65 3.65 -13.88 5.22
C GLN A 65 4.84 -14.06 4.29
N ASP A 66 5.63 -13.00 4.14
CA ASP A 66 6.81 -13.04 3.28
C ASP A 66 7.56 -11.71 3.33
N GLY A 67 6.84 -10.64 3.63
CA GLY A 67 7.46 -9.33 3.71
C GLY A 67 6.95 -8.38 2.64
N ARG A 68 6.19 -8.92 1.70
CA ARG A 68 5.65 -8.11 0.61
C ARG A 68 4.41 -7.34 1.07
N ILE A 69 3.81 -6.58 0.16
CA ILE A 69 2.62 -5.80 0.48
C ILE A 69 1.65 -5.77 -0.70
N SER A 70 0.54 -6.48 -0.55
CA SER A 70 -0.48 -6.54 -1.60
C SER A 70 -1.33 -5.28 -1.60
N PHE A 71 -1.92 -4.97 -2.75
CA PHE A 71 -2.77 -3.79 -2.90
C PHE A 71 -3.75 -3.69 -1.75
N ASP A 72 -4.28 -4.82 -1.31
CA ASP A 72 -5.24 -4.86 -0.22
C ASP A 72 -4.68 -4.14 1.01
N GLU A 73 -3.50 -4.54 1.45
CA GLU A 73 -2.86 -3.93 2.60
C GLU A 73 -2.72 -2.42 2.42
N PHE A 74 -2.28 -2.02 1.22
CA PHE A 74 -2.09 -0.61 0.91
C PHE A 74 -3.38 0.17 1.14
N ILE A 75 -4.49 -0.38 0.64
CA ILE A 75 -5.79 0.28 0.78
C ILE A 75 -6.15 0.45 2.25
N LYS A 76 -6.16 -0.65 3.00
CA LYS A 76 -6.49 -0.61 4.41
C LYS A 76 -5.63 0.41 5.14
N ILE A 77 -4.35 0.47 4.78
CA ILE A 77 -3.42 1.41 5.41
C ILE A 77 -3.83 2.86 5.11
N PHE A 78 -4.18 3.12 3.85
CA PHE A 78 -4.58 4.46 3.44
C PHE A 78 -5.84 4.89 4.17
N HIS A 79 -6.73 3.94 4.44
CA HIS A 79 -7.98 4.23 5.13
C HIS A 79 -7.74 4.46 6.62
N GLY A 80 -6.77 3.75 7.18
CA GLY A 80 -6.45 3.89 8.59
C GLY A 80 -7.62 3.57 9.48
N LEU A 81 -8.17 2.37 9.33
CA LEU A 81 -9.31 1.94 10.13
C LEU A 81 -9.17 0.48 10.53
N LYS A 82 -9.42 0.18 11.80
CA LYS A 82 -9.32 -1.18 12.32
C LYS A 82 -10.70 -1.70 12.74
N MET A 1 -5.42 -10.91 -5.94
CA MET A 1 -6.76 -10.43 -6.26
C MET A 1 -7.57 -10.19 -4.98
N ALA A 2 -7.90 -8.93 -4.73
CA ALA A 2 -8.67 -8.56 -3.55
C ALA A 2 -9.66 -7.45 -3.86
N ARG A 3 -10.32 -6.95 -2.83
CA ARG A 3 -11.30 -5.88 -2.99
C ARG A 3 -10.71 -4.53 -2.57
N GLY A 4 -10.60 -4.34 -1.25
CA GLY A 4 -10.06 -3.09 -0.73
C GLY A 4 -11.13 -2.09 -0.40
N SER A 5 -10.89 -1.29 0.64
CA SER A 5 -11.85 -0.28 1.06
C SER A 5 -11.30 1.13 0.85
N VAL A 6 -11.77 1.80 -0.19
CA VAL A 6 -11.33 3.15 -0.51
C VAL A 6 -12.27 3.82 -1.51
N SER A 7 -12.34 5.15 -1.45
CA SER A 7 -13.20 5.91 -2.34
C SER A 7 -12.91 5.57 -3.80
N ASP A 8 -13.95 5.62 -4.63
CA ASP A 8 -13.81 5.32 -6.05
C ASP A 8 -12.64 6.09 -6.65
N GLU A 9 -12.63 7.40 -6.45
CA GLU A 9 -11.58 8.25 -6.98
C GLU A 9 -10.20 7.67 -6.65
N GLU A 10 -9.93 7.53 -5.36
CA GLU A 10 -8.64 6.99 -4.91
C GLU A 10 -8.39 5.60 -5.51
N MET A 11 -9.33 4.69 -5.26
CA MET A 11 -9.21 3.33 -5.77
C MET A 11 -8.62 3.32 -7.18
N MET A 12 -9.10 4.22 -8.02
CA MET A 12 -8.62 4.32 -9.40
C MET A 12 -7.18 4.82 -9.42
N GLU A 13 -6.91 5.89 -8.68
CA GLU A 13 -5.57 6.47 -8.63
C GLU A 13 -4.60 5.52 -7.94
N LEU A 14 -4.88 5.21 -6.68
CA LEU A 14 -4.03 4.31 -5.89
C LEU A 14 -3.67 3.07 -6.70
N ARG A 15 -4.68 2.46 -7.32
CA ARG A 15 -4.47 1.26 -8.11
C ARG A 15 -3.54 1.55 -9.29
N GLU A 16 -3.81 2.63 -10.00
CA GLU A 16 -3.00 3.02 -11.15
C GLU A 16 -1.52 3.02 -10.80
N ALA A 17 -1.15 3.81 -9.79
CA ALA A 17 0.23 3.90 -9.36
C ALA A 17 0.74 2.54 -8.86
N PHE A 18 0.02 1.96 -7.91
CA PHE A 18 0.39 0.67 -7.35
C PHE A 18 0.87 -0.28 -8.44
N ALA A 19 0.01 -0.50 -9.43
CA ALA A 19 0.34 -1.39 -10.54
C ALA A 19 1.70 -1.04 -11.15
N LYS A 20 1.91 0.25 -11.38
CA LYS A 20 3.17 0.72 -11.95
C LYS A 20 4.36 0.26 -11.12
N VAL A 21 4.13 0.08 -9.81
CA VAL A 21 5.18 -0.35 -8.91
C VAL A 21 4.96 -1.79 -8.47
N ASP A 22 3.96 -2.44 -9.06
CA ASP A 22 3.65 -3.82 -8.73
C ASP A 22 4.07 -4.76 -9.87
N THR A 23 5.31 -4.60 -10.33
CA THR A 23 5.84 -5.42 -11.41
C THR A 23 6.33 -6.77 -10.88
N ASP A 24 6.07 -7.02 -9.60
CA ASP A 24 6.49 -8.28 -8.98
C ASP A 24 5.84 -9.47 -9.67
N GLY A 25 4.79 -9.21 -10.45
CA GLY A 25 4.10 -10.27 -11.15
C GLY A 25 3.38 -11.21 -10.21
N ASN A 26 3.27 -10.82 -8.94
CA ASN A 26 2.60 -11.64 -7.94
C ASN A 26 1.32 -10.96 -7.45
N GLY A 27 1.22 -9.67 -7.69
CA GLY A 27 0.04 -8.93 -7.28
C GLY A 27 0.32 -7.99 -6.11
N TYR A 28 1.46 -8.20 -5.46
CA TYR A 28 1.84 -7.35 -4.33
C TYR A 28 3.20 -6.71 -4.56
N ILE A 29 3.35 -5.49 -4.07
CA ILE A 29 4.60 -4.75 -4.22
C ILE A 29 5.49 -4.92 -2.99
N SER A 30 6.69 -4.34 -3.06
CA SER A 30 7.63 -4.43 -1.96
C SER A 30 7.62 -3.17 -1.11
N PHE A 31 8.24 -3.23 0.06
CA PHE A 31 8.29 -2.09 0.97
C PHE A 31 8.69 -0.82 0.22
N ASN A 32 9.86 -0.85 -0.41
CA ASN A 32 10.36 0.29 -1.16
C ASN A 32 9.33 0.77 -2.18
N GLU A 33 8.75 -0.18 -2.91
CA GLU A 33 7.75 0.14 -3.92
C GLU A 33 6.55 0.86 -3.30
N LEU A 34 6.16 0.42 -2.10
CA LEU A 34 5.03 1.01 -1.39
C LEU A 34 5.26 2.50 -1.17
N ASN A 35 6.30 2.82 -0.39
CA ASN A 35 6.63 4.21 -0.09
C ASN A 35 6.62 5.06 -1.36
N ASP A 36 7.29 4.56 -2.41
CA ASP A 36 7.36 5.27 -3.67
C ASP A 36 5.97 5.43 -4.28
N LEU A 37 5.13 4.41 -4.12
CA LEU A 37 3.78 4.44 -4.65
C LEU A 37 2.95 5.52 -3.98
N PHE A 38 3.09 5.64 -2.67
CA PHE A 38 2.36 6.64 -1.90
C PHE A 38 2.62 8.04 -2.45
N LYS A 39 3.88 8.41 -2.55
CA LYS A 39 4.26 9.72 -3.06
C LYS A 39 3.99 9.82 -4.55
N ALA A 40 4.22 8.74 -5.27
CA ALA A 40 3.99 8.70 -6.71
C ALA A 40 2.52 8.94 -7.03
N ALA A 41 1.64 8.51 -6.14
CA ALA A 41 0.20 8.67 -6.32
C ALA A 41 -0.30 9.94 -5.63
N CYS A 42 0.63 10.85 -5.34
CA CYS A 42 0.28 12.10 -4.68
C CYS A 42 -0.57 11.84 -3.43
N LEU A 43 -0.04 11.07 -2.50
CA LEU A 43 -0.75 10.75 -1.27
C LEU A 43 -0.64 11.89 -0.25
N PRO A 44 -1.64 12.01 0.61
CA PRO A 44 -1.68 13.05 1.64
C PRO A 44 -0.64 12.82 2.74
N LEU A 45 -0.57 11.59 3.23
CA LEU A 45 0.38 11.24 4.28
C LEU A 45 1.81 11.54 3.85
N PRO A 46 2.65 11.95 4.81
CA PRO A 46 4.05 12.29 4.54
C PRO A 46 4.89 11.06 4.21
N GLY A 47 6.21 11.23 4.20
CA GLY A 47 7.10 10.12 3.90
C GLY A 47 7.33 9.22 5.10
N TYR A 48 7.54 9.84 6.26
CA TYR A 48 7.77 9.09 7.49
C TYR A 48 6.53 8.29 7.89
N ARG A 49 5.37 8.89 7.69
CA ARG A 49 4.10 8.23 8.04
C ARG A 49 3.99 6.88 7.35
N VAL A 50 4.06 6.89 6.03
CA VAL A 50 3.97 5.65 5.25
C VAL A 50 5.02 4.65 5.69
N ARG A 51 6.28 5.10 5.73
CA ARG A 51 7.39 4.25 6.13
C ARG A 51 7.13 3.61 7.49
N GLU A 52 6.89 4.45 8.49
CA GLU A 52 6.64 3.97 9.84
C GLU A 52 5.45 3.01 9.86
N ILE A 53 4.38 3.39 9.18
CA ILE A 53 3.18 2.56 9.11
C ILE A 53 3.53 1.14 8.67
N THR A 54 4.31 1.03 7.60
CA THR A 54 4.71 -0.26 7.07
C THR A 54 5.62 -1.00 8.05
N GLU A 55 6.75 -0.39 8.36
CA GLU A 55 7.72 -0.98 9.28
C GLU A 55 7.04 -1.37 10.59
N ASN A 56 5.98 -0.65 10.94
CA ASN A 56 5.25 -0.93 12.18
C ASN A 56 4.18 -1.99 11.94
N LEU A 57 3.73 -2.10 10.70
CA LEU A 57 2.70 -3.08 10.34
C LEU A 57 3.20 -4.50 10.55
N MET A 58 4.25 -4.87 9.82
CA MET A 58 4.83 -6.20 9.93
C MET A 58 5.67 -6.33 11.20
N ALA A 59 5.97 -5.19 11.83
CA ALA A 59 6.76 -5.17 13.04
C ALA A 59 6.23 -6.19 14.06
N THR A 60 4.94 -6.51 13.95
CA THR A 60 4.31 -7.46 14.85
C THR A 60 4.00 -8.78 14.13
N GLY A 61 3.21 -8.69 13.06
CA GLY A 61 2.87 -9.88 12.31
C GLY A 61 1.82 -9.60 11.25
N ASP A 62 1.98 -8.49 10.53
CA ASP A 62 1.05 -8.12 9.47
C ASP A 62 1.48 -8.69 8.13
N LEU A 63 2.73 -8.42 7.75
CA LEU A 63 3.27 -8.91 6.49
C LEU A 63 4.05 -10.20 6.69
N ASP A 64 3.85 -10.84 7.84
CA ASP A 64 4.53 -12.08 8.16
C ASP A 64 4.36 -13.10 7.04
N GLN A 65 3.30 -12.92 6.24
CA GLN A 65 3.02 -13.82 5.13
C GLN A 65 4.26 -14.04 4.27
N ASP A 66 5.10 -13.01 4.18
CA ASP A 66 6.32 -13.10 3.39
C ASP A 66 7.14 -11.81 3.53
N GLY A 67 6.45 -10.70 3.75
CA GLY A 67 7.12 -9.42 3.90
C GLY A 67 6.76 -8.45 2.78
N ARG A 68 5.93 -8.90 1.85
CA ARG A 68 5.51 -8.07 0.73
C ARG A 68 4.33 -7.18 1.13
N ILE A 69 3.73 -6.54 0.14
CA ILE A 69 2.59 -5.65 0.39
C ILE A 69 1.62 -5.66 -0.79
N SER A 70 0.49 -6.33 -0.61
CA SER A 70 -0.52 -6.41 -1.66
C SER A 70 -1.40 -5.17 -1.67
N PHE A 71 -1.97 -4.86 -2.83
CA PHE A 71 -2.83 -3.69 -2.97
C PHE A 71 -3.83 -3.61 -1.83
N ASP A 72 -4.28 -4.77 -1.36
CA ASP A 72 -5.24 -4.82 -0.26
C ASP A 72 -4.71 -4.11 0.97
N GLU A 73 -3.51 -4.51 1.40
CA GLU A 73 -2.89 -3.91 2.57
C GLU A 73 -2.71 -2.41 2.39
N PHE A 74 -2.24 -2.01 1.22
CA PHE A 74 -2.03 -0.59 0.92
C PHE A 74 -3.30 0.21 1.17
N ILE A 75 -4.41 -0.26 0.60
CA ILE A 75 -5.69 0.41 0.76
C ILE A 75 -6.07 0.54 2.23
N LYS A 76 -6.15 -0.60 2.92
CA LYS A 76 -6.50 -0.62 4.33
C LYS A 76 -5.61 0.33 5.12
N ILE A 77 -4.37 0.48 4.67
CA ILE A 77 -3.42 1.36 5.35
C ILE A 77 -3.75 2.83 5.08
N PHE A 78 -4.16 3.12 3.85
CA PHE A 78 -4.52 4.48 3.47
C PHE A 78 -5.75 4.96 4.23
N HIS A 79 -6.69 4.06 4.44
CA HIS A 79 -7.91 4.39 5.16
C HIS A 79 -7.69 4.38 6.67
N GLY A 80 -6.82 3.48 7.12
CA GLY A 80 -6.52 3.38 8.54
C GLY A 80 -7.39 2.35 9.25
N LEU A 81 -8.70 2.51 9.13
CA LEU A 81 -9.63 1.59 9.77
C LEU A 81 -10.82 1.30 8.85
N LYS A 82 -11.72 0.44 9.31
CA LYS A 82 -12.90 0.08 8.54
C LYS A 82 -13.73 1.32 8.21
N MET A 1 -14.93 -7.39 -5.14
CA MET A 1 -14.46 -7.99 -3.89
C MET A 1 -13.78 -6.95 -3.01
N ALA A 2 -14.48 -5.83 -2.76
CA ALA A 2 -13.93 -4.77 -1.94
C ALA A 2 -14.60 -4.74 -0.57
N ARG A 3 -15.84 -4.25 -0.52
CA ARG A 3 -16.59 -4.17 0.72
C ARG A 3 -15.81 -3.38 1.78
N GLY A 4 -15.77 -2.07 1.61
CA GLY A 4 -15.05 -1.22 2.55
C GLY A 4 -13.63 -0.95 2.11
N SER A 5 -13.41 0.22 1.51
CA SER A 5 -12.08 0.60 1.04
C SER A 5 -12.10 2.01 0.45
N VAL A 6 -10.96 2.43 -0.09
CA VAL A 6 -10.84 3.76 -0.68
C VAL A 6 -11.96 4.01 -1.69
N SER A 7 -12.40 5.26 -1.78
CA SER A 7 -13.47 5.63 -2.70
C SER A 7 -13.07 5.33 -4.15
N ASP A 8 -14.03 5.47 -5.05
CA ASP A 8 -13.77 5.22 -6.47
C ASP A 8 -12.60 6.06 -6.97
N GLU A 9 -12.62 7.35 -6.66
CA GLU A 9 -11.56 8.26 -7.07
C GLU A 9 -10.20 7.71 -6.67
N GLU A 10 -9.99 7.53 -5.38
CA GLU A 10 -8.73 7.03 -4.86
C GLU A 10 -8.44 5.63 -5.41
N MET A 11 -9.31 4.68 -5.11
CA MET A 11 -9.15 3.31 -5.58
C MET A 11 -8.59 3.28 -6.99
N MET A 12 -9.11 4.16 -7.85
CA MET A 12 -8.67 4.25 -9.23
C MET A 12 -7.23 4.75 -9.31
N GLU A 13 -6.95 5.85 -8.61
CA GLU A 13 -5.61 6.43 -8.60
C GLU A 13 -4.62 5.51 -7.90
N LEU A 14 -4.89 5.21 -6.63
CA LEU A 14 -4.01 4.34 -5.86
C LEU A 14 -3.66 3.08 -6.64
N ARG A 15 -4.67 2.44 -7.21
CA ARG A 15 -4.47 1.22 -7.99
C ARG A 15 -3.55 1.48 -9.18
N GLU A 16 -3.81 2.57 -9.88
CA GLU A 16 -3.01 2.94 -11.05
C GLU A 16 -1.52 2.91 -10.71
N ALA A 17 -1.12 3.75 -9.75
CA ALA A 17 0.27 3.82 -9.32
C ALA A 17 0.77 2.46 -8.83
N PHE A 18 0.06 1.89 -7.86
CA PHE A 18 0.43 0.60 -7.31
C PHE A 18 0.88 -0.36 -8.41
N ALA A 19 0.01 -0.57 -9.39
CA ALA A 19 0.31 -1.46 -10.50
C ALA A 19 1.66 -1.13 -11.12
N LYS A 20 1.89 0.16 -11.36
CA LYS A 20 3.15 0.62 -11.95
C LYS A 20 4.35 0.14 -11.13
N VAL A 21 4.13 -0.04 -9.83
CA VAL A 21 5.19 -0.51 -8.94
C VAL A 21 4.95 -1.95 -8.51
N ASP A 22 3.94 -2.57 -9.08
CA ASP A 22 3.61 -3.96 -8.76
C ASP A 22 4.03 -4.89 -9.90
N THR A 23 5.28 -4.76 -10.32
CA THR A 23 5.81 -5.59 -11.41
C THR A 23 6.25 -6.95 -10.88
N ASP A 24 5.96 -7.22 -9.61
CA ASP A 24 6.32 -8.49 -9.00
C ASP A 24 5.63 -9.65 -9.70
N GLY A 25 4.60 -9.34 -10.48
CA GLY A 25 3.87 -10.37 -11.20
C GLY A 25 3.12 -11.30 -10.26
N ASN A 26 3.03 -10.92 -9.00
CA ASN A 26 2.34 -11.73 -8.00
C ASN A 26 1.08 -11.03 -7.49
N GLY A 27 1.01 -9.73 -7.73
CA GLY A 27 -0.14 -8.96 -7.29
C GLY A 27 0.18 -8.02 -6.15
N TYR A 28 1.26 -8.32 -5.44
CA TYR A 28 1.68 -7.49 -4.31
C TYR A 28 3.04 -6.85 -4.58
N ILE A 29 3.22 -5.64 -4.08
CA ILE A 29 4.47 -4.90 -4.27
C ILE A 29 5.40 -5.11 -3.07
N SER A 30 6.60 -4.53 -3.16
CA SER A 30 7.58 -4.65 -2.08
C SER A 30 7.57 -3.40 -1.20
N PHE A 31 8.12 -3.53 0.00
CA PHE A 31 8.18 -2.42 0.94
C PHE A 31 8.64 -1.14 0.24
N ASN A 32 9.79 -1.20 -0.42
CA ASN A 32 10.33 -0.05 -1.13
C ASN A 32 9.33 0.49 -2.13
N GLU A 33 8.71 -0.41 -2.89
CA GLU A 33 7.72 -0.03 -3.90
C GLU A 33 6.54 0.68 -3.24
N LEU A 34 6.13 0.18 -2.09
CA LEU A 34 5.00 0.77 -1.37
C LEU A 34 5.25 2.24 -1.06
N ASN A 35 6.28 2.51 -0.27
CA ASN A 35 6.62 3.88 0.09
C ASN A 35 6.69 4.77 -1.14
N ASP A 36 7.38 4.29 -2.17
CA ASP A 36 7.51 5.05 -3.42
C ASP A 36 6.15 5.25 -4.07
N LEU A 37 5.27 4.27 -3.92
CA LEU A 37 3.94 4.34 -4.51
C LEU A 37 3.10 5.42 -3.82
N PHE A 38 3.29 5.55 -2.51
CA PHE A 38 2.55 6.54 -1.73
C PHE A 38 2.89 7.95 -2.18
N LYS A 39 4.18 8.26 -2.21
CA LYS A 39 4.66 9.58 -2.61
C LYS A 39 4.36 9.83 -4.08
N ALA A 40 4.61 8.81 -4.91
CA ALA A 40 4.38 8.91 -6.35
C ALA A 40 2.88 9.02 -6.64
N ALA A 41 2.05 8.58 -5.70
CA ALA A 41 0.60 8.63 -5.87
C ALA A 41 0.05 9.99 -5.45
N CYS A 42 0.94 10.92 -5.13
CA CYS A 42 0.54 12.25 -4.73
C CYS A 42 -0.40 12.20 -3.53
N LEU A 43 -0.28 11.13 -2.74
CA LEU A 43 -1.14 10.95 -1.56
C LEU A 43 -0.89 12.06 -0.55
N PRO A 44 -1.87 12.27 0.35
CA PRO A 44 -1.78 13.29 1.39
C PRO A 44 -0.75 12.95 2.46
N LEU A 45 -0.81 11.72 2.96
CA LEU A 45 0.12 11.27 3.98
C LEU A 45 1.56 11.60 3.60
N PRO A 46 2.35 12.03 4.58
CA PRO A 46 3.76 12.38 4.37
C PRO A 46 4.63 11.15 4.08
N GLY A 47 5.94 11.35 4.09
CA GLY A 47 6.86 10.26 3.84
C GLY A 47 7.09 9.39 5.07
N TYR A 48 7.20 10.02 6.22
CA TYR A 48 7.43 9.31 7.47
C TYR A 48 6.20 8.50 7.86
N ARG A 49 5.01 9.05 7.58
CA ARG A 49 3.76 8.37 7.90
C ARG A 49 3.71 6.99 7.26
N VAL A 50 4.02 6.93 5.97
CA VAL A 50 4.01 5.68 5.23
C VAL A 50 5.07 4.72 5.77
N ARG A 51 6.32 5.16 5.75
CA ARG A 51 7.42 4.34 6.23
C ARG A 51 7.16 3.83 7.64
N GLU A 52 6.63 4.72 8.48
CA GLU A 52 6.32 4.36 9.87
C GLU A 52 5.21 3.30 9.92
N ILE A 53 4.11 3.58 9.24
CA ILE A 53 2.98 2.67 9.21
C ILE A 53 3.43 1.25 8.85
N THR A 54 4.42 1.15 7.97
CA THR A 54 4.94 -0.14 7.56
C THR A 54 5.77 -0.79 8.66
N GLU A 55 6.79 -0.07 9.13
CA GLU A 55 7.66 -0.58 10.19
C GLU A 55 6.84 -1.06 11.38
N ASN A 56 5.72 -0.39 11.62
CA ASN A 56 4.84 -0.75 12.73
C ASN A 56 3.86 -1.84 12.33
N LEU A 57 3.50 -1.87 11.06
CA LEU A 57 2.58 -2.86 10.54
C LEU A 57 3.15 -4.26 10.68
N MET A 58 4.25 -4.53 9.97
CA MET A 58 4.90 -5.83 10.02
C MET A 58 5.45 -6.11 11.41
N ALA A 59 5.49 -5.07 12.24
CA ALA A 59 6.00 -5.20 13.61
C ALA A 59 5.38 -6.42 14.30
N THR A 60 4.19 -6.81 13.86
CA THR A 60 3.49 -7.96 14.43
C THR A 60 3.19 -9.00 13.37
N GLY A 61 4.21 -9.39 12.61
CA GLY A 61 4.03 -10.39 11.58
C GLY A 61 2.87 -10.06 10.65
N ASP A 62 2.82 -8.83 10.17
CA ASP A 62 1.76 -8.39 9.28
C ASP A 62 2.19 -8.52 7.82
N LEU A 63 3.33 -7.92 7.48
CA LEU A 63 3.84 -7.96 6.13
C LEU A 63 4.88 -9.06 5.98
N ASP A 64 5.01 -9.90 7.01
CA ASP A 64 5.97 -11.00 6.98
C ASP A 64 5.36 -12.26 6.39
N GLN A 65 4.03 -12.26 6.28
CA GLN A 65 3.32 -13.40 5.72
C GLN A 65 3.92 -13.84 4.39
N ASP A 66 4.41 -12.86 3.62
CA ASP A 66 5.02 -13.14 2.33
C ASP A 66 6.19 -12.21 2.07
N GLY A 67 6.47 -11.34 3.02
CA GLY A 67 7.57 -10.40 2.88
C GLY A 67 7.26 -9.29 1.90
N ARG A 68 6.02 -9.27 1.41
CA ARG A 68 5.60 -8.25 0.45
C ARG A 68 4.39 -7.49 0.96
N ILE A 69 3.76 -6.72 0.07
CA ILE A 69 2.58 -5.95 0.43
C ILE A 69 1.59 -5.88 -0.71
N SER A 70 0.44 -6.51 -0.54
CA SER A 70 -0.59 -6.53 -1.57
C SER A 70 -1.40 -5.23 -1.55
N PHE A 71 -2.01 -4.90 -2.68
CA PHE A 71 -2.80 -3.68 -2.79
C PHE A 71 -3.77 -3.57 -1.63
N ASP A 72 -4.27 -4.70 -1.16
CA ASP A 72 -5.21 -4.73 -0.04
C ASP A 72 -4.64 -3.99 1.16
N GLU A 73 -3.47 -4.42 1.62
CA GLU A 73 -2.82 -3.80 2.76
C GLU A 73 -2.65 -2.30 2.55
N PHE A 74 -2.23 -1.92 1.35
CA PHE A 74 -2.03 -0.52 1.01
C PHE A 74 -3.29 0.29 1.28
N ILE A 75 -4.41 -0.17 0.72
CA ILE A 75 -5.69 0.50 0.90
C ILE A 75 -6.03 0.67 2.37
N LYS A 76 -6.09 -0.45 3.10
CA LYS A 76 -6.40 -0.43 4.52
C LYS A 76 -5.51 0.56 5.26
N ILE A 77 -4.25 0.64 4.84
CA ILE A 77 -3.31 1.55 5.47
C ILE A 77 -3.70 3.01 5.22
N PHE A 78 -3.92 3.35 3.96
CA PHE A 78 -4.30 4.70 3.58
C PHE A 78 -5.61 5.10 4.26
N HIS A 79 -6.63 4.27 4.11
CA HIS A 79 -7.93 4.53 4.71
C HIS A 79 -7.82 4.65 6.23
N GLY A 80 -6.92 3.87 6.82
CA GLY A 80 -6.74 3.90 8.25
C GLY A 80 -8.02 3.64 9.01
N LEU A 81 -8.88 2.79 8.45
CA LEU A 81 -10.15 2.46 9.08
C LEU A 81 -10.44 0.97 8.98
N LYS A 82 -10.68 0.33 10.12
CA LYS A 82 -10.98 -1.09 10.15
C LYS A 82 -12.11 -1.44 9.18
N MET A 1 -9.50 -10.81 -9.54
CA MET A 1 -9.11 -9.85 -8.52
C MET A 1 -10.31 -9.02 -8.07
N ALA A 2 -10.38 -8.76 -6.77
CA ALA A 2 -11.49 -7.97 -6.21
C ALA A 2 -10.98 -7.01 -5.14
N ARG A 3 -11.81 -6.03 -4.80
CA ARG A 3 -11.46 -5.04 -3.79
C ARG A 3 -12.62 -4.08 -3.54
N GLY A 4 -12.65 -3.51 -2.34
CA GLY A 4 -13.71 -2.57 -1.99
C GLY A 4 -13.49 -1.94 -0.63
N SER A 5 -12.52 -1.03 -0.55
CA SER A 5 -12.22 -0.36 0.70
C SER A 5 -12.05 1.15 0.48
N VAL A 6 -11.01 1.52 -0.25
CA VAL A 6 -10.73 2.92 -0.53
C VAL A 6 -11.76 3.49 -1.49
N SER A 7 -11.98 4.80 -1.41
CA SER A 7 -12.93 5.48 -2.27
C SER A 7 -12.73 5.09 -3.73
N ASP A 8 -13.79 5.18 -4.52
CA ASP A 8 -13.73 4.83 -5.94
C ASP A 8 -12.61 5.61 -6.64
N GLU A 9 -12.68 6.93 -6.55
CA GLU A 9 -11.68 7.79 -7.17
C GLU A 9 -10.27 7.29 -6.85
N GLU A 10 -9.94 7.25 -5.57
CA GLU A 10 -8.62 6.81 -5.12
C GLU A 10 -8.32 5.40 -5.66
N MET A 11 -9.21 4.47 -5.38
CA MET A 11 -9.06 3.08 -5.83
C MET A 11 -8.46 3.04 -7.23
N MET A 12 -8.98 3.88 -8.11
CA MET A 12 -8.49 3.93 -9.49
C MET A 12 -7.07 4.48 -9.55
N GLU A 13 -6.84 5.58 -8.84
CA GLU A 13 -5.53 6.20 -8.81
C GLU A 13 -4.51 5.31 -8.10
N LEU A 14 -4.78 5.02 -6.82
CA LEU A 14 -3.90 4.17 -6.03
C LEU A 14 -3.50 2.91 -6.80
N ARG A 15 -4.49 2.26 -7.39
CA ARG A 15 -4.25 1.05 -8.17
C ARG A 15 -3.31 1.33 -9.33
N GLU A 16 -3.58 2.40 -10.06
CA GLU A 16 -2.76 2.77 -11.21
C GLU A 16 -1.29 2.80 -10.83
N ALA A 17 -0.95 3.62 -9.84
CA ALA A 17 0.43 3.74 -9.38
C ALA A 17 0.97 2.39 -8.90
N PHE A 18 0.26 1.79 -7.96
CA PHE A 18 0.67 0.50 -7.41
C PHE A 18 1.17 -0.43 -8.51
N ALA A 19 0.32 -0.65 -9.52
CA ALA A 19 0.67 -1.51 -10.64
C ALA A 19 2.03 -1.14 -11.20
N LYS A 20 2.25 0.15 -11.42
CA LYS A 20 3.52 0.64 -11.96
C LYS A 20 4.69 0.18 -11.10
N VAL A 21 4.42 -0.06 -9.83
CA VAL A 21 5.46 -0.51 -8.90
C VAL A 21 5.24 -1.96 -8.49
N ASP A 22 4.27 -2.60 -9.11
CA ASP A 22 3.95 -3.99 -8.81
C ASP A 22 4.81 -4.94 -9.65
N THR A 23 6.05 -5.14 -9.23
CA THR A 23 6.98 -6.01 -9.94
C THR A 23 6.38 -7.41 -10.10
N ASP A 24 5.75 -7.90 -9.05
CA ASP A 24 5.14 -9.23 -9.07
C ASP A 24 4.05 -9.31 -10.12
N GLY A 25 3.45 -8.15 -10.43
CA GLY A 25 2.39 -8.12 -11.42
C GLY A 25 1.12 -8.77 -10.93
N ASN A 26 1.12 -9.20 -9.68
CA ASN A 26 -0.05 -9.86 -9.09
C ASN A 26 -0.64 -9.00 -7.97
N GLY A 27 -0.36 -7.71 -8.02
CA GLY A 27 -0.88 -6.81 -7.00
C GLY A 27 -0.05 -6.81 -5.74
N TYR A 28 1.25 -7.05 -5.87
CA TYR A 28 2.15 -7.09 -4.74
C TYR A 28 3.33 -6.14 -4.94
N ILE A 29 3.69 -5.42 -3.88
CA ILE A 29 4.80 -4.48 -3.94
C ILE A 29 5.67 -4.59 -2.70
N SER A 30 6.96 -4.28 -2.86
CA SER A 30 7.91 -4.35 -1.75
C SER A 30 7.86 -3.06 -0.92
N PHE A 31 8.43 -3.13 0.28
CA PHE A 31 8.45 -1.97 1.17
C PHE A 31 8.84 -0.71 0.42
N ASN A 32 10.01 -0.73 -0.21
CA ASN A 32 10.50 0.42 -0.97
C ASN A 32 9.47 0.86 -1.99
N GLU A 33 8.91 -0.09 -2.74
CA GLU A 33 7.92 0.21 -3.75
C GLU A 33 6.70 0.89 -3.14
N LEU A 34 6.31 0.43 -1.95
CA LEU A 34 5.16 0.99 -1.26
C LEU A 34 5.33 2.49 -1.03
N ASN A 35 6.35 2.84 -0.24
CA ASN A 35 6.63 4.25 0.06
C ASN A 35 6.62 5.08 -1.22
N ASP A 36 7.34 4.60 -2.23
CA ASP A 36 7.42 5.31 -3.50
C ASP A 36 6.04 5.42 -4.16
N LEU A 37 5.23 4.38 -3.99
CA LEU A 37 3.88 4.36 -4.56
C LEU A 37 2.99 5.37 -3.87
N PHE A 38 3.18 5.53 -2.56
CA PHE A 38 2.38 6.47 -1.78
C PHE A 38 2.59 7.90 -2.27
N LYS A 39 3.85 8.29 -2.42
CA LYS A 39 4.19 9.63 -2.89
C LYS A 39 3.93 9.77 -4.37
N ALA A 40 4.20 8.71 -5.13
CA ALA A 40 4.00 8.72 -6.57
C ALA A 40 2.52 8.88 -6.91
N ALA A 41 1.65 8.40 -6.01
CA ALA A 41 0.21 8.49 -6.21
C ALA A 41 -0.33 9.83 -5.69
N CYS A 42 0.57 10.74 -5.37
CA CYS A 42 0.18 12.05 -4.86
C CYS A 42 -0.80 11.91 -3.70
N LEU A 43 -0.40 11.16 -2.68
CA LEU A 43 -1.25 10.95 -1.51
C LEU A 43 -1.01 12.03 -0.46
N PRO A 44 -1.97 12.17 0.46
CA PRO A 44 -1.89 13.17 1.53
C PRO A 44 -0.81 12.83 2.56
N LEU A 45 -0.84 11.58 3.03
CA LEU A 45 0.14 11.14 4.02
C LEU A 45 1.56 11.43 3.56
N PRO A 46 2.41 11.85 4.50
CA PRO A 46 3.81 12.18 4.22
C PRO A 46 4.64 10.93 3.89
N GLY A 47 5.96 11.10 3.86
CA GLY A 47 6.84 9.98 3.57
C GLY A 47 7.11 9.11 4.77
N TYR A 48 7.31 9.75 5.92
CA TYR A 48 7.59 9.02 7.16
C TYR A 48 6.36 8.23 7.61
N ARG A 49 5.19 8.86 7.48
CA ARG A 49 3.94 8.22 7.88
C ARG A 49 3.80 6.84 7.22
N VAL A 50 4.05 6.79 5.93
CA VAL A 50 3.95 5.54 5.17
C VAL A 50 5.01 4.54 5.64
N ARG A 51 6.27 4.95 5.55
CA ARG A 51 7.37 4.09 5.95
C ARG A 51 7.16 3.54 7.37
N GLU A 52 6.70 4.40 8.26
CA GLU A 52 6.45 4.01 9.65
C GLU A 52 5.32 2.98 9.72
N ILE A 53 4.19 3.32 9.14
CA ILE A 53 3.03 2.42 9.14
C ILE A 53 3.43 1.02 8.70
N THR A 54 4.28 0.93 7.69
CA THR A 54 4.73 -0.35 7.18
C THR A 54 5.62 -1.07 8.21
N GLU A 55 6.73 -0.43 8.55
CA GLU A 55 7.66 -1.01 9.52
C GLU A 55 6.94 -1.37 10.82
N ASN A 56 5.84 -0.67 11.10
CA ASN A 56 5.06 -0.93 12.31
C ASN A 56 4.03 -2.02 12.06
N LEU A 57 3.63 -2.19 10.81
CA LEU A 57 2.65 -3.20 10.43
C LEU A 57 3.20 -4.61 10.68
N MET A 58 4.28 -4.95 9.98
CA MET A 58 4.91 -6.25 10.12
C MET A 58 5.69 -6.34 11.42
N ALA A 59 5.91 -5.19 12.06
CA ALA A 59 6.64 -5.15 13.31
C ALA A 59 6.11 -6.18 14.30
N THR A 60 4.85 -6.56 14.14
CA THR A 60 4.22 -7.55 15.01
C THR A 60 4.00 -8.86 14.28
N GLY A 61 3.25 -8.81 13.19
CA GLY A 61 2.97 -10.01 12.42
C GLY A 61 1.96 -9.76 11.31
N ASP A 62 2.11 -8.64 10.61
CA ASP A 62 1.21 -8.30 9.53
C ASP A 62 1.71 -8.86 8.20
N LEU A 63 2.97 -8.56 7.87
CA LEU A 63 3.56 -9.03 6.63
C LEU A 63 4.37 -10.31 6.87
N ASP A 64 3.95 -11.08 7.86
CA ASP A 64 4.64 -12.33 8.20
C ASP A 64 4.45 -13.37 7.10
N GLN A 65 3.55 -13.07 6.16
CA GLN A 65 3.26 -13.97 5.05
C GLN A 65 4.48 -14.12 4.15
N ASP A 66 5.32 -13.08 4.12
CA ASP A 66 6.52 -13.10 3.29
C ASP A 66 7.30 -11.80 3.46
N GLY A 67 6.59 -10.72 3.77
CA GLY A 67 7.24 -9.43 3.94
C GLY A 67 6.82 -8.44 2.89
N ARG A 68 6.20 -8.91 1.82
CA ARG A 68 5.76 -8.06 0.74
C ARG A 68 4.56 -7.21 1.16
N ILE A 69 3.94 -6.54 0.20
CA ILE A 69 2.79 -5.69 0.48
C ILE A 69 1.81 -5.70 -0.69
N SER A 70 0.69 -6.40 -0.51
CA SER A 70 -0.34 -6.49 -1.55
C SER A 70 -1.20 -5.23 -1.58
N PHE A 71 -1.79 -4.96 -2.73
CA PHE A 71 -2.64 -3.78 -2.89
C PHE A 71 -3.63 -3.67 -1.73
N ASP A 72 -4.09 -4.81 -1.24
CA ASP A 72 -5.04 -4.84 -0.14
C ASP A 72 -4.48 -4.11 1.08
N GLU A 73 -3.28 -4.48 1.49
CA GLU A 73 -2.63 -3.86 2.64
C GLU A 73 -2.50 -2.35 2.44
N PHE A 74 -2.00 -1.97 1.27
CA PHE A 74 -1.81 -0.55 0.95
C PHE A 74 -3.10 0.23 1.17
N ILE A 75 -4.19 -0.27 0.60
CA ILE A 75 -5.50 0.38 0.73
C ILE A 75 -5.87 0.56 2.20
N LYS A 76 -5.98 -0.56 2.92
CA LYS A 76 -6.33 -0.52 4.32
C LYS A 76 -5.41 0.41 5.10
N ILE A 77 -4.15 0.49 4.65
CA ILE A 77 -3.18 1.36 5.30
C ILE A 77 -3.46 2.82 5.02
N PHE A 78 -3.83 3.13 3.78
CA PHE A 78 -4.13 4.50 3.38
C PHE A 78 -5.36 5.02 4.13
N HIS A 79 -6.37 4.17 4.27
CA HIS A 79 -7.60 4.55 4.96
C HIS A 79 -7.39 4.58 6.47
N GLY A 80 -6.54 3.68 6.96
CA GLY A 80 -6.27 3.63 8.39
C GLY A 80 -7.52 3.46 9.21
N LEU A 81 -8.41 2.57 8.78
CA LEU A 81 -9.66 2.32 9.49
C LEU A 81 -10.00 0.84 9.49
N LYS A 82 -10.30 0.31 10.67
CA LYS A 82 -10.64 -1.10 10.81
C LYS A 82 -11.76 -1.49 9.84
N MET A 1 -7.99 -7.82 -8.16
CA MET A 1 -8.89 -6.91 -7.45
C MET A 1 -10.12 -7.65 -6.94
N ALA A 2 -10.24 -7.76 -5.62
CA ALA A 2 -11.37 -8.44 -5.01
C ALA A 2 -12.21 -7.48 -4.17
N ARG A 3 -11.64 -7.04 -3.06
CA ARG A 3 -12.31 -6.11 -2.16
C ARG A 3 -11.92 -4.67 -2.45
N GLY A 4 -12.35 -3.75 -1.59
CA GLY A 4 -12.03 -2.35 -1.77
C GLY A 4 -12.55 -1.48 -0.64
N SER A 5 -11.82 -0.41 -0.35
CA SER A 5 -12.21 0.50 0.72
C SER A 5 -12.21 1.95 0.24
N VAL A 6 -11.06 2.40 -0.27
CA VAL A 6 -10.93 3.76 -0.77
C VAL A 6 -12.03 4.09 -1.75
N SER A 7 -12.37 5.37 -1.84
CA SER A 7 -13.42 5.82 -2.75
C SER A 7 -13.07 5.51 -4.20
N ASP A 8 -14.05 5.61 -5.08
CA ASP A 8 -13.85 5.33 -6.50
C ASP A 8 -12.67 6.13 -7.04
N GLU A 9 -12.67 7.44 -6.76
CA GLU A 9 -11.60 8.31 -7.22
C GLU A 9 -10.23 7.74 -6.87
N GLU A 10 -9.99 7.56 -5.58
CA GLU A 10 -8.71 7.02 -5.11
C GLU A 10 -8.49 5.62 -5.66
N MET A 11 -9.41 4.71 -5.35
CA MET A 11 -9.31 3.33 -5.80
C MET A 11 -8.74 3.26 -7.22
N MET A 12 -9.22 4.15 -8.09
CA MET A 12 -8.75 4.19 -9.46
C MET A 12 -7.31 4.68 -9.54
N GLU A 13 -7.05 5.82 -8.91
CA GLU A 13 -5.71 6.40 -8.89
C GLU A 13 -4.72 5.50 -8.16
N LEU A 14 -4.99 5.26 -6.88
CA LEU A 14 -4.14 4.41 -6.05
C LEU A 14 -3.78 3.13 -6.79
N ARG A 15 -4.79 2.46 -7.35
CA ARG A 15 -4.59 1.22 -8.08
C ARG A 15 -3.65 1.45 -9.28
N GLU A 16 -3.87 2.55 -9.99
CA GLU A 16 -3.05 2.87 -11.15
C GLU A 16 -1.58 2.89 -10.79
N ALA A 17 -1.23 3.67 -9.76
CA ALA A 17 0.15 3.78 -9.31
C ALA A 17 0.67 2.44 -8.81
N PHE A 18 -0.01 1.87 -7.83
CA PHE A 18 0.38 0.59 -7.26
C PHE A 18 0.82 -0.38 -8.35
N ALA A 19 -0.04 -0.59 -9.33
CA ALA A 19 0.26 -1.50 -10.44
C ALA A 19 1.61 -1.16 -11.06
N LYS A 20 1.84 0.13 -11.31
CA LYS A 20 3.09 0.58 -11.91
C LYS A 20 4.29 0.13 -11.08
N VAL A 21 4.07 -0.05 -9.78
CA VAL A 21 5.13 -0.49 -8.88
C VAL A 21 4.92 -1.94 -8.46
N ASP A 22 3.91 -2.58 -9.03
CA ASP A 22 3.60 -3.97 -8.71
C ASP A 22 3.93 -4.89 -9.88
N THR A 23 5.10 -4.67 -10.48
CA THR A 23 5.53 -5.48 -11.62
C THR A 23 6.16 -6.79 -11.16
N ASP A 24 6.08 -7.05 -9.86
CA ASP A 24 6.64 -8.28 -9.29
C ASP A 24 5.99 -9.51 -9.92
N GLY A 25 4.80 -9.32 -10.47
CA GLY A 25 4.09 -10.43 -11.09
C GLY A 25 3.43 -11.34 -10.06
N ASN A 26 3.36 -10.87 -8.82
CA ASN A 26 2.75 -11.65 -7.75
C ASN A 26 1.48 -10.97 -7.24
N GLY A 27 1.36 -9.68 -7.51
CA GLY A 27 0.19 -8.94 -7.08
C GLY A 27 0.51 -7.94 -5.99
N TYR A 28 1.48 -8.27 -5.14
CA TYR A 28 1.88 -7.39 -4.05
C TYR A 28 3.24 -6.76 -4.33
N ILE A 29 3.40 -5.52 -3.89
CA ILE A 29 4.66 -4.80 -4.10
C ILE A 29 5.58 -4.94 -2.89
N SER A 30 6.76 -4.36 -2.98
CA SER A 30 7.74 -4.41 -1.90
C SER A 30 7.70 -3.14 -1.07
N PHE A 31 8.31 -3.19 0.12
CA PHE A 31 8.35 -2.03 1.00
C PHE A 31 8.75 -0.78 0.24
N ASN A 32 9.93 -0.81 -0.39
CA ASN A 32 10.41 0.33 -1.15
C ASN A 32 9.37 0.80 -2.16
N GLU A 33 8.79 -0.16 -2.89
CA GLU A 33 7.78 0.15 -3.89
C GLU A 33 6.58 0.85 -3.26
N LEU A 34 6.19 0.37 -2.08
CA LEU A 34 5.05 0.95 -1.36
C LEU A 34 5.26 2.45 -1.13
N ASN A 35 6.31 2.77 -0.36
CA ASN A 35 6.61 4.17 -0.06
C ASN A 35 6.61 5.02 -1.31
N ASP A 36 7.29 4.53 -2.35
CA ASP A 36 7.37 5.26 -3.62
C ASP A 36 5.98 5.42 -4.23
N LEU A 37 5.11 4.44 -4.01
CA LEU A 37 3.75 4.48 -4.53
C LEU A 37 2.92 5.53 -3.80
N PHE A 38 3.19 5.69 -2.51
CA PHE A 38 2.45 6.65 -1.69
C PHE A 38 2.77 8.08 -2.12
N LYS A 39 4.03 8.32 -2.49
CA LYS A 39 4.45 9.64 -2.93
C LYS A 39 4.19 9.84 -4.42
N ALA A 40 4.28 8.74 -5.17
CA ALA A 40 4.06 8.79 -6.61
C ALA A 40 2.57 8.98 -6.92
N ALA A 41 1.71 8.52 -6.01
CA ALA A 41 0.27 8.65 -6.19
C ALA A 41 -0.24 9.97 -5.62
N CYS A 42 0.68 10.87 -5.31
CA CYS A 42 0.32 12.17 -4.76
C CYS A 42 -0.62 12.01 -3.58
N LEU A 43 -0.27 11.13 -2.65
CA LEU A 43 -1.09 10.89 -1.47
C LEU A 43 -0.86 11.96 -0.41
N PRO A 44 -1.85 12.14 0.47
CA PRO A 44 -1.79 13.14 1.55
C PRO A 44 -0.76 12.75 2.62
N LEU A 45 -0.83 11.52 3.08
CA LEU A 45 0.10 11.04 4.10
C LEU A 45 1.54 11.38 3.75
N PRO A 46 2.32 11.78 4.76
CA PRO A 46 3.73 12.14 4.58
C PRO A 46 4.60 10.94 4.25
N GLY A 47 5.92 11.14 4.27
CA GLY A 47 6.84 10.06 3.97
C GLY A 47 7.08 9.16 5.17
N TYR A 48 7.20 9.76 6.35
CA TYR A 48 7.44 9.00 7.57
C TYR A 48 6.22 8.15 7.94
N ARG A 49 5.03 8.73 7.73
CA ARG A 49 3.79 8.03 8.05
C ARG A 49 3.74 6.67 7.36
N VAL A 50 4.02 6.67 6.06
CA VAL A 50 4.01 5.43 5.28
C VAL A 50 5.10 4.48 5.74
N ARG A 51 6.36 4.93 5.63
CA ARG A 51 7.49 4.13 6.04
C ARG A 51 7.29 3.55 7.45
N GLU A 52 6.68 4.36 8.31
CA GLU A 52 6.43 3.93 9.68
C GLU A 52 5.31 2.89 9.74
N ILE A 53 4.16 3.23 9.17
CA ILE A 53 3.03 2.32 9.15
C ILE A 53 3.44 0.92 8.68
N THR A 54 4.32 0.88 7.69
CA THR A 54 4.80 -0.38 7.15
C THR A 54 5.75 -1.07 8.13
N GLU A 55 6.84 -0.40 8.48
CA GLU A 55 7.82 -0.95 9.40
C GLU A 55 7.16 -1.43 10.69
N ASN A 56 6.10 -0.73 11.09
CA ASN A 56 5.36 -1.08 12.30
C ASN A 56 4.27 -2.11 12.00
N LEU A 57 3.85 -2.17 10.74
CA LEU A 57 2.82 -3.10 10.32
C LEU A 57 3.28 -4.55 10.52
N MET A 58 4.35 -4.93 9.82
CA MET A 58 4.89 -6.27 9.93
C MET A 58 5.72 -6.44 11.19
N ALA A 59 6.03 -5.31 11.84
CA ALA A 59 6.81 -5.32 13.06
C ALA A 59 6.28 -6.35 14.05
N THR A 60 4.99 -6.65 13.94
CA THR A 60 4.35 -7.62 14.84
C THR A 60 4.08 -8.93 14.10
N GLY A 61 3.31 -8.86 13.02
CA GLY A 61 2.99 -10.05 12.26
C GLY A 61 1.95 -9.79 11.19
N ASP A 62 2.09 -8.67 10.48
CA ASP A 62 1.16 -8.31 9.42
C ASP A 62 1.62 -8.87 8.07
N LEU A 63 2.86 -8.58 7.71
CA LEU A 63 3.43 -9.06 6.45
C LEU A 63 4.21 -10.35 6.66
N ASP A 64 3.79 -11.15 7.63
CA ASP A 64 4.47 -12.41 7.94
C ASP A 64 4.25 -13.42 6.81
N GLN A 65 3.37 -13.08 5.88
CA GLN A 65 3.07 -13.97 4.75
C GLN A 65 4.28 -14.11 3.83
N ASP A 66 5.14 -13.10 3.85
CA ASP A 66 6.34 -13.11 3.01
C ASP A 66 7.16 -11.84 3.23
N GLY A 67 6.49 -10.75 3.59
CA GLY A 67 7.17 -9.50 3.81
C GLY A 67 6.77 -8.44 2.81
N ARG A 68 6.05 -8.84 1.76
CA ARG A 68 5.62 -7.92 0.73
C ARG A 68 4.40 -7.13 1.18
N ILE A 69 3.77 -6.43 0.24
CA ILE A 69 2.58 -5.63 0.55
C ILE A 69 1.62 -5.61 -0.63
N SER A 70 0.45 -6.22 -0.44
CA SER A 70 -0.57 -6.26 -1.50
C SER A 70 -1.40 -4.99 -1.51
N PHE A 71 -1.99 -4.69 -2.66
CA PHE A 71 -2.82 -3.50 -2.80
C PHE A 71 -3.77 -3.34 -1.62
N ASP A 72 -4.27 -4.47 -1.12
CA ASP A 72 -5.19 -4.46 0.00
C ASP A 72 -4.58 -3.71 1.20
N GLU A 73 -3.41 -4.16 1.62
CA GLU A 73 -2.72 -3.54 2.75
C GLU A 73 -2.56 -2.05 2.53
N PHE A 74 -2.09 -1.67 1.34
CA PHE A 74 -1.88 -0.27 1.00
C PHE A 74 -3.15 0.54 1.28
N ILE A 75 -4.27 0.09 0.76
CA ILE A 75 -5.54 0.78 0.95
C ILE A 75 -5.86 0.93 2.43
N LYS A 76 -5.83 -0.18 3.15
CA LYS A 76 -6.11 -0.17 4.59
C LYS A 76 -5.29 0.92 5.29
N ILE A 77 -4.05 1.09 4.86
CA ILE A 77 -3.18 2.10 5.45
C ILE A 77 -3.60 3.51 5.03
N PHE A 78 -4.03 3.65 3.79
CA PHE A 78 -4.46 4.94 3.26
C PHE A 78 -5.77 5.38 3.91
N HIS A 79 -6.54 4.41 4.39
CA HIS A 79 -7.81 4.70 5.05
C HIS A 79 -7.63 4.90 6.54
N GLY A 80 -6.69 4.15 7.13
CA GLY A 80 -6.43 4.27 8.54
C GLY A 80 -7.67 4.02 9.38
N LEU A 81 -8.32 2.88 9.17
CA LEU A 81 -9.52 2.52 9.90
C LEU A 81 -9.53 1.04 10.26
N LYS A 82 -9.77 0.75 11.53
CA LYS A 82 -9.81 -0.64 12.01
C LYS A 82 -10.77 -1.47 11.16
N MET A 1 -10.04 -8.22 -7.05
CA MET A 1 -10.70 -9.45 -6.65
C MET A 1 -11.62 -9.21 -5.45
N ALA A 2 -11.29 -8.20 -4.65
CA ALA A 2 -12.08 -7.88 -3.47
C ALA A 2 -12.85 -6.57 -3.67
N ARG A 3 -13.55 -6.14 -2.63
CA ARG A 3 -14.34 -4.92 -2.69
C ARG A 3 -13.43 -3.68 -2.64
N GLY A 4 -12.90 -3.40 -1.45
CA GLY A 4 -12.03 -2.26 -1.28
C GLY A 4 -12.55 -1.28 -0.25
N SER A 5 -11.78 -0.22 0.00
CA SER A 5 -12.17 0.79 0.97
C SER A 5 -12.15 2.18 0.35
N VAL A 6 -11.01 2.54 -0.25
CA VAL A 6 -10.87 3.84 -0.89
C VAL A 6 -11.98 4.09 -1.90
N SER A 7 -12.41 5.35 -2.00
CA SER A 7 -13.47 5.72 -2.92
C SER A 7 -13.07 5.42 -4.36
N ASP A 8 -13.98 5.65 -5.29
CA ASP A 8 -13.73 5.40 -6.70
C ASP A 8 -12.55 6.24 -7.19
N GLU A 9 -12.55 7.52 -6.84
CA GLU A 9 -11.48 8.43 -7.24
C GLU A 9 -10.11 7.88 -6.83
N GLU A 10 -9.94 7.67 -5.52
CA GLU A 10 -8.69 7.14 -5.00
C GLU A 10 -8.39 5.75 -5.56
N MET A 11 -9.29 4.81 -5.28
CA MET A 11 -9.13 3.45 -5.75
C MET A 11 -8.56 3.42 -7.16
N MET A 12 -9.05 4.32 -8.02
CA MET A 12 -8.59 4.40 -9.39
C MET A 12 -7.14 4.89 -9.45
N GLU A 13 -6.87 5.97 -8.72
CA GLU A 13 -5.53 6.55 -8.69
C GLU A 13 -4.55 5.61 -7.98
N LEU A 14 -4.84 5.31 -6.71
CA LEU A 14 -3.98 4.43 -5.93
C LEU A 14 -3.63 3.17 -6.71
N ARG A 15 -4.64 2.56 -7.33
CA ARG A 15 -4.44 1.35 -8.11
C ARG A 15 -3.49 1.61 -9.28
N GLU A 16 -3.74 2.71 -10.01
CA GLU A 16 -2.93 3.06 -11.15
C GLU A 16 -1.45 3.04 -10.79
N ALA A 17 -1.07 3.83 -9.79
CA ALA A 17 0.32 3.91 -9.34
C ALA A 17 0.81 2.55 -8.86
N PHE A 18 0.07 1.97 -7.92
CA PHE A 18 0.43 0.67 -7.36
C PHE A 18 0.91 -0.29 -8.45
N ALA A 19 0.07 -0.51 -9.45
CA ALA A 19 0.42 -1.39 -10.57
C ALA A 19 1.77 -1.02 -11.15
N LYS A 20 2.00 0.27 -11.37
CA LYS A 20 3.25 0.75 -11.92
C LYS A 20 4.44 0.28 -11.08
N VAL A 21 4.19 0.10 -9.78
CA VAL A 21 5.23 -0.34 -8.86
C VAL A 21 5.01 -1.79 -8.43
N ASP A 22 4.02 -2.43 -9.03
CA ASP A 22 3.70 -3.82 -8.71
C ASP A 22 4.15 -4.75 -9.84
N THR A 23 5.41 -4.59 -10.25
CA THR A 23 5.97 -5.42 -11.32
C THR A 23 6.44 -6.77 -10.79
N ASP A 24 6.14 -7.03 -9.52
CA ASP A 24 6.53 -8.29 -8.88
C ASP A 24 5.89 -9.48 -9.60
N GLY A 25 4.87 -9.20 -10.40
CA GLY A 25 4.19 -10.26 -11.12
C GLY A 25 3.44 -11.20 -10.21
N ASN A 26 3.30 -10.82 -8.94
CA ASN A 26 2.60 -11.64 -7.96
C ASN A 26 1.31 -10.96 -7.50
N GLY A 27 1.21 -9.65 -7.75
CA GLY A 27 0.03 -8.91 -7.36
C GLY A 27 0.31 -7.96 -6.21
N TYR A 28 1.39 -8.21 -5.48
CA TYR A 28 1.76 -7.36 -4.34
C TYR A 28 3.11 -6.71 -4.58
N ILE A 29 3.26 -5.48 -4.07
CA ILE A 29 4.50 -4.74 -4.21
C ILE A 29 5.41 -4.94 -2.99
N SER A 30 6.60 -4.36 -3.04
CA SER A 30 7.56 -4.47 -1.95
C SER A 30 7.53 -3.23 -1.07
N PHE A 31 8.12 -3.33 0.11
CA PHE A 31 8.17 -2.20 1.04
C PHE A 31 8.58 -0.92 0.33
N ASN A 32 9.77 -0.95 -0.29
CA ASN A 32 10.27 0.21 -1.00
C ASN A 32 9.26 0.72 -2.02
N GLU A 33 8.70 -0.22 -2.79
CA GLU A 33 7.71 0.13 -3.81
C GLU A 33 6.50 0.82 -3.19
N LEU A 34 6.09 0.35 -2.02
CA LEU A 34 4.95 0.91 -1.31
C LEU A 34 5.16 2.40 -1.04
N ASN A 35 6.18 2.70 -0.24
CA ASN A 35 6.49 4.08 0.10
C ASN A 35 6.52 4.96 -1.15
N ASP A 36 7.21 4.49 -2.18
CA ASP A 36 7.31 5.23 -3.43
C ASP A 36 5.95 5.41 -4.08
N LEU A 37 5.10 4.39 -3.94
CA LEU A 37 3.75 4.44 -4.50
C LEU A 37 2.89 5.47 -3.79
N PHE A 38 3.10 5.60 -2.48
CA PHE A 38 2.34 6.55 -1.67
C PHE A 38 2.61 7.98 -2.13
N LYS A 39 3.88 8.32 -2.28
CA LYS A 39 4.27 9.66 -2.72
C LYS A 39 4.03 9.84 -4.21
N ALA A 40 4.17 8.75 -4.96
CA ALA A 40 3.95 8.79 -6.41
C ALA A 40 2.47 8.96 -6.74
N ALA A 41 1.62 8.53 -5.83
CA ALA A 41 0.18 8.64 -6.04
C ALA A 41 -0.35 9.97 -5.49
N CYS A 42 0.56 10.87 -5.18
CA CYS A 42 0.19 12.18 -4.64
C CYS A 42 -0.79 12.04 -3.49
N LEU A 43 -0.41 11.25 -2.49
CA LEU A 43 -1.25 11.03 -1.32
C LEU A 43 -1.01 12.11 -0.27
N PRO A 44 -1.96 12.23 0.68
CA PRO A 44 -1.88 13.22 1.76
C PRO A 44 -0.78 12.88 2.77
N LEU A 45 -0.78 11.63 3.23
CA LEU A 45 0.22 11.18 4.20
C LEU A 45 1.63 11.47 3.71
N PRO A 46 2.50 11.88 4.63
CA PRO A 46 3.90 12.20 4.32
C PRO A 46 4.71 10.96 3.96
N GLY A 47 6.03 11.12 3.89
CA GLY A 47 6.89 10.00 3.57
C GLY A 47 7.19 9.12 4.76
N TYR A 48 7.41 9.75 5.92
CA TYR A 48 7.71 9.01 7.14
C TYR A 48 6.48 8.23 7.61
N ARG A 49 5.32 8.84 7.48
CA ARG A 49 4.07 8.21 7.90
C ARG A 49 3.92 6.83 7.26
N VAL A 50 4.15 6.76 5.96
CA VAL A 50 4.04 5.51 5.22
C VAL A 50 5.13 4.53 5.65
N ARG A 51 6.38 4.98 5.61
CA ARG A 51 7.51 4.15 5.99
C ARG A 51 7.30 3.56 7.38
N GLU A 52 6.88 4.40 8.32
CA GLU A 52 6.64 3.96 9.70
C GLU A 52 5.47 2.99 9.76
N ILE A 53 4.36 3.37 9.14
CA ILE A 53 3.17 2.53 9.13
C ILE A 53 3.50 1.10 8.71
N THR A 54 4.33 0.98 7.66
CA THR A 54 4.72 -0.33 7.15
C THR A 54 5.68 -1.01 8.11
N GLU A 55 6.81 -0.36 8.39
CA GLU A 55 7.81 -0.92 9.28
C GLU A 55 7.19 -1.34 10.61
N ASN A 56 6.17 -0.60 11.04
CA ASN A 56 5.49 -0.90 12.30
C ASN A 56 4.35 -1.90 12.06
N LEU A 57 3.88 -1.96 10.83
CA LEU A 57 2.80 -2.88 10.47
C LEU A 57 3.22 -4.33 10.67
N MET A 58 4.26 -4.74 9.94
CA MET A 58 4.77 -6.10 10.03
C MET A 58 5.73 -6.24 11.21
N ALA A 59 6.06 -5.12 11.84
CA ALA A 59 6.97 -5.12 12.98
C ALA A 59 6.61 -6.22 13.97
N THR A 60 5.33 -6.60 13.99
CA THR A 60 4.86 -7.65 14.88
C THR A 60 4.57 -8.94 14.13
N GLY A 61 3.71 -8.86 13.13
CA GLY A 61 3.36 -10.03 12.34
C GLY A 61 2.24 -9.77 11.37
N ASP A 62 2.31 -8.66 10.67
CA ASP A 62 1.28 -8.29 9.70
C ASP A 62 1.65 -8.78 8.30
N LEU A 63 2.83 -8.39 7.83
CA LEU A 63 3.30 -8.79 6.51
C LEU A 63 4.21 -10.02 6.61
N ASP A 64 4.48 -10.45 7.83
CA ASP A 64 5.33 -11.61 8.05
C ASP A 64 4.86 -12.80 7.22
N GLN A 65 3.59 -12.78 6.84
CA GLN A 65 3.02 -13.86 6.03
C GLN A 65 3.90 -14.15 4.82
N ASP A 66 4.53 -13.11 4.29
CA ASP A 66 5.40 -13.25 3.13
C ASP A 66 6.47 -12.17 3.11
N GLY A 67 6.09 -10.96 3.48
CA GLY A 67 7.03 -9.85 3.52
C GLY A 67 6.70 -8.79 2.48
N ARG A 68 5.80 -9.11 1.56
CA ARG A 68 5.40 -8.17 0.52
C ARG A 68 4.21 -7.33 0.98
N ILE A 69 3.60 -6.62 0.03
CA ILE A 69 2.45 -5.78 0.34
C ILE A 69 1.47 -5.74 -0.82
N SER A 70 0.34 -6.42 -0.68
CA SER A 70 -0.67 -6.47 -1.72
C SER A 70 -1.51 -5.19 -1.71
N PHE A 71 -2.06 -4.84 -2.87
CA PHE A 71 -2.89 -3.64 -3.00
C PHE A 71 -3.90 -3.56 -1.85
N ASP A 72 -4.41 -4.71 -1.44
CA ASP A 72 -5.38 -4.76 -0.35
C ASP A 72 -4.84 -4.06 0.90
N GLU A 73 -3.65 -4.46 1.33
CA GLU A 73 -3.03 -3.88 2.51
C GLU A 73 -2.85 -2.37 2.34
N PHE A 74 -2.35 -1.97 1.19
CA PHE A 74 -2.13 -0.55 0.90
C PHE A 74 -3.39 0.25 1.16
N ILE A 75 -4.51 -0.18 0.57
CA ILE A 75 -5.78 0.51 0.74
C ILE A 75 -6.16 0.60 2.21
N LYS A 76 -6.25 -0.55 2.87
CA LYS A 76 -6.60 -0.62 4.28
C LYS A 76 -5.68 0.28 5.11
N ILE A 77 -4.44 0.42 4.65
CA ILE A 77 -3.46 1.25 5.34
C ILE A 77 -3.72 2.73 5.10
N PHE A 78 -3.97 3.08 3.85
CA PHE A 78 -4.24 4.47 3.48
C PHE A 78 -5.49 4.99 4.19
N HIS A 79 -6.50 4.11 4.32
CA HIS A 79 -7.74 4.48 4.97
C HIS A 79 -7.60 4.40 6.49
N GLY A 80 -6.83 3.43 6.96
CA GLY A 80 -6.63 3.26 8.39
C GLY A 80 -7.93 3.04 9.12
N LEU A 81 -8.80 2.21 8.55
CA LEU A 81 -10.09 1.92 9.17
C LEU A 81 -10.45 0.44 9.01
N LYS A 82 -10.92 -0.17 10.09
CA LYS A 82 -11.29 -1.58 10.07
C LYS A 82 -12.29 -1.85 8.95
N MET A 1 -9.64 -7.56 -3.64
CA MET A 1 -9.23 -7.57 -2.24
C MET A 1 -8.86 -6.17 -1.76
N ALA A 2 -9.71 -5.61 -0.89
CA ALA A 2 -9.48 -4.29 -0.35
C ALA A 2 -10.17 -4.12 1.00
N ARG A 3 -9.54 -3.36 1.90
CA ARG A 3 -10.09 -3.13 3.22
C ARG A 3 -10.56 -1.69 3.36
N GLY A 4 -9.64 -0.74 3.24
CA GLY A 4 -9.98 0.66 3.35
C GLY A 4 -11.12 1.06 2.43
N SER A 5 -11.27 0.33 1.33
CA SER A 5 -12.32 0.61 0.37
C SER A 5 -12.31 2.08 -0.04
N VAL A 6 -11.14 2.55 -0.46
CA VAL A 6 -10.99 3.94 -0.89
C VAL A 6 -12.06 4.33 -1.90
N SER A 7 -12.40 5.61 -1.93
CA SER A 7 -13.41 6.12 -2.85
C SER A 7 -13.06 5.76 -4.29
N ASP A 8 -14.04 5.87 -5.18
CA ASP A 8 -13.83 5.57 -6.60
C ASP A 8 -12.63 6.34 -7.15
N GLU A 9 -12.61 7.64 -6.88
CA GLU A 9 -11.52 8.50 -7.35
C GLU A 9 -10.16 7.90 -6.98
N GLU A 10 -9.93 7.73 -5.68
CA GLU A 10 -8.67 7.17 -5.20
C GLU A 10 -8.47 5.76 -5.72
N MET A 11 -9.41 4.88 -5.39
CA MET A 11 -9.34 3.48 -5.84
C MET A 11 -8.76 3.38 -7.24
N MET A 12 -9.22 4.26 -8.13
CA MET A 12 -8.76 4.27 -9.51
C MET A 12 -7.31 4.73 -9.59
N GLU A 13 -7.03 5.88 -8.98
CA GLU A 13 -5.68 6.43 -8.98
C GLU A 13 -4.71 5.53 -8.23
N LEU A 14 -4.99 5.32 -6.94
CA LEU A 14 -4.15 4.46 -6.11
C LEU A 14 -3.80 3.16 -6.82
N ARG A 15 -4.83 2.51 -7.36
CA ARG A 15 -4.65 1.25 -8.08
C ARG A 15 -3.70 1.43 -9.26
N GLU A 16 -3.90 2.51 -10.01
CA GLU A 16 -3.07 2.79 -11.17
C GLU A 16 -1.60 2.80 -10.80
N ALA A 17 -1.25 3.58 -9.77
CA ALA A 17 0.12 3.69 -9.32
C ALA A 17 0.62 2.34 -8.77
N PHE A 18 -0.12 1.80 -7.80
CA PHE A 18 0.25 0.53 -7.19
C PHE A 18 0.71 -0.46 -8.25
N ALA A 19 -0.13 -0.70 -9.25
CA ALA A 19 0.22 -1.62 -10.33
C ALA A 19 1.57 -1.31 -10.92
N LYS A 20 1.81 -0.03 -11.19
CA LYS A 20 3.08 0.41 -11.77
C LYS A 20 4.25 -0.04 -10.91
N VAL A 21 4.00 -0.17 -9.61
CA VAL A 21 5.04 -0.59 -8.68
C VAL A 21 4.79 -2.02 -8.19
N ASP A 22 3.79 -2.68 -8.77
CA ASP A 22 3.46 -4.04 -8.40
C ASP A 22 3.97 -5.03 -9.45
N THR A 23 5.22 -4.85 -9.87
CA THR A 23 5.82 -5.72 -10.88
C THR A 23 6.37 -6.99 -10.24
N ASP A 24 6.10 -7.17 -8.95
CA ASP A 24 6.56 -8.34 -8.23
C ASP A 24 5.95 -9.61 -8.81
N GLY A 25 4.89 -9.45 -9.60
CA GLY A 25 4.23 -10.58 -10.21
C GLY A 25 3.55 -11.47 -9.19
N ASN A 26 3.44 -10.98 -7.96
CA ASN A 26 2.82 -11.74 -6.89
C ASN A 26 1.51 -11.09 -6.45
N GLY A 27 1.33 -9.83 -6.82
CA GLY A 27 0.12 -9.11 -6.47
C GLY A 27 0.37 -8.03 -5.43
N TYR A 28 1.53 -8.10 -4.78
CA TYR A 28 1.89 -7.12 -3.76
C TYR A 28 3.12 -6.33 -4.17
N ILE A 29 3.49 -5.35 -3.35
CA ILE A 29 4.66 -4.52 -3.63
C ILE A 29 5.57 -4.44 -2.42
N SER A 30 6.88 -4.55 -2.66
CA SER A 30 7.86 -4.49 -1.59
C SER A 30 7.75 -3.18 -0.82
N PHE A 31 8.37 -3.14 0.36
CA PHE A 31 8.34 -1.95 1.19
C PHE A 31 8.70 -0.71 0.38
N ASN A 32 9.89 -0.71 -0.21
CA ASN A 32 10.35 0.42 -1.01
C ASN A 32 9.30 0.81 -2.05
N GLU A 33 8.77 -0.17 -2.76
CA GLU A 33 7.76 0.08 -3.78
C GLU A 33 6.56 0.81 -3.18
N LEU A 34 6.13 0.37 -1.99
CA LEU A 34 4.99 0.99 -1.32
C LEU A 34 5.22 2.49 -1.13
N ASN A 35 6.28 2.83 -0.40
CA ASN A 35 6.62 4.22 -0.14
C ASN A 35 6.59 5.04 -1.43
N ASP A 36 7.22 4.51 -2.46
CA ASP A 36 7.26 5.19 -3.76
C ASP A 36 5.86 5.36 -4.34
N LEU A 37 5.01 4.38 -4.08
CA LEU A 37 3.63 4.41 -4.57
C LEU A 37 2.82 5.49 -3.86
N PHE A 38 3.12 5.70 -2.58
CA PHE A 38 2.42 6.72 -1.79
C PHE A 38 2.74 8.12 -2.30
N LYS A 39 4.00 8.34 -2.66
CA LYS A 39 4.45 9.63 -3.16
C LYS A 39 4.12 9.79 -4.63
N ALA A 40 4.29 8.71 -5.39
CA ALA A 40 4.02 8.72 -6.81
C ALA A 40 2.54 8.95 -7.09
N ALA A 41 1.70 8.47 -6.18
CA ALA A 41 0.25 8.63 -6.32
C ALA A 41 -0.22 9.96 -5.73
N CYS A 42 0.73 10.81 -5.37
CA CYS A 42 0.41 12.11 -4.79
C CYS A 42 -0.53 11.96 -3.61
N LEU A 43 -0.15 11.12 -2.65
CA LEU A 43 -0.97 10.88 -1.47
C LEU A 43 -0.72 11.97 -0.42
N PRO A 44 -1.71 12.16 0.47
CA PRO A 44 -1.62 13.16 1.54
C PRO A 44 -0.61 12.78 2.61
N LEU A 45 -0.69 11.54 3.08
CA LEU A 45 0.23 11.06 4.12
C LEU A 45 1.67 11.37 3.73
N PRO A 46 2.47 11.74 4.74
CA PRO A 46 3.89 12.07 4.54
C PRO A 46 4.73 10.84 4.21
N GLY A 47 6.05 11.01 4.23
CA GLY A 47 6.94 9.91 3.92
C GLY A 47 7.15 8.99 5.11
N TYR A 48 7.31 9.57 6.29
CA TYR A 48 7.52 8.80 7.50
C TYR A 48 6.27 7.99 7.86
N ARG A 49 5.11 8.59 7.66
CA ARG A 49 3.85 7.93 7.96
C ARG A 49 3.75 6.58 7.26
N VAL A 50 4.05 6.57 5.96
CA VAL A 50 4.01 5.34 5.18
C VAL A 50 5.07 4.35 5.65
N ARG A 51 6.33 4.77 5.58
CA ARG A 51 7.45 3.93 5.99
C ARG A 51 7.20 3.36 7.39
N GLU A 52 6.60 4.17 8.26
CA GLU A 52 6.32 3.74 9.62
C GLU A 52 5.19 2.71 9.65
N ILE A 53 4.05 3.07 9.07
CA ILE A 53 2.90 2.18 9.02
C ILE A 53 3.30 0.79 8.54
N THR A 54 4.21 0.74 7.57
CA THR A 54 4.67 -0.53 7.02
C THR A 54 5.58 -1.24 8.01
N GLU A 55 6.67 -0.58 8.39
CA GLU A 55 7.62 -1.16 9.33
C GLU A 55 6.92 -1.64 10.60
N ASN A 56 5.86 -0.94 10.98
CA ASN A 56 5.10 -1.30 12.17
C ASN A 56 4.01 -2.32 11.84
N LEU A 57 3.61 -2.36 10.57
CA LEU A 57 2.58 -3.28 10.12
C LEU A 57 3.06 -4.73 10.27
N MET A 58 4.14 -5.06 9.58
CA MET A 58 4.70 -6.41 9.63
C MET A 58 5.59 -6.59 10.86
N ALA A 59 5.84 -5.49 11.56
CA ALA A 59 6.67 -5.52 12.76
C ALA A 59 6.28 -6.68 13.67
N THR A 60 5.01 -7.09 13.59
CA THR A 60 4.51 -8.17 14.41
C THR A 60 4.33 -9.45 13.58
N GLY A 61 3.50 -9.36 12.54
CA GLY A 61 3.27 -10.50 11.69
C GLY A 61 2.19 -10.23 10.65
N ASP A 62 2.24 -9.06 10.04
CA ASP A 62 1.26 -8.69 9.02
C ASP A 62 1.72 -9.11 7.63
N LEU A 63 2.93 -8.70 7.26
CA LEU A 63 3.49 -9.03 5.96
C LEU A 63 4.46 -10.20 6.08
N ASP A 64 4.44 -10.88 7.21
CA ASP A 64 5.31 -12.03 7.45
C ASP A 64 5.19 -13.05 6.31
N GLN A 65 4.09 -12.99 5.59
CA GLN A 65 3.85 -13.90 4.48
C GLN A 65 5.05 -13.92 3.53
N ASP A 66 5.71 -12.78 3.40
CA ASP A 66 6.87 -12.66 2.53
C ASP A 66 7.62 -11.35 2.78
N GLY A 67 6.87 -10.32 3.16
CA GLY A 67 7.47 -9.02 3.42
C GLY A 67 6.99 -7.96 2.45
N ARG A 68 6.04 -8.31 1.59
CA ARG A 68 5.51 -7.37 0.61
C ARG A 68 4.21 -6.73 1.13
N ILE A 69 3.59 -5.93 0.27
CA ILE A 69 2.35 -5.26 0.64
C ILE A 69 1.35 -5.29 -0.51
N SER A 70 0.24 -6.01 -0.31
CA SER A 70 -0.79 -6.12 -1.33
C SER A 70 -1.65 -4.87 -1.38
N PHE A 71 -2.24 -4.59 -2.54
CA PHE A 71 -3.10 -3.42 -2.70
C PHE A 71 -4.04 -3.26 -1.52
N ASP A 72 -4.51 -4.38 -1.00
CA ASP A 72 -5.42 -4.38 0.14
C ASP A 72 -4.80 -3.64 1.33
N GLU A 73 -3.59 -4.02 1.68
CA GLU A 73 -2.88 -3.40 2.80
C GLU A 73 -2.72 -1.90 2.58
N PHE A 74 -2.23 -1.55 1.39
CA PHE A 74 -2.02 -0.13 1.04
C PHE A 74 -3.29 0.68 1.29
N ILE A 75 -4.40 0.21 0.74
CA ILE A 75 -5.68 0.90 0.89
C ILE A 75 -6.03 1.07 2.37
N LYS A 76 -6.09 -0.05 3.09
CA LYS A 76 -6.41 -0.02 4.50
C LYS A 76 -5.55 1.01 5.24
N ILE A 77 -4.32 1.17 4.79
CA ILE A 77 -3.41 2.13 5.40
C ILE A 77 -3.76 3.56 5.01
N PHE A 78 -4.11 3.75 3.75
CA PHE A 78 -4.48 5.07 3.25
C PHE A 78 -5.75 5.58 3.92
N HIS A 79 -6.62 4.65 4.31
CA HIS A 79 -7.87 5.00 4.97
C HIS A 79 -7.68 5.09 6.48
N GLY A 80 -6.81 4.24 7.02
CA GLY A 80 -6.56 4.24 8.45
C GLY A 80 -7.74 3.75 9.25
N LEU A 81 -8.20 2.54 8.96
CA LEU A 81 -9.35 1.97 9.66
C LEU A 81 -8.89 1.02 10.76
N LYS A 82 -9.05 1.45 12.01
CA LYS A 82 -8.65 0.64 13.15
C LYS A 82 -9.31 -0.74 13.09
N MET A 1 -12.03 -11.98 -6.39
CA MET A 1 -11.21 -10.78 -6.25
C MET A 1 -12.08 -9.53 -6.21
N ALA A 2 -12.67 -9.25 -5.05
CA ALA A 2 -13.52 -8.07 -4.88
C ALA A 2 -13.49 -7.58 -3.45
N ARG A 3 -12.79 -6.46 -3.23
CA ARG A 3 -12.70 -5.88 -1.89
C ARG A 3 -11.94 -4.56 -1.93
N GLY A 4 -12.11 -3.75 -0.90
CA GLY A 4 -11.43 -2.47 -0.84
C GLY A 4 -12.05 -1.53 0.19
N SER A 5 -11.61 -0.28 0.19
CA SER A 5 -12.11 0.71 1.14
C SER A 5 -12.13 2.10 0.50
N VAL A 6 -11.03 2.46 -0.15
CA VAL A 6 -10.91 3.76 -0.79
C VAL A 6 -12.03 3.98 -1.80
N SER A 7 -12.46 5.23 -1.96
CA SER A 7 -13.53 5.57 -2.88
C SER A 7 -13.10 5.29 -4.32
N ASP A 8 -14.02 5.53 -5.25
CA ASP A 8 -13.76 5.30 -6.67
C ASP A 8 -12.58 6.15 -7.13
N GLU A 9 -12.61 7.44 -6.81
CA GLU A 9 -11.54 8.36 -7.20
C GLU A 9 -10.18 7.81 -6.78
N GLU A 10 -10.01 7.61 -5.47
CA GLU A 10 -8.75 7.10 -4.95
C GLU A 10 -8.44 5.71 -5.51
N MET A 11 -9.33 4.76 -5.23
CA MET A 11 -9.16 3.39 -5.71
C MET A 11 -8.58 3.38 -7.12
N MET A 12 -9.08 4.28 -7.97
CA MET A 12 -8.62 4.37 -9.35
C MET A 12 -7.17 4.88 -9.40
N GLU A 13 -6.91 5.95 -8.66
CA GLU A 13 -5.57 6.54 -8.63
C GLU A 13 -4.59 5.61 -7.93
N LEU A 14 -4.88 5.29 -6.68
CA LEU A 14 -4.02 4.41 -5.89
C LEU A 14 -3.65 3.16 -6.69
N ARG A 15 -4.66 2.54 -7.30
CA ARG A 15 -4.44 1.34 -8.09
C ARG A 15 -3.50 1.61 -9.25
N GLU A 16 -3.76 2.69 -9.98
CA GLU A 16 -2.93 3.07 -11.12
C GLU A 16 -1.45 3.05 -10.74
N ALA A 17 -1.09 3.87 -9.76
CA ALA A 17 0.29 3.95 -9.31
C ALA A 17 0.79 2.60 -8.82
N PHE A 18 0.07 2.01 -7.88
CA PHE A 18 0.43 0.71 -7.32
C PHE A 18 0.92 -0.23 -8.42
N ALA A 19 0.08 -0.45 -9.43
CA ALA A 19 0.42 -1.32 -10.54
C ALA A 19 1.78 -0.96 -11.12
N LYS A 20 2.00 0.34 -11.35
CA LYS A 20 3.26 0.82 -11.90
C LYS A 20 4.44 0.35 -11.06
N VAL A 21 4.20 0.15 -9.76
CA VAL A 21 5.24 -0.30 -8.85
C VAL A 21 5.02 -1.75 -8.44
N ASP A 22 4.02 -2.39 -9.04
CA ASP A 22 3.71 -3.78 -8.73
C ASP A 22 4.16 -4.70 -9.85
N THR A 23 5.43 -4.55 -10.25
CA THR A 23 6.00 -5.37 -11.31
C THR A 23 6.44 -6.73 -10.78
N ASP A 24 6.12 -7.00 -9.52
CA ASP A 24 6.49 -8.27 -8.89
C ASP A 24 5.84 -9.44 -9.62
N GLY A 25 4.83 -9.15 -10.43
CA GLY A 25 4.15 -10.19 -11.17
C GLY A 25 3.39 -11.14 -10.27
N ASN A 26 3.26 -10.77 -9.00
CA ASN A 26 2.55 -11.60 -8.02
C ASN A 26 1.27 -10.93 -7.56
N GLY A 27 1.18 -9.62 -7.79
CA GLY A 27 0.00 -8.88 -7.39
C GLY A 27 0.28 -7.94 -6.23
N TYR A 28 1.36 -8.20 -5.51
CA TYR A 28 1.74 -7.37 -4.37
C TYR A 28 3.10 -6.71 -4.60
N ILE A 29 3.25 -5.50 -4.08
CA ILE A 29 4.49 -4.76 -4.23
C ILE A 29 5.39 -4.96 -3.01
N SER A 30 6.59 -4.39 -3.07
CA SER A 30 7.55 -4.51 -1.97
C SER A 30 7.53 -3.27 -1.09
N PHE A 31 8.10 -3.39 0.10
CA PHE A 31 8.15 -2.27 1.04
C PHE A 31 8.57 -0.98 0.34
N ASN A 32 9.75 -1.01 -0.26
CA ASN A 32 10.28 0.15 -0.97
C ASN A 32 9.28 0.66 -2.00
N GLU A 33 8.70 -0.25 -2.77
CA GLU A 33 7.73 0.11 -3.79
C GLU A 33 6.52 0.81 -3.16
N LEU A 34 6.09 0.30 -2.02
CA LEU A 34 4.94 0.88 -1.32
C LEU A 34 5.17 2.36 -1.03
N ASN A 35 6.19 2.65 -0.23
CA ASN A 35 6.51 4.03 0.14
C ASN A 35 6.54 4.92 -1.11
N ASP A 36 7.27 4.49 -2.12
CA ASP A 36 7.38 5.24 -3.37
C ASP A 36 6.01 5.42 -4.01
N LEU A 37 5.17 4.40 -3.91
CA LEU A 37 3.84 4.44 -4.49
C LEU A 37 2.98 5.51 -3.80
N PHE A 38 3.19 5.67 -2.50
CA PHE A 38 2.44 6.65 -1.72
C PHE A 38 2.78 8.07 -2.17
N LYS A 39 4.06 8.32 -2.38
CA LYS A 39 4.53 9.64 -2.81
C LYS A 39 4.10 9.92 -4.25
N ALA A 40 4.45 9.01 -5.16
CA ALA A 40 4.11 9.15 -6.56
C ALA A 40 2.60 9.25 -6.75
N ALA A 41 1.85 8.75 -5.77
CA ALA A 41 0.40 8.78 -5.83
C ALA A 41 -0.14 10.12 -5.37
N CYS A 42 0.76 11.04 -5.03
CA CYS A 42 0.37 12.37 -4.57
C CYS A 42 -0.56 12.26 -3.36
N LEU A 43 -0.41 11.20 -2.59
CA LEU A 43 -1.25 10.99 -1.41
C LEU A 43 -0.98 12.07 -0.36
N PRO A 44 -1.92 12.21 0.58
CA PRO A 44 -1.82 13.21 1.66
C PRO A 44 -0.73 12.85 2.67
N LEU A 45 -0.76 11.62 3.15
CA LEU A 45 0.22 11.16 4.12
C LEU A 45 1.65 11.44 3.63
N PRO A 46 2.52 11.86 4.56
CA PRO A 46 3.93 12.16 4.24
C PRO A 46 4.73 10.92 3.89
N GLY A 47 6.05 11.07 3.84
CA GLY A 47 6.91 9.95 3.51
C GLY A 47 7.19 9.07 4.72
N TYR A 48 7.40 9.70 5.87
CA TYR A 48 7.69 8.96 7.10
C TYR A 48 6.45 8.20 7.58
N ARG A 49 5.29 8.82 7.44
CA ARG A 49 4.04 8.20 7.86
C ARG A 49 3.87 6.83 7.20
N VAL A 50 4.10 6.77 5.90
CA VAL A 50 3.97 5.53 5.15
C VAL A 50 5.04 4.53 5.55
N ARG A 51 6.30 4.93 5.41
CA ARG A 51 7.43 4.08 5.76
C ARG A 51 7.28 3.55 7.18
N GLU A 52 6.77 4.39 8.08
CA GLU A 52 6.59 4.01 9.47
C GLU A 52 5.43 3.01 9.61
N ILE A 53 4.27 3.38 9.08
CA ILE A 53 3.10 2.52 9.14
C ILE A 53 3.44 1.09 8.71
N THR A 54 4.25 0.97 7.68
CA THR A 54 4.65 -0.34 7.17
C THR A 54 5.63 -1.02 8.11
N GLU A 55 6.75 -0.34 8.38
CA GLU A 55 7.77 -0.89 9.27
C GLU A 55 7.15 -1.32 10.60
N ASN A 56 6.15 -0.58 11.05
CA ASN A 56 5.47 -0.89 12.30
C ASN A 56 4.34 -1.89 12.09
N LEU A 57 3.85 -1.97 10.86
CA LEU A 57 2.78 -2.89 10.52
C LEU A 57 3.21 -4.34 10.71
N MET A 58 4.26 -4.74 9.98
CA MET A 58 4.78 -6.10 10.06
C MET A 58 5.75 -6.23 11.23
N ALA A 59 6.07 -5.10 11.86
CA ALA A 59 6.99 -5.10 12.99
C ALA A 59 6.64 -6.19 13.99
N THR A 60 5.37 -6.59 14.01
CA THR A 60 4.90 -7.63 14.92
C THR A 60 4.63 -8.93 14.17
N GLY A 61 3.74 -8.86 13.17
CA GLY A 61 3.41 -10.04 12.39
C GLY A 61 2.27 -9.80 11.43
N ASP A 62 2.33 -8.67 10.72
CA ASP A 62 1.29 -8.31 9.76
C ASP A 62 1.65 -8.82 8.37
N LEU A 63 2.83 -8.41 7.88
CA LEU A 63 3.29 -8.81 6.56
C LEU A 63 4.20 -10.03 6.66
N ASP A 64 4.48 -10.47 7.88
CA ASP A 64 5.34 -11.62 8.11
C ASP A 64 4.88 -12.81 7.26
N GLN A 65 3.61 -12.80 6.88
CA GLN A 65 3.04 -13.88 6.07
C GLN A 65 3.92 -14.16 4.86
N ASP A 66 4.54 -13.12 4.33
CA ASP A 66 5.41 -13.27 3.17
C ASP A 66 6.47 -12.17 3.15
N GLY A 67 6.07 -10.96 3.52
CA GLY A 67 7.00 -9.84 3.53
C GLY A 67 6.65 -8.78 2.53
N ARG A 68 5.83 -9.15 1.54
CA ARG A 68 5.41 -8.22 0.50
C ARG A 68 4.22 -7.37 0.97
N ILE A 69 3.61 -6.66 0.03
CA ILE A 69 2.46 -5.81 0.34
C ILE A 69 1.48 -5.76 -0.83
N SER A 70 0.35 -6.45 -0.68
CA SER A 70 -0.66 -6.47 -1.73
C SER A 70 -1.50 -5.21 -1.70
N PHE A 71 -2.07 -4.85 -2.85
CA PHE A 71 -2.90 -3.66 -2.96
C PHE A 71 -3.89 -3.58 -1.81
N ASP A 72 -4.39 -4.74 -1.38
CA ASP A 72 -5.36 -4.80 -0.29
C ASP A 72 -4.81 -4.11 0.96
N GLU A 73 -3.61 -4.51 1.37
CA GLU A 73 -2.98 -3.93 2.55
C GLU A 73 -2.80 -2.42 2.38
N PHE A 74 -2.35 -2.01 1.20
CA PHE A 74 -2.14 -0.60 0.91
C PHE A 74 -3.39 0.21 1.18
N ILE A 75 -4.51 -0.24 0.61
CA ILE A 75 -5.79 0.45 0.80
C ILE A 75 -6.16 0.54 2.27
N LYS A 76 -6.21 -0.61 2.94
CA LYS A 76 -6.55 -0.67 4.35
C LYS A 76 -5.66 0.28 5.16
N ILE A 77 -4.41 0.41 4.72
CA ILE A 77 -3.46 1.29 5.40
C ILE A 77 -3.79 2.76 5.16
N PHE A 78 -4.08 3.09 3.90
CA PHE A 78 -4.41 4.46 3.54
C PHE A 78 -5.73 4.90 4.18
N HIS A 79 -6.74 4.04 4.09
CA HIS A 79 -8.04 4.33 4.67
C HIS A 79 -7.98 4.30 6.20
N GLY A 80 -7.16 3.41 6.74
CA GLY A 80 -7.03 3.30 8.18
C GLY A 80 -7.98 2.26 8.76
N LEU A 81 -9.02 1.93 8.02
CA LEU A 81 -10.01 0.95 8.47
C LEU A 81 -10.26 -0.11 7.39
N LYS A 82 -10.16 -1.37 7.78
CA LYS A 82 -10.37 -2.48 6.85
C LYS A 82 -11.85 -2.57 6.46
N MET A 1 -17.00 -9.21 -7.07
CA MET A 1 -16.31 -7.93 -7.18
C MET A 1 -16.91 -6.90 -6.22
N ALA A 2 -16.37 -6.85 -5.01
CA ALA A 2 -16.84 -5.91 -3.99
C ALA A 2 -16.13 -4.57 -4.12
N ARG A 3 -14.88 -4.53 -3.67
CA ARG A 3 -14.09 -3.31 -3.72
C ARG A 3 -14.83 -2.15 -3.05
N GLY A 4 -14.95 -2.22 -1.73
CA GLY A 4 -15.63 -1.17 -0.99
C GLY A 4 -14.79 -0.63 0.15
N SER A 5 -13.48 -0.69 0.00
CA SER A 5 -12.57 -0.20 1.03
C SER A 5 -12.24 1.27 0.80
N VAL A 6 -11.47 1.56 -0.24
CA VAL A 6 -11.08 2.92 -0.56
C VAL A 6 -12.06 3.56 -1.53
N SER A 7 -12.24 4.88 -1.42
CA SER A 7 -13.16 5.59 -2.29
C SER A 7 -12.89 5.28 -3.75
N ASP A 8 -13.92 5.40 -4.58
CA ASP A 8 -13.80 5.12 -6.01
C ASP A 8 -12.65 5.92 -6.63
N GLU A 9 -12.68 7.24 -6.44
CA GLU A 9 -11.64 8.11 -6.98
C GLU A 9 -10.25 7.57 -6.65
N GLU A 10 -9.96 7.43 -5.36
CA GLU A 10 -8.67 6.92 -4.92
C GLU A 10 -8.40 5.55 -5.51
N MET A 11 -9.31 4.62 -5.29
CA MET A 11 -9.18 3.26 -5.80
C MET A 11 -8.57 3.27 -7.20
N MET A 12 -9.06 4.17 -8.04
CA MET A 12 -8.57 4.28 -9.42
C MET A 12 -7.14 4.80 -9.43
N GLU A 13 -6.88 5.87 -8.69
CA GLU A 13 -5.55 6.46 -8.63
C GLU A 13 -4.57 5.53 -7.92
N LEU A 14 -4.86 5.20 -6.67
CA LEU A 14 -4.00 4.32 -5.88
C LEU A 14 -3.63 3.08 -6.69
N ARG A 15 -4.63 2.45 -7.28
CA ARG A 15 -4.41 1.24 -8.07
C ARG A 15 -3.50 1.53 -9.26
N GLU A 16 -3.75 2.66 -9.93
CA GLU A 16 -2.95 3.05 -11.09
C GLU A 16 -1.46 3.01 -10.76
N ALA A 17 -1.06 3.80 -9.77
CA ALA A 17 0.34 3.85 -9.36
C ALA A 17 0.82 2.49 -8.89
N PHE A 18 0.10 1.90 -7.93
CA PHE A 18 0.46 0.60 -7.40
C PHE A 18 0.91 -0.35 -8.50
N ALA A 19 0.04 -0.53 -9.50
CA ALA A 19 0.35 -1.41 -10.62
C ALA A 19 1.70 -1.07 -11.23
N LYS A 20 1.94 0.22 -11.45
CA LYS A 20 3.20 0.68 -12.03
C LYS A 20 4.39 0.18 -11.21
N VAL A 21 4.15 -0.03 -9.91
CA VAL A 21 5.21 -0.52 -9.02
C VAL A 21 4.97 -1.96 -8.63
N ASP A 22 3.94 -2.57 -9.21
CA ASP A 22 3.61 -3.97 -8.91
C ASP A 22 4.00 -4.87 -10.07
N THR A 23 5.23 -4.73 -10.55
CA THR A 23 5.72 -5.54 -11.66
C THR A 23 6.18 -6.92 -11.18
N ASP A 24 5.95 -7.19 -9.90
CA ASP A 24 6.34 -8.47 -9.31
C ASP A 24 5.61 -9.63 -10.00
N GLY A 25 4.56 -9.30 -10.73
CA GLY A 25 3.80 -10.32 -11.42
C GLY A 25 3.09 -11.26 -10.47
N ASN A 26 3.02 -10.88 -9.20
CA ASN A 26 2.37 -11.70 -8.19
C ASN A 26 1.11 -11.02 -7.65
N GLY A 27 1.01 -9.71 -7.89
CA GLY A 27 -0.14 -8.97 -7.42
C GLY A 27 0.18 -8.05 -6.27
N TYR A 28 1.29 -8.32 -5.59
CA TYR A 28 1.71 -7.52 -4.45
C TYR A 28 3.07 -6.87 -4.71
N ILE A 29 3.25 -5.66 -4.21
CA ILE A 29 4.51 -4.93 -4.38
C ILE A 29 5.42 -5.14 -3.19
N SER A 30 6.64 -4.59 -3.28
CA SER A 30 7.62 -4.71 -2.21
C SER A 30 7.60 -3.49 -1.30
N PHE A 31 8.16 -3.63 -0.11
CA PHE A 31 8.21 -2.54 0.84
C PHE A 31 8.65 -1.24 0.17
N ASN A 32 9.82 -1.28 -0.48
CA ASN A 32 10.35 -0.11 -1.17
C ASN A 32 9.35 0.44 -2.17
N GLU A 33 8.74 -0.46 -2.95
CA GLU A 33 7.76 -0.06 -3.95
C GLU A 33 6.55 0.62 -3.29
N LEU A 34 6.15 0.09 -2.13
CA LEU A 34 5.02 0.65 -1.40
C LEU A 34 5.24 2.12 -1.09
N ASN A 35 6.26 2.41 -0.29
CA ASN A 35 6.58 3.78 0.08
C ASN A 35 6.63 4.68 -1.15
N ASP A 36 7.35 4.23 -2.17
CA ASP A 36 7.48 4.99 -3.41
C ASP A 36 6.12 5.20 -4.06
N LEU A 37 5.27 4.19 -3.99
CA LEU A 37 3.94 4.27 -4.58
C LEU A 37 3.10 5.35 -3.89
N PHE A 38 3.21 5.41 -2.56
CA PHE A 38 2.46 6.39 -1.78
C PHE A 38 2.75 7.81 -2.28
N LYS A 39 4.02 8.18 -2.33
CA LYS A 39 4.42 9.50 -2.79
C LYS A 39 4.21 9.64 -4.30
N ALA A 40 4.43 8.55 -5.02
CA ALA A 40 4.26 8.55 -6.47
C ALA A 40 2.81 8.80 -6.85
N ALA A 41 1.89 8.36 -5.99
CA ALA A 41 0.46 8.54 -6.24
C ALA A 41 -0.06 9.81 -5.59
N CYS A 42 0.86 10.74 -5.29
CA CYS A 42 0.49 12.00 -4.65
C CYS A 42 -0.39 11.76 -3.44
N LEU A 43 0.12 11.00 -2.48
CA LEU A 43 -0.62 10.70 -1.26
C LEU A 43 -0.57 11.86 -0.28
N PRO A 44 -1.65 12.03 0.50
CA PRO A 44 -1.74 13.10 1.50
C PRO A 44 -0.79 12.90 2.67
N LEU A 45 -0.65 11.65 3.09
CA LEU A 45 0.23 11.31 4.21
C LEU A 45 1.67 11.69 3.90
N PRO A 46 2.40 12.14 4.94
CA PRO A 46 3.81 12.54 4.80
C PRO A 46 4.72 11.35 4.53
N GLY A 47 6.03 11.60 4.60
CA GLY A 47 7.00 10.54 4.35
C GLY A 47 7.20 9.66 5.57
N TYR A 48 7.26 10.28 6.75
CA TYR A 48 7.46 9.54 7.99
C TYR A 48 6.24 8.67 8.31
N ARG A 49 5.06 9.19 8.00
CA ARG A 49 3.82 8.45 8.25
C ARG A 49 3.83 7.10 7.53
N VAL A 50 4.07 7.13 6.23
CA VAL A 50 4.11 5.91 5.44
C VAL A 50 5.18 4.95 5.95
N ARG A 51 6.40 5.44 6.05
CA ARG A 51 7.52 4.63 6.53
C ARG A 51 7.20 4.03 7.90
N GLU A 52 6.72 4.87 8.81
CA GLU A 52 6.38 4.41 10.15
C GLU A 52 5.27 3.37 10.12
N ILE A 53 4.20 3.68 9.38
CA ILE A 53 3.07 2.77 9.27
C ILE A 53 3.52 1.38 8.86
N THR A 54 4.53 1.31 8.00
CA THR A 54 5.06 0.04 7.52
C THR A 54 5.84 -0.66 8.63
N GLU A 55 6.87 0.01 9.15
CA GLU A 55 7.70 -0.57 10.20
C GLU A 55 6.83 -1.02 11.38
N ASN A 56 5.78 -0.26 11.66
CA ASN A 56 4.87 -0.59 12.75
C ASN A 56 3.89 -1.69 12.35
N LEU A 57 3.54 -1.70 11.06
CA LEU A 57 2.62 -2.71 10.54
C LEU A 57 3.19 -4.11 10.69
N MET A 58 4.27 -4.38 9.96
CA MET A 58 4.92 -5.69 10.01
C MET A 58 5.48 -5.96 11.40
N ALA A 59 5.51 -4.94 12.24
CA ALA A 59 6.02 -5.07 13.60
C ALA A 59 5.40 -6.28 14.29
N THR A 60 4.23 -6.69 13.83
CA THR A 60 3.54 -7.84 14.42
C THR A 60 3.32 -8.93 13.38
N GLY A 61 4.28 -9.09 12.48
CA GLY A 61 4.17 -10.10 11.45
C GLY A 61 3.04 -9.82 10.48
N ASP A 62 2.78 -8.54 10.23
CA ASP A 62 1.72 -8.14 9.32
C ASP A 62 2.15 -8.32 7.87
N LEU A 63 3.28 -7.73 7.52
CA LEU A 63 3.82 -7.82 6.16
C LEU A 63 4.84 -8.94 6.05
N ASP A 64 5.08 -9.63 7.17
CA ASP A 64 6.05 -10.72 7.20
C ASP A 64 5.40 -12.02 6.73
N GLN A 65 4.07 -12.05 6.72
CA GLN A 65 3.32 -13.23 6.29
C GLN A 65 3.87 -13.76 4.96
N ASP A 66 3.99 -12.87 3.98
CA ASP A 66 4.49 -13.24 2.67
C ASP A 66 5.75 -12.45 2.32
N GLY A 67 6.01 -11.38 3.07
CA GLY A 67 7.17 -10.56 2.82
C GLY A 67 6.85 -9.33 1.99
N ARG A 68 5.95 -9.50 1.03
CA ARG A 68 5.56 -8.40 0.15
C ARG A 68 4.33 -7.68 0.70
N ILE A 69 3.72 -6.84 -0.14
CA ILE A 69 2.54 -6.09 0.26
C ILE A 69 1.53 -6.00 -0.88
N SER A 70 0.38 -6.63 -0.72
CA SER A 70 -0.66 -6.62 -1.74
C SER A 70 -1.44 -5.31 -1.70
N PHE A 71 -2.05 -4.96 -2.83
CA PHE A 71 -2.83 -3.73 -2.91
C PHE A 71 -3.80 -3.62 -1.75
N ASP A 72 -4.31 -4.77 -1.29
CA ASP A 72 -5.25 -4.80 -0.17
C ASP A 72 -4.68 -4.07 1.04
N GLU A 73 -3.52 -4.50 1.49
CA GLU A 73 -2.87 -3.89 2.64
C GLU A 73 -2.71 -2.39 2.44
N PHE A 74 -2.23 -2.00 1.26
CA PHE A 74 -2.02 -0.60 0.93
C PHE A 74 -3.30 0.21 1.17
N ILE A 75 -4.41 -0.31 0.67
CA ILE A 75 -5.69 0.37 0.83
C ILE A 75 -6.05 0.52 2.31
N LYS A 76 -6.15 -0.61 3.01
CA LYS A 76 -6.48 -0.61 4.42
C LYS A 76 -5.62 0.40 5.18
N ILE A 77 -4.38 0.55 4.75
CA ILE A 77 -3.46 1.49 5.39
C ILE A 77 -3.84 2.93 5.09
N PHE A 78 -4.11 3.21 3.81
CA PHE A 78 -4.48 4.55 3.39
C PHE A 78 -5.71 5.04 4.16
N HIS A 79 -6.66 4.15 4.37
CA HIS A 79 -7.88 4.49 5.10
C HIS A 79 -7.63 4.51 6.60
N GLY A 80 -6.75 3.62 7.07
CA GLY A 80 -6.44 3.55 8.49
C GLY A 80 -7.61 3.05 9.31
N LEU A 81 -8.11 1.87 8.99
CA LEU A 81 -9.23 1.28 9.70
C LEU A 81 -8.75 0.27 10.74
N LYS A 82 -8.73 0.70 12.00
CA LYS A 82 -8.29 -0.17 13.10
C LYS A 82 -9.45 -0.53 14.00
N MET A 1 -10.00 -4.51 -4.14
CA MET A 1 -11.03 -4.99 -3.23
C MET A 1 -12.36 -4.29 -3.50
N ALA A 2 -13.36 -4.59 -2.68
CA ALA A 2 -14.68 -3.99 -2.82
C ALA A 2 -15.48 -4.09 -1.53
N ARG A 3 -16.75 -3.70 -1.59
CA ARG A 3 -17.61 -3.74 -0.41
C ARG A 3 -16.86 -3.31 0.84
N GLY A 4 -16.06 -2.26 0.71
CA GLY A 4 -15.28 -1.77 1.84
C GLY A 4 -13.84 -1.48 1.47
N SER A 5 -13.59 -0.29 0.95
CA SER A 5 -12.24 0.10 0.55
C SER A 5 -12.22 1.53 0.01
N VAL A 6 -11.06 1.96 -0.47
CA VAL A 6 -10.91 3.31 -1.01
C VAL A 6 -12.00 3.61 -2.03
N SER A 7 -12.40 4.88 -2.10
CA SER A 7 -13.44 5.30 -3.04
C SER A 7 -13.02 5.02 -4.47
N ASP A 8 -13.93 5.25 -5.41
CA ASP A 8 -13.66 5.03 -6.82
C ASP A 8 -12.48 5.88 -7.29
N GLU A 9 -12.51 7.16 -6.95
CA GLU A 9 -11.45 8.08 -7.33
C GLU A 9 -10.09 7.54 -6.92
N GLU A 10 -9.91 7.33 -5.62
CA GLU A 10 -8.64 6.82 -5.09
C GLU A 10 -8.35 5.43 -5.65
N MET A 11 -9.24 4.48 -5.37
CA MET A 11 -9.07 3.12 -5.84
C MET A 11 -8.48 3.09 -7.25
N MET A 12 -8.97 3.98 -8.10
CA MET A 12 -8.49 4.07 -9.48
C MET A 12 -7.05 4.58 -9.52
N GLU A 13 -6.79 5.66 -8.81
CA GLU A 13 -5.46 6.25 -8.76
C GLU A 13 -4.48 5.33 -8.03
N LEU A 14 -4.78 5.04 -6.77
CA LEU A 14 -3.94 4.17 -5.96
C LEU A 14 -3.56 2.91 -6.72
N ARG A 15 -4.54 2.29 -7.35
CA ARG A 15 -4.31 1.07 -8.12
C ARG A 15 -3.36 1.33 -9.28
N GLU A 16 -3.63 2.40 -10.03
CA GLU A 16 -2.80 2.77 -11.16
C GLU A 16 -1.32 2.80 -10.77
N ALA A 17 -0.98 3.64 -9.80
CA ALA A 17 0.39 3.75 -9.35
C ALA A 17 0.93 2.41 -8.85
N PHE A 18 0.21 1.80 -7.92
CA PHE A 18 0.61 0.51 -7.36
C PHE A 18 1.11 -0.42 -8.46
N ALA A 19 0.27 -0.63 -9.48
CA ALA A 19 0.63 -1.50 -10.59
C ALA A 19 1.99 -1.14 -11.16
N LYS A 20 2.21 0.16 -11.37
CA LYS A 20 3.48 0.64 -11.90
C LYS A 20 4.65 0.18 -11.04
N VAL A 21 4.39 -0.06 -9.76
CA VAL A 21 5.41 -0.51 -8.83
C VAL A 21 5.19 -1.96 -8.44
N ASP A 22 4.21 -2.60 -9.06
CA ASP A 22 3.90 -3.99 -8.78
C ASP A 22 4.77 -4.94 -9.61
N THR A 23 6.01 -5.13 -9.16
CA THR A 23 6.94 -6.00 -9.86
C THR A 23 6.36 -7.40 -10.05
N ASP A 24 5.70 -7.90 -9.00
CA ASP A 24 5.09 -9.24 -9.04
C ASP A 24 4.02 -9.30 -10.12
N GLY A 25 3.43 -8.15 -10.44
CA GLY A 25 2.39 -8.11 -11.45
C GLY A 25 1.11 -8.76 -10.99
N ASN A 26 1.09 -9.21 -9.74
CA ASN A 26 -0.10 -9.86 -9.18
C ASN A 26 -0.71 -9.02 -8.07
N GLY A 27 -0.41 -7.72 -8.08
CA GLY A 27 -0.95 -6.83 -7.07
C GLY A 27 -0.12 -6.85 -5.80
N TYR A 28 1.17 -7.10 -5.94
CA TYR A 28 2.06 -7.14 -4.78
C TYR A 28 3.25 -6.19 -4.97
N ILE A 29 3.60 -5.48 -3.90
CA ILE A 29 4.70 -4.54 -3.95
C ILE A 29 5.57 -4.66 -2.70
N SER A 30 6.88 -4.41 -2.86
CA SER A 30 7.81 -4.49 -1.75
C SER A 30 7.77 -3.23 -0.91
N PHE A 31 8.32 -3.31 0.30
CA PHE A 31 8.33 -2.17 1.21
C PHE A 31 8.76 -0.89 0.48
N ASN A 32 9.93 -0.93 -0.14
CA ASN A 32 10.44 0.22 -0.88
C ASN A 32 9.43 0.69 -1.91
N GLU A 33 8.91 -0.25 -2.69
CA GLU A 33 7.92 0.08 -3.72
C GLU A 33 6.71 0.77 -3.12
N LEU A 34 6.27 0.30 -1.95
CA LEU A 34 5.12 0.88 -1.27
C LEU A 34 5.32 2.36 -1.02
N ASN A 35 6.33 2.69 -0.22
CA ASN A 35 6.64 4.08 0.10
C ASN A 35 6.66 4.94 -1.16
N ASP A 36 7.34 4.44 -2.19
CA ASP A 36 7.44 5.16 -3.46
C ASP A 36 6.07 5.31 -4.11
N LEU A 37 5.22 4.30 -3.93
CA LEU A 37 3.88 4.30 -4.51
C LEU A 37 3.01 5.36 -3.82
N PHE A 38 3.22 5.53 -2.52
CA PHE A 38 2.45 6.50 -1.75
C PHE A 38 2.74 7.92 -2.22
N LYS A 39 4.02 8.28 -2.25
CA LYS A 39 4.44 9.61 -2.68
C LYS A 39 4.11 9.84 -4.15
N ALA A 40 4.45 8.86 -4.99
CA ALA A 40 4.18 8.95 -6.42
C ALA A 40 2.69 9.03 -6.70
N ALA A 41 1.89 8.58 -5.73
CA ALA A 41 0.44 8.60 -5.86
C ALA A 41 -0.14 9.95 -5.44
N CYS A 42 0.74 10.88 -5.11
CA CYS A 42 0.32 12.21 -4.70
C CYS A 42 -0.61 12.13 -3.50
N LEU A 43 -0.44 11.08 -2.69
CA LEU A 43 -1.26 10.89 -1.50
C LEU A 43 -1.00 11.99 -0.47
N PRO A 44 -1.95 12.17 0.45
CA PRO A 44 -1.85 13.18 1.51
C PRO A 44 -0.78 12.85 2.53
N LEU A 45 -0.81 11.61 3.03
CA LEU A 45 0.16 11.15 4.02
C LEU A 45 1.58 11.45 3.56
N PRO A 46 2.44 11.87 4.51
CA PRO A 46 3.84 12.19 4.22
C PRO A 46 4.66 10.95 3.89
N GLY A 47 5.98 11.11 3.86
CA GLY A 47 6.86 9.99 3.55
C GLY A 47 7.14 9.12 4.77
N TYR A 48 7.32 9.76 5.92
CA TYR A 48 7.59 9.04 7.16
C TYR A 48 6.37 8.26 7.62
N ARG A 49 5.19 8.87 7.47
CA ARG A 49 3.94 8.24 7.88
C ARG A 49 3.80 6.87 7.23
N VAL A 50 4.04 6.81 5.91
CA VAL A 50 3.94 5.56 5.18
C VAL A 50 5.01 4.56 5.61
N ARG A 51 6.27 4.99 5.52
CA ARG A 51 7.38 4.14 5.90
C ARG A 51 7.20 3.60 7.32
N GLU A 52 6.70 4.45 8.21
CA GLU A 52 6.47 4.06 9.60
C GLU A 52 5.33 3.04 9.70
N ILE A 53 4.19 3.38 9.11
CA ILE A 53 3.03 2.51 9.13
C ILE A 53 3.40 1.09 8.72
N THR A 54 4.26 0.99 7.69
CA THR A 54 4.69 -0.31 7.19
C THR A 54 5.64 -0.99 8.18
N GLU A 55 6.74 -0.31 8.49
CA GLU A 55 7.74 -0.84 9.41
C GLU A 55 7.08 -1.28 10.71
N ASN A 56 6.05 -0.56 11.13
CA ASN A 56 5.33 -0.88 12.36
C ASN A 56 4.23 -1.89 12.10
N LEU A 57 3.79 -1.98 10.84
CA LEU A 57 2.73 -2.91 10.46
C LEU A 57 3.18 -4.35 10.67
N MET A 58 4.26 -4.74 10.00
CA MET A 58 4.78 -6.09 10.11
C MET A 58 5.70 -6.22 11.33
N ALA A 59 6.00 -5.09 11.96
CA ALA A 59 6.86 -5.07 13.13
C ALA A 59 6.46 -6.16 14.12
N THR A 60 5.19 -6.54 14.09
CA THR A 60 4.68 -7.57 14.99
C THR A 60 4.45 -8.88 14.25
N GLY A 61 3.62 -8.84 13.22
CA GLY A 61 3.33 -10.02 12.44
C GLY A 61 2.24 -9.81 11.42
N ASP A 62 2.32 -8.68 10.71
CA ASP A 62 1.33 -8.36 9.68
C ASP A 62 1.77 -8.88 8.32
N LEU A 63 2.96 -8.48 7.89
CA LEU A 63 3.49 -8.90 6.60
C LEU A 63 4.41 -10.10 6.77
N ASP A 64 4.31 -10.79 7.91
CA ASP A 64 5.12 -11.95 8.18
C ASP A 64 4.88 -13.04 7.13
N GLN A 65 3.78 -12.93 6.41
CA GLN A 65 3.43 -13.90 5.39
C GLN A 65 4.60 -14.12 4.42
N ASP A 66 5.40 -13.07 4.22
CA ASP A 66 6.55 -13.14 3.34
C ASP A 66 7.37 -11.87 3.40
N GLY A 67 6.70 -10.75 3.69
CA GLY A 67 7.38 -9.47 3.78
C GLY A 67 6.92 -8.50 2.70
N ARG A 68 6.17 -9.01 1.74
CA ARG A 68 5.67 -8.17 0.65
C ARG A 68 4.45 -7.37 1.09
N ILE A 69 3.85 -6.64 0.16
CA ILE A 69 2.67 -5.83 0.45
C ILE A 69 1.70 -5.81 -0.72
N SER A 70 0.58 -6.50 -0.56
CA SER A 70 -0.43 -6.57 -1.61
C SER A 70 -1.28 -5.30 -1.62
N PHE A 71 -1.87 -5.00 -2.77
CA PHE A 71 -2.71 -3.82 -2.93
C PHE A 71 -3.71 -3.72 -1.77
N ASP A 72 -4.26 -4.86 -1.36
CA ASP A 72 -5.22 -4.90 -0.27
C ASP A 72 -4.67 -4.19 0.96
N GLU A 73 -3.48 -4.57 1.39
CA GLU A 73 -2.84 -3.97 2.55
C GLU A 73 -2.70 -2.46 2.38
N PHE A 74 -2.20 -2.07 1.21
CA PHE A 74 -2.00 -0.64 0.92
C PHE A 74 -3.28 0.14 1.16
N ILE A 75 -4.38 -0.33 0.60
CA ILE A 75 -5.67 0.33 0.75
C ILE A 75 -6.06 0.43 2.23
N LYS A 76 -6.16 -0.70 2.89
CA LYS A 76 -6.51 -0.73 4.31
C LYS A 76 -5.63 0.21 5.11
N ILE A 77 -4.38 0.36 4.68
CA ILE A 77 -3.43 1.24 5.36
C ILE A 77 -3.78 2.70 5.12
N PHE A 78 -4.11 3.04 3.88
CA PHE A 78 -4.46 4.40 3.53
C PHE A 78 -5.75 4.83 4.22
N HIS A 79 -6.79 4.01 4.10
CA HIS A 79 -8.08 4.30 4.71
C HIS A 79 -7.97 4.23 6.23
N GLY A 80 -7.14 3.32 6.72
CA GLY A 80 -6.98 3.17 8.16
C GLY A 80 -8.29 2.90 8.87
N LEU A 81 -9.12 2.04 8.27
CA LEU A 81 -10.41 1.70 8.86
C LEU A 81 -10.71 0.22 8.67
N LYS A 82 -11.05 -0.45 9.77
CA LYS A 82 -11.38 -1.87 9.73
C LYS A 82 -12.89 -2.09 9.68
N MET A 1 -7.33 -10.23 -7.12
CA MET A 1 -8.76 -10.22 -6.85
C MET A 1 -9.05 -9.75 -5.42
N ALA A 2 -10.01 -8.85 -5.28
CA ALA A 2 -10.38 -8.33 -3.98
C ALA A 2 -11.58 -7.39 -4.08
N ARG A 3 -11.98 -6.82 -2.95
CA ARG A 3 -13.11 -5.90 -2.92
C ARG A 3 -12.64 -4.44 -2.96
N GLY A 4 -12.06 -3.98 -1.85
CA GLY A 4 -11.58 -2.61 -1.78
C GLY A 4 -12.25 -1.80 -0.69
N SER A 5 -11.73 -0.62 -0.42
CA SER A 5 -12.27 0.25 0.61
C SER A 5 -12.25 1.71 0.17
N VAL A 6 -11.10 2.16 -0.33
CA VAL A 6 -10.95 3.53 -0.78
C VAL A 6 -12.05 3.91 -1.76
N SER A 7 -12.28 5.21 -1.91
CA SER A 7 -13.31 5.71 -2.81
C SER A 7 -12.93 5.46 -4.27
N ASP A 8 -13.89 5.63 -5.17
CA ASP A 8 -13.66 5.44 -6.59
C ASP A 8 -12.45 6.24 -7.06
N GLU A 9 -12.42 7.52 -6.69
CA GLU A 9 -11.32 8.40 -7.08
C GLU A 9 -9.97 7.78 -6.72
N GLU A 10 -9.77 7.53 -5.43
CA GLU A 10 -8.53 6.95 -4.95
C GLU A 10 -8.31 5.56 -5.55
N MET A 11 -9.25 4.66 -5.31
CA MET A 11 -9.16 3.30 -5.83
C MET A 11 -8.56 3.30 -7.24
N MET A 12 -9.02 4.22 -8.07
CA MET A 12 -8.53 4.33 -9.44
C MET A 12 -7.07 4.80 -9.47
N GLU A 13 -6.80 5.88 -8.73
CA GLU A 13 -5.45 6.42 -8.68
C GLU A 13 -4.50 5.46 -7.96
N LEU A 14 -4.81 5.18 -6.70
CA LEU A 14 -3.98 4.27 -5.90
C LEU A 14 -3.63 3.01 -6.69
N ARG A 15 -4.64 2.42 -7.32
CA ARG A 15 -4.45 1.21 -8.11
C ARG A 15 -3.55 1.48 -9.30
N GLU A 16 -3.81 2.58 -10.00
CA GLU A 16 -3.03 2.96 -11.17
C GLU A 16 -1.54 2.93 -10.86
N ALA A 17 -1.12 3.73 -9.89
CA ALA A 17 0.28 3.80 -9.49
C ALA A 17 0.77 2.44 -8.98
N PHE A 18 0.06 1.89 -7.99
CA PHE A 18 0.42 0.61 -7.42
C PHE A 18 0.82 -0.38 -8.50
N ALA A 19 0.14 -0.30 -9.64
CA ALA A 19 0.43 -1.19 -10.77
C ALA A 19 1.84 -0.99 -11.29
N LYS A 20 2.19 0.26 -11.59
CA LYS A 20 3.52 0.59 -12.10
C LYS A 20 4.60 0.11 -11.13
N VAL A 21 4.21 -0.07 -9.87
CA VAL A 21 5.15 -0.53 -8.85
C VAL A 21 4.87 -1.97 -8.44
N ASP A 22 3.90 -2.59 -9.12
CA ASP A 22 3.53 -3.97 -8.83
C ASP A 22 3.88 -4.88 -10.00
N THR A 23 5.08 -4.73 -10.54
CA THR A 23 5.53 -5.52 -11.66
C THR A 23 6.07 -6.88 -11.20
N ASP A 24 5.94 -7.14 -9.90
CA ASP A 24 6.41 -8.40 -9.33
C ASP A 24 5.67 -9.59 -9.94
N GLY A 25 4.55 -9.31 -10.60
CA GLY A 25 3.77 -10.36 -11.21
C GLY A 25 3.10 -11.26 -10.20
N ASN A 26 3.15 -10.85 -8.93
CA ASN A 26 2.55 -11.63 -7.85
C ASN A 26 1.28 -10.96 -7.34
N GLY A 27 1.14 -9.66 -7.62
CA GLY A 27 -0.02 -8.93 -7.18
C GLY A 27 0.28 -7.98 -6.05
N TYR A 28 1.42 -8.19 -5.39
CA TYR A 28 1.83 -7.33 -4.28
C TYR A 28 3.17 -6.68 -4.56
N ILE A 29 3.39 -5.51 -3.97
CA ILE A 29 4.63 -4.77 -4.16
C ILE A 29 5.55 -4.91 -2.95
N SER A 30 6.73 -4.32 -3.03
CA SER A 30 7.70 -4.38 -1.95
C SER A 30 7.67 -3.10 -1.11
N PHE A 31 8.23 -3.18 0.09
CA PHE A 31 8.26 -2.03 0.99
C PHE A 31 8.66 -0.77 0.23
N ASN A 32 9.83 -0.79 -0.40
CA ASN A 32 10.32 0.35 -1.15
C ASN A 32 9.28 0.82 -2.16
N GLU A 33 8.71 -0.13 -2.91
CA GLU A 33 7.71 0.19 -3.91
C GLU A 33 6.52 0.90 -3.29
N LEU A 34 6.11 0.44 -2.11
CA LEU A 34 4.98 1.03 -1.40
C LEU A 34 5.20 2.53 -1.18
N ASN A 35 6.24 2.85 -0.43
CA ASN A 35 6.56 4.25 -0.14
C ASN A 35 6.55 5.08 -1.41
N ASP A 36 7.18 4.56 -2.46
CA ASP A 36 7.24 5.26 -3.74
C ASP A 36 5.84 5.44 -4.32
N LEU A 37 4.99 4.44 -4.14
CA LEU A 37 3.63 4.49 -4.65
C LEU A 37 2.83 5.60 -3.97
N PHE A 38 3.00 5.72 -2.65
CA PHE A 38 2.30 6.73 -1.89
C PHE A 38 2.59 8.13 -2.44
N LYS A 39 3.86 8.46 -2.56
CA LYS A 39 4.27 9.76 -3.07
C LYS A 39 3.96 9.88 -4.56
N ALA A 40 4.11 8.76 -5.29
CA ALA A 40 3.85 8.74 -6.71
C ALA A 40 2.37 8.99 -7.01
N ALA A 41 1.51 8.58 -6.08
CA ALA A 41 0.07 8.77 -6.24
C ALA A 41 -0.40 10.03 -5.53
N CYS A 42 0.54 10.92 -5.23
CA CYS A 42 0.21 12.17 -4.56
C CYS A 42 -0.62 11.91 -3.30
N LEU A 43 -0.08 11.12 -2.39
CA LEU A 43 -0.77 10.79 -1.15
C LEU A 43 -0.65 11.92 -0.14
N PRO A 44 -1.66 12.05 0.74
CA PRO A 44 -1.69 13.08 1.77
C PRO A 44 -0.64 12.84 2.86
N LEU A 45 -0.57 11.60 3.34
CA LEU A 45 0.38 11.25 4.39
C LEU A 45 1.81 11.55 3.95
N PRO A 46 2.66 11.97 4.91
CA PRO A 46 4.06 12.29 4.64
C PRO A 46 4.89 11.06 4.30
N GLY A 47 6.21 11.23 4.29
CA GLY A 47 7.09 10.11 3.98
C GLY A 47 7.34 9.21 5.16
N TYR A 48 7.52 9.82 6.34
CA TYR A 48 7.78 9.06 7.56
C TYR A 48 6.53 8.27 7.97
N ARG A 49 5.36 8.88 7.78
CA ARG A 49 4.11 8.24 8.14
C ARG A 49 3.96 6.91 7.42
N VAL A 50 4.15 6.92 6.10
CA VAL A 50 4.03 5.71 5.30
C VAL A 50 5.07 4.68 5.71
N ARG A 51 6.33 5.09 5.67
CA ARG A 51 7.43 4.19 6.04
C ARG A 51 7.23 3.63 7.44
N GLU A 52 6.74 4.47 8.35
CA GLU A 52 6.50 4.06 9.73
C GLU A 52 5.36 3.04 9.79
N ILE A 53 4.24 3.39 9.19
CA ILE A 53 3.07 2.52 9.18
C ILE A 53 3.43 1.12 8.71
N THR A 54 4.21 1.04 7.65
CA THR A 54 4.63 -0.24 7.10
C THR A 54 5.56 -0.97 8.06
N GLU A 55 6.69 -0.35 8.37
CA GLU A 55 7.66 -0.95 9.29
C GLU A 55 6.99 -1.33 10.61
N ASN A 56 5.92 -0.63 10.96
CA ASN A 56 5.20 -0.89 12.20
C ASN A 56 4.15 -1.97 11.98
N LEU A 57 3.69 -2.11 10.75
CA LEU A 57 2.68 -3.10 10.41
C LEU A 57 3.22 -4.52 10.62
N MET A 58 4.26 -4.86 9.87
CA MET A 58 4.87 -6.18 9.97
C MET A 58 5.71 -6.30 11.24
N ALA A 59 5.99 -5.16 11.86
CA ALA A 59 6.78 -5.13 13.08
C ALA A 59 6.27 -6.15 14.09
N THR A 60 5.00 -6.49 13.98
CA THR A 60 4.38 -7.46 14.89
C THR A 60 4.09 -8.77 14.18
N GLY A 61 3.29 -8.70 13.12
CA GLY A 61 2.95 -9.89 12.37
C GLY A 61 1.90 -9.63 11.31
N ASP A 62 2.04 -8.52 10.59
CA ASP A 62 1.10 -8.15 9.54
C ASP A 62 1.53 -8.73 8.20
N LEU A 63 2.77 -8.45 7.81
CA LEU A 63 3.30 -8.93 6.55
C LEU A 63 4.10 -10.23 6.75
N ASP A 64 3.78 -10.95 7.82
CA ASP A 64 4.45 -12.21 8.12
C ASP A 64 4.34 -13.18 6.96
N GLN A 65 3.37 -12.95 6.09
CA GLN A 65 3.15 -13.81 4.93
C GLN A 65 4.45 -13.99 4.14
N ASP A 66 5.27 -12.95 4.14
CA ASP A 66 6.55 -13.00 3.42
C ASP A 66 7.29 -11.68 3.55
N GLY A 67 6.54 -10.60 3.78
CA GLY A 67 7.15 -9.29 3.93
C GLY A 67 6.73 -8.33 2.83
N ARG A 68 6.01 -8.85 1.84
CA ARG A 68 5.55 -8.03 0.72
C ARG A 68 4.38 -7.15 1.14
N ILE A 69 3.75 -6.52 0.16
CA ILE A 69 2.61 -5.64 0.42
C ILE A 69 1.62 -5.66 -0.74
N SER A 70 0.51 -6.34 -0.55
CA SER A 70 -0.52 -6.43 -1.59
C SER A 70 -1.40 -5.19 -1.59
N PHE A 71 -1.95 -4.85 -2.76
CA PHE A 71 -2.81 -3.69 -2.89
C PHE A 71 -3.80 -3.61 -1.73
N ASP A 72 -4.31 -4.77 -1.31
CA ASP A 72 -5.27 -4.83 -0.22
C ASP A 72 -4.73 -4.12 1.01
N GLU A 73 -3.54 -4.52 1.45
CA GLU A 73 -2.91 -3.93 2.62
C GLU A 73 -2.74 -2.42 2.44
N PHE A 74 -2.26 -2.02 1.26
CA PHE A 74 -2.05 -0.61 0.96
C PHE A 74 -3.31 0.20 1.23
N ILE A 75 -4.43 -0.26 0.68
CA ILE A 75 -5.70 0.42 0.86
C ILE A 75 -6.07 0.52 2.33
N LYS A 76 -6.13 -0.63 3.00
CA LYS A 76 -6.46 -0.68 4.41
C LYS A 76 -5.57 0.25 5.22
N ILE A 77 -4.33 0.42 4.75
CA ILE A 77 -3.37 1.28 5.42
C ILE A 77 -3.69 2.75 5.19
N PHE A 78 -4.08 3.09 3.95
CA PHE A 78 -4.41 4.46 3.61
C PHE A 78 -5.63 4.94 4.39
N HIS A 79 -6.61 4.06 4.55
CA HIS A 79 -7.83 4.39 5.28
C HIS A 79 -7.60 4.32 6.78
N GLY A 80 -6.76 3.36 7.20
CA GLY A 80 -6.48 3.20 8.61
C GLY A 80 -7.72 3.00 9.44
N LEU A 81 -8.50 1.97 9.10
CA LEU A 81 -9.74 1.67 9.82
C LEU A 81 -9.74 0.23 10.32
N LYS A 82 -10.06 0.06 11.60
CA LYS A 82 -10.10 -1.27 12.20
C LYS A 82 -11.06 -2.18 11.44
N MET A 1 -4.29 -7.80 -8.30
CA MET A 1 -5.60 -8.40 -8.03
C MET A 1 -5.94 -8.34 -6.55
N ALA A 2 -6.71 -7.32 -6.17
CA ALA A 2 -7.10 -7.15 -4.77
C ALA A 2 -8.15 -6.05 -4.64
N ARG A 3 -8.61 -5.83 -3.40
CA ARG A 3 -9.61 -4.80 -3.13
C ARG A 3 -9.34 -4.12 -1.80
N GLY A 4 -10.05 -3.02 -1.54
CA GLY A 4 -9.86 -2.29 -0.32
C GLY A 4 -11.00 -1.31 -0.04
N SER A 5 -10.92 -0.61 1.08
CA SER A 5 -11.94 0.35 1.46
C SER A 5 -11.48 1.78 1.20
N VAL A 6 -11.38 2.15 -0.07
CA VAL A 6 -10.94 3.49 -0.44
C VAL A 6 -11.91 4.11 -1.43
N SER A 7 -12.01 5.45 -1.40
CA SER A 7 -12.91 6.17 -2.29
C SER A 7 -12.70 5.74 -3.73
N ASP A 8 -13.77 5.80 -4.52
CA ASP A 8 -13.71 5.40 -5.92
C ASP A 8 -12.57 6.11 -6.63
N GLU A 9 -12.58 7.44 -6.59
CA GLU A 9 -11.54 8.24 -7.23
C GLU A 9 -10.15 7.71 -6.88
N GLU A 10 -9.84 7.67 -5.59
CA GLU A 10 -8.55 7.19 -5.13
C GLU A 10 -8.28 5.77 -5.63
N MET A 11 -9.19 4.86 -5.31
CA MET A 11 -9.06 3.47 -5.74
C MET A 11 -8.49 3.38 -7.15
N MET A 12 -8.99 4.23 -8.04
CA MET A 12 -8.53 4.25 -9.42
C MET A 12 -7.09 4.76 -9.51
N GLU A 13 -6.82 5.84 -8.79
CA GLU A 13 -5.48 6.44 -8.79
C GLU A 13 -4.48 5.52 -8.08
N LEU A 14 -4.75 5.25 -6.81
CA LEU A 14 -3.88 4.39 -6.01
C LEU A 14 -3.52 3.12 -6.77
N ARG A 15 -4.54 2.46 -7.32
CA ARG A 15 -4.33 1.24 -8.08
C ARG A 15 -3.47 1.48 -9.31
N GLU A 16 -3.76 2.59 -10.01
CA GLU A 16 -3.00 2.94 -11.21
C GLU A 16 -1.50 2.90 -10.93
N ALA A 17 -1.08 3.63 -9.89
CA ALA A 17 0.33 3.68 -9.52
C ALA A 17 0.82 2.33 -9.02
N PHE A 18 0.13 1.80 -8.02
CA PHE A 18 0.49 0.50 -7.44
C PHE A 18 0.88 -0.48 -8.53
N ALA A 19 0.19 -0.41 -9.67
CA ALA A 19 0.48 -1.30 -10.79
C ALA A 19 1.89 -1.10 -11.32
N LYS A 20 2.22 0.15 -11.63
CA LYS A 20 3.56 0.48 -12.14
C LYS A 20 4.64 0.01 -11.18
N VAL A 21 4.26 -0.18 -9.92
CA VAL A 21 5.21 -0.62 -8.90
C VAL A 21 4.93 -2.07 -8.50
N ASP A 22 3.96 -2.68 -9.14
CA ASP A 22 3.59 -4.06 -8.84
C ASP A 22 3.97 -4.98 -10.00
N THR A 23 5.20 -4.84 -10.49
CA THR A 23 5.68 -5.66 -11.60
C THR A 23 6.14 -7.03 -11.11
N ASP A 24 5.94 -7.30 -9.82
CA ASP A 24 6.32 -8.56 -9.23
C ASP A 24 5.58 -9.72 -9.88
N GLY A 25 4.51 -9.40 -10.60
CA GLY A 25 3.72 -10.42 -11.26
C GLY A 25 3.05 -11.37 -10.28
N ASN A 26 2.98 -10.95 -9.01
CA ASN A 26 2.35 -11.76 -7.97
C ASN A 26 1.09 -11.10 -7.45
N GLY A 27 0.96 -9.80 -7.71
CA GLY A 27 -0.22 -9.07 -7.26
C GLY A 27 0.10 -8.12 -6.12
N TYR A 28 1.18 -8.39 -5.40
CA TYR A 28 1.59 -7.54 -4.29
C TYR A 28 2.92 -6.86 -4.58
N ILE A 29 3.10 -5.67 -4.01
CA ILE A 29 4.34 -4.91 -4.21
C ILE A 29 5.28 -5.10 -3.02
N SER A 30 6.46 -4.48 -3.12
CA SER A 30 7.45 -4.57 -2.06
C SER A 30 7.44 -3.33 -1.19
N PHE A 31 8.02 -3.43 0.01
CA PHE A 31 8.07 -2.31 0.93
C PHE A 31 8.53 -1.04 0.23
N ASN A 32 9.69 -1.11 -0.40
CA ASN A 32 10.25 0.03 -1.12
C ASN A 32 9.23 0.58 -2.13
N GLU A 33 8.63 -0.30 -2.90
CA GLU A 33 7.65 0.09 -3.90
C GLU A 33 6.45 0.78 -3.25
N LEU A 34 6.04 0.25 -2.10
CA LEU A 34 4.90 0.81 -1.36
C LEU A 34 5.12 2.29 -1.06
N ASN A 35 6.16 2.58 -0.30
CA ASN A 35 6.49 3.96 0.06
C ASN A 35 6.53 4.84 -1.19
N ASP A 36 7.22 4.37 -2.22
CA ASP A 36 7.34 5.12 -3.46
C ASP A 36 5.96 5.35 -4.10
N LEU A 37 5.09 4.35 -3.97
CA LEU A 37 3.75 4.43 -4.53
C LEU A 37 2.91 5.49 -3.80
N PHE A 38 3.13 5.62 -2.50
CA PHE A 38 2.41 6.59 -1.70
C PHE A 38 2.73 8.01 -2.15
N LYS A 39 4.02 8.29 -2.32
CA LYS A 39 4.46 9.62 -2.75
C LYS A 39 4.23 9.80 -4.25
N ALA A 40 4.32 8.72 -5.01
CA ALA A 40 4.11 8.76 -6.45
C ALA A 40 2.64 8.97 -6.79
N ALA A 41 1.77 8.52 -5.90
CA ALA A 41 0.33 8.66 -6.10
C ALA A 41 -0.18 10.00 -5.57
N CYS A 42 0.75 10.89 -5.24
CA CYS A 42 0.40 12.20 -4.72
C CYS A 42 -0.60 12.08 -3.58
N LEU A 43 -0.28 11.26 -2.59
CA LEU A 43 -1.16 11.07 -1.44
C LEU A 43 -0.93 12.15 -0.39
N PRO A 44 -1.93 12.32 0.50
CA PRO A 44 -1.86 13.31 1.58
C PRO A 44 -0.83 12.95 2.64
N LEU A 45 -0.87 11.72 3.11
CA LEU A 45 0.06 11.24 4.12
C LEU A 45 1.50 11.57 3.74
N PRO A 46 2.29 11.98 4.73
CA PRO A 46 3.70 12.33 4.52
C PRO A 46 4.56 11.10 4.21
N GLY A 47 5.88 11.29 4.21
CA GLY A 47 6.79 10.19 3.93
C GLY A 47 7.02 9.32 5.15
N TYR A 48 7.15 9.94 6.31
CA TYR A 48 7.39 9.21 7.54
C TYR A 48 6.16 8.39 7.94
N ARG A 49 4.98 8.94 7.67
CA ARG A 49 3.73 8.25 7.98
C ARG A 49 3.68 6.88 7.33
N VAL A 50 4.00 6.83 6.04
CA VAL A 50 3.99 5.57 5.31
C VAL A 50 5.04 4.61 5.84
N ARG A 51 6.30 5.05 5.83
CA ARG A 51 7.40 4.23 6.32
C ARG A 51 7.12 3.73 7.74
N GLU A 52 6.56 4.62 8.56
CA GLU A 52 6.25 4.27 9.94
C GLU A 52 5.14 3.22 10.01
N ILE A 53 4.04 3.50 9.32
CA ILE A 53 2.89 2.58 9.30
C ILE A 53 3.34 1.17 8.96
N THR A 54 4.33 1.06 8.08
CA THR A 54 4.85 -0.24 7.67
C THR A 54 5.70 -0.86 8.77
N GLU A 55 6.71 -0.12 9.23
CA GLU A 55 7.59 -0.62 10.27
C GLU A 55 6.80 -1.12 11.47
N ASN A 56 5.66 -0.49 11.73
CA ASN A 56 4.79 -0.87 12.84
C ASN A 56 3.83 -1.98 12.43
N LEU A 57 3.44 -1.98 11.15
CA LEU A 57 2.53 -2.98 10.63
C LEU A 57 3.13 -4.38 10.75
N MET A 58 4.22 -4.62 10.01
CA MET A 58 4.89 -5.90 10.03
C MET A 58 5.47 -6.19 11.41
N ALA A 59 5.51 -5.17 12.26
CA ALA A 59 6.03 -5.33 13.61
C ALA A 59 5.44 -6.55 14.30
N THR A 60 4.26 -6.95 13.86
CA THR A 60 3.58 -8.12 14.43
C THR A 60 3.26 -9.15 13.36
N GLY A 61 4.27 -9.53 12.59
CA GLY A 61 4.08 -10.51 11.54
C GLY A 61 2.90 -10.19 10.65
N ASP A 62 2.86 -8.95 10.17
CA ASP A 62 1.77 -8.51 9.30
C ASP A 62 2.17 -8.61 7.83
N LEU A 63 3.30 -8.00 7.50
CA LEU A 63 3.81 -8.02 6.12
C LEU A 63 4.87 -9.09 5.94
N ASP A 64 5.42 -9.57 7.06
CA ASP A 64 6.44 -10.60 7.02
C ASP A 64 5.84 -11.94 6.57
N GLN A 65 4.53 -12.06 6.67
CA GLN A 65 3.84 -13.28 6.27
C GLN A 65 4.27 -13.72 4.88
N ASP A 66 4.49 -12.75 4.00
CA ASP A 66 4.90 -13.03 2.62
C ASP A 66 6.08 -12.15 2.23
N GLY A 67 6.47 -11.24 3.12
CA GLY A 67 7.58 -10.36 2.83
C GLY A 67 7.24 -9.29 1.82
N ARG A 68 5.97 -9.24 1.43
CA ARG A 68 5.51 -8.26 0.45
C ARG A 68 4.30 -7.49 0.98
N ILE A 69 3.66 -6.72 0.09
CA ILE A 69 2.48 -5.94 0.47
C ILE A 69 1.49 -5.87 -0.68
N SER A 70 0.36 -6.55 -0.52
CA SER A 70 -0.67 -6.56 -1.55
C SER A 70 -1.47 -5.25 -1.53
N PHE A 71 -2.07 -4.92 -2.66
CA PHE A 71 -2.86 -3.70 -2.78
C PHE A 71 -3.82 -3.55 -1.61
N ASP A 72 -4.33 -4.68 -1.12
CA ASP A 72 -5.26 -4.68 0.00
C ASP A 72 -4.67 -3.94 1.20
N GLU A 73 -3.48 -4.36 1.62
CA GLU A 73 -2.81 -3.74 2.75
C GLU A 73 -2.63 -2.25 2.53
N PHE A 74 -2.16 -1.88 1.35
CA PHE A 74 -1.94 -0.48 1.01
C PHE A 74 -3.19 0.35 1.28
N ILE A 75 -4.31 -0.08 0.70
CA ILE A 75 -5.58 0.62 0.88
C ILE A 75 -5.91 0.78 2.36
N LYS A 76 -6.03 -0.34 3.06
CA LYS A 76 -6.34 -0.32 4.49
C LYS A 76 -5.38 0.60 5.24
N ILE A 77 -4.16 0.73 4.73
CA ILE A 77 -3.17 1.59 5.35
C ILE A 77 -3.44 3.06 5.06
N PHE A 78 -3.79 3.35 3.81
CA PHE A 78 -4.08 4.71 3.38
C PHE A 78 -5.26 5.28 4.15
N HIS A 79 -6.25 4.43 4.40
CA HIS A 79 -7.44 4.85 5.14
C HIS A 79 -7.21 4.80 6.64
N GLY A 80 -6.41 3.83 7.09
CA GLY A 80 -6.12 3.70 8.49
C GLY A 80 -7.36 3.43 9.33
N LEU A 81 -8.11 2.40 8.95
CA LEU A 81 -9.34 2.05 9.67
C LEU A 81 -9.48 0.54 9.78
N LYS A 82 -9.83 0.07 10.97
CA LYS A 82 -10.00 -1.36 11.21
C LYS A 82 -11.40 -1.81 10.80
N MET A 1 -4.64 -11.36 -3.82
CA MET A 1 -5.86 -11.84 -4.46
C MET A 1 -7.05 -10.98 -4.07
N ALA A 2 -6.98 -10.35 -2.92
CA ALA A 2 -8.05 -9.50 -2.43
C ALA A 2 -7.70 -8.02 -2.59
N ARG A 3 -8.56 -7.15 -2.08
CA ARG A 3 -8.34 -5.71 -2.17
C ARG A 3 -8.72 -5.02 -0.86
N GLY A 4 -8.72 -3.69 -0.87
CA GLY A 4 -9.07 -2.94 0.32
C GLY A 4 -10.39 -2.21 0.17
N SER A 5 -10.60 -1.20 1.03
CA SER A 5 -11.84 -0.43 1.00
C SER A 5 -11.54 1.07 0.92
N VAL A 6 -11.29 1.55 -0.29
CA VAL A 6 -11.00 2.96 -0.51
C VAL A 6 -12.00 3.60 -1.45
N SER A 7 -12.17 4.91 -1.33
CA SER A 7 -13.12 5.64 -2.17
C SER A 7 -12.91 5.29 -3.65
N ASP A 8 -13.97 5.42 -4.43
CA ASP A 8 -13.91 5.12 -5.85
C ASP A 8 -12.78 5.89 -6.52
N GLU A 9 -12.82 7.21 -6.39
CA GLU A 9 -11.80 8.06 -6.99
C GLU A 9 -10.40 7.53 -6.68
N GLU A 10 -10.07 7.45 -5.40
CA GLU A 10 -8.77 6.95 -4.98
C GLU A 10 -8.50 5.56 -5.54
N MET A 11 -9.41 4.63 -5.27
CA MET A 11 -9.27 3.26 -5.75
C MET A 11 -8.68 3.24 -7.15
N MET A 12 -9.18 4.11 -8.01
CA MET A 12 -8.71 4.19 -9.39
C MET A 12 -7.27 4.71 -9.44
N GLU A 13 -7.03 5.82 -8.75
CA GLU A 13 -5.70 6.42 -8.71
C GLU A 13 -4.70 5.50 -8.00
N LEU A 14 -4.98 5.20 -6.74
CA LEU A 14 -4.11 4.33 -5.95
C LEU A 14 -3.73 3.09 -6.74
N ARG A 15 -4.73 2.41 -7.28
CA ARG A 15 -4.50 1.20 -8.07
C ARG A 15 -3.56 1.47 -9.23
N GLU A 16 -3.81 2.57 -9.94
CA GLU A 16 -2.98 2.95 -11.08
C GLU A 16 -1.50 2.94 -10.71
N ALA A 17 -1.14 3.75 -9.72
CA ALA A 17 0.24 3.83 -9.28
C ALA A 17 0.76 2.47 -8.81
N PHE A 18 0.06 1.88 -7.85
CA PHE A 18 0.44 0.58 -7.31
C PHE A 18 0.87 -0.36 -8.43
N ALA A 19 0.00 -0.55 -9.42
CA ALA A 19 0.29 -1.42 -10.55
C ALA A 19 1.64 -1.06 -11.17
N LYS A 20 1.87 0.22 -11.40
CA LYS A 20 3.12 0.68 -11.99
C LYS A 20 4.32 0.18 -11.19
N VAL A 21 4.12 -0.02 -9.90
CA VAL A 21 5.19 -0.50 -9.02
C VAL A 21 4.96 -1.96 -8.63
N ASP A 22 3.94 -2.58 -9.21
CA ASP A 22 3.61 -3.97 -8.94
C ASP A 22 3.94 -4.85 -10.14
N THR A 23 5.12 -4.65 -10.72
CA THR A 23 5.54 -5.42 -11.88
C THR A 23 6.10 -6.78 -11.45
N ASP A 24 6.05 -7.06 -10.16
CA ASP A 24 6.56 -8.31 -9.63
C ASP A 24 5.78 -9.50 -10.19
N GLY A 25 4.62 -9.21 -10.78
CA GLY A 25 3.80 -10.26 -11.36
C GLY A 25 3.23 -11.20 -10.31
N ASN A 26 3.21 -10.74 -9.06
CA ASN A 26 2.69 -11.55 -7.97
C ASN A 26 1.43 -10.94 -7.38
N GLY A 27 1.22 -9.65 -7.65
CA GLY A 27 0.04 -8.97 -7.15
C GLY A 27 0.37 -8.00 -6.02
N TYR A 28 1.43 -8.30 -5.27
CA TYR A 28 1.84 -7.46 -4.16
C TYR A 28 3.18 -6.79 -4.45
N ILE A 29 3.32 -5.55 -3.98
CA ILE A 29 4.56 -4.80 -4.19
C ILE A 29 5.46 -4.90 -2.96
N SER A 30 6.77 -4.74 -3.19
CA SER A 30 7.74 -4.80 -2.10
C SER A 30 7.67 -3.55 -1.23
N PHE A 31 8.24 -3.64 -0.03
CA PHE A 31 8.23 -2.51 0.90
C PHE A 31 8.68 -1.24 0.21
N ASN A 32 9.87 -1.27 -0.39
CA ASN A 32 10.42 -0.12 -1.08
C ASN A 32 9.41 0.44 -2.09
N GLU A 33 8.82 -0.46 -2.88
CA GLU A 33 7.84 -0.07 -3.89
C GLU A 33 6.64 0.61 -3.24
N LEU A 34 6.18 0.05 -2.11
CA LEU A 34 5.04 0.60 -1.39
C LEU A 34 5.25 2.08 -1.08
N ASN A 35 6.29 2.37 -0.30
CA ASN A 35 6.60 3.74 0.08
C ASN A 35 6.66 4.64 -1.15
N ASP A 36 7.39 4.20 -2.16
CA ASP A 36 7.53 4.96 -3.40
C ASP A 36 6.17 5.20 -4.05
N LEU A 37 5.29 4.21 -3.93
CA LEU A 37 3.95 4.31 -4.50
C LEU A 37 3.11 5.34 -3.76
N PHE A 38 3.30 5.41 -2.45
CA PHE A 38 2.57 6.37 -1.62
C PHE A 38 2.88 7.81 -2.03
N LYS A 39 4.14 8.07 -2.33
CA LYS A 39 4.57 9.40 -2.73
C LYS A 39 4.41 9.59 -4.24
N ALA A 40 4.40 8.48 -4.97
CA ALA A 40 4.25 8.53 -6.43
C ALA A 40 2.79 8.73 -6.82
N ALA A 41 1.89 8.34 -5.93
CA ALA A 41 0.45 8.48 -6.18
C ALA A 41 -0.07 9.81 -5.65
N CYS A 42 0.85 10.73 -5.37
CA CYS A 42 0.48 12.05 -4.86
C CYS A 42 -0.50 11.92 -3.69
N LEU A 43 -0.19 11.04 -2.75
CA LEU A 43 -1.03 10.82 -1.58
C LEU A 43 -0.84 11.92 -0.56
N PRO A 44 -1.86 12.12 0.29
CA PRO A 44 -1.82 13.15 1.35
C PRO A 44 -0.84 12.80 2.46
N LEU A 45 -0.88 11.56 2.91
CA LEU A 45 0.01 11.10 3.97
C LEU A 45 1.45 11.47 3.67
N PRO A 46 2.18 11.91 4.71
CA PRO A 46 3.59 12.31 4.58
C PRO A 46 4.50 11.11 4.30
N GLY A 47 5.81 11.36 4.36
CA GLY A 47 6.77 10.29 4.12
C GLY A 47 6.98 9.41 5.35
N TYR A 48 7.05 10.03 6.51
CA TYR A 48 7.26 9.30 7.76
C TYR A 48 6.05 8.43 8.09
N ARG A 49 4.86 8.94 7.79
CA ARG A 49 3.63 8.21 8.04
C ARG A 49 3.66 6.84 7.38
N VAL A 50 3.98 6.81 6.08
CA VAL A 50 4.04 5.56 5.34
C VAL A 50 5.11 4.64 5.90
N ARG A 51 6.35 5.12 5.91
CA ARG A 51 7.47 4.33 6.43
C ARG A 51 7.17 3.81 7.82
N GLU A 52 6.60 4.66 8.67
CA GLU A 52 6.25 4.28 10.03
C GLU A 52 5.15 3.22 10.04
N ILE A 53 4.07 3.50 9.33
CA ILE A 53 2.94 2.58 9.27
C ILE A 53 3.41 1.17 8.91
N THR A 54 4.43 1.08 8.05
CA THR A 54 4.97 -0.20 7.63
C THR A 54 5.78 -0.85 8.74
N GLU A 55 6.80 -0.15 9.22
CA GLU A 55 7.65 -0.65 10.29
C GLU A 55 6.80 -1.12 11.48
N ASN A 56 5.67 -0.45 11.68
CA ASN A 56 4.78 -0.80 12.78
C ASN A 56 3.81 -1.90 12.37
N LEU A 57 3.45 -1.91 11.09
CA LEU A 57 2.51 -2.91 10.57
C LEU A 57 3.10 -4.32 10.69
N MET A 58 4.20 -4.55 9.97
CA MET A 58 4.86 -5.86 10.00
C MET A 58 5.40 -6.15 11.40
N ALA A 59 5.45 -5.14 12.24
CA ALA A 59 5.95 -5.28 13.60
C ALA A 59 5.33 -6.50 14.29
N THR A 60 4.14 -6.89 13.82
CA THR A 60 3.45 -8.04 14.39
C THR A 60 3.12 -9.06 13.32
N GLY A 61 4.14 -9.46 12.55
CA GLY A 61 3.95 -10.44 11.50
C GLY A 61 2.78 -10.09 10.60
N ASP A 62 2.76 -8.86 10.12
CA ASP A 62 1.68 -8.40 9.24
C ASP A 62 2.11 -8.50 7.77
N LEU A 63 3.25 -7.90 7.45
CA LEU A 63 3.77 -7.92 6.09
C LEU A 63 4.80 -9.03 5.91
N ASP A 64 5.22 -9.63 7.03
CA ASP A 64 6.21 -10.70 7.00
C ASP A 64 5.57 -12.01 6.55
N GLN A 65 4.25 -12.10 6.69
CA GLN A 65 3.53 -13.30 6.30
C GLN A 65 3.91 -13.74 4.89
N ASP A 66 4.12 -12.77 4.01
CA ASP A 66 4.49 -13.06 2.63
C ASP A 66 5.75 -12.29 2.24
N GLY A 67 6.10 -11.30 3.05
CA GLY A 67 7.29 -10.50 2.77
C GLY A 67 6.96 -9.25 1.97
N ARG A 68 6.03 -9.37 1.04
CA ARG A 68 5.63 -8.24 0.21
C ARG A 68 4.39 -7.55 0.77
N ILE A 69 3.80 -6.68 -0.03
CA ILE A 69 2.61 -5.94 0.41
C ILE A 69 1.58 -5.87 -0.73
N SER A 70 0.44 -6.51 -0.52
CA SER A 70 -0.62 -6.51 -1.52
C SER A 70 -1.37 -5.19 -1.53
N PHE A 71 -2.03 -4.89 -2.63
CA PHE A 71 -2.79 -3.64 -2.77
C PHE A 71 -3.71 -3.45 -1.58
N ASP A 72 -4.28 -4.54 -1.09
CA ASP A 72 -5.19 -4.48 0.05
C ASP A 72 -4.56 -3.75 1.22
N GLU A 73 -3.39 -4.21 1.64
CA GLU A 73 -2.68 -3.60 2.75
C GLU A 73 -2.51 -2.09 2.53
N PHE A 74 -2.02 -1.73 1.35
CA PHE A 74 -1.81 -0.32 1.01
C PHE A 74 -3.08 0.49 1.25
N ILE A 75 -4.20 -0.02 0.76
CA ILE A 75 -5.48 0.66 0.93
C ILE A 75 -5.79 0.91 2.40
N LYS A 76 -5.80 -0.17 3.18
CA LYS A 76 -6.08 -0.08 4.62
C LYS A 76 -5.21 1.01 5.26
N ILE A 77 -3.97 1.12 4.80
CA ILE A 77 -3.04 2.10 5.34
C ILE A 77 -3.43 3.51 4.89
N PHE A 78 -3.93 3.63 3.67
CA PHE A 78 -4.33 4.91 3.12
C PHE A 78 -5.54 5.47 3.87
N HIS A 79 -6.45 4.58 4.24
CA HIS A 79 -7.66 4.98 4.97
C HIS A 79 -7.36 5.17 6.45
N GLY A 80 -6.44 4.36 6.98
CA GLY A 80 -6.08 4.45 8.37
C GLY A 80 -7.00 3.63 9.27
N LEU A 81 -8.29 3.92 9.21
CA LEU A 81 -9.27 3.20 10.01
C LEU A 81 -9.12 1.70 9.85
N LYS A 82 -8.52 1.07 10.86
CA LYS A 82 -8.31 -0.38 10.82
C LYS A 82 -9.64 -1.12 10.65
N MET A 1 -8.41 -10.49 -4.65
CA MET A 1 -9.45 -10.14 -5.62
C MET A 1 -10.79 -9.92 -4.94
N ALA A 2 -10.76 -9.29 -3.78
CA ALA A 2 -11.98 -9.02 -3.03
C ALA A 2 -11.78 -7.86 -2.05
N ARG A 3 -12.74 -7.67 -1.15
CA ARG A 3 -12.67 -6.59 -0.18
C ARG A 3 -12.58 -5.23 -0.85
N GLY A 4 -13.71 -4.56 -0.98
CA GLY A 4 -13.74 -3.25 -1.61
C GLY A 4 -13.63 -2.12 -0.61
N SER A 5 -12.56 -1.34 -0.72
CA SER A 5 -12.34 -0.21 0.18
C SER A 5 -11.84 1.01 -0.59
N VAL A 6 -11.70 2.13 0.13
CA VAL A 6 -11.23 3.37 -0.49
C VAL A 6 -12.25 3.90 -1.48
N SER A 7 -12.37 5.22 -1.53
CA SER A 7 -13.31 5.87 -2.45
C SER A 7 -12.98 5.53 -3.90
N ASP A 8 -14.00 5.53 -4.75
CA ASP A 8 -13.81 5.23 -6.17
C ASP A 8 -12.66 6.04 -6.75
N GLU A 9 -12.69 7.36 -6.52
CA GLU A 9 -11.64 8.23 -7.02
C GLU A 9 -10.26 7.68 -6.70
N GLU A 10 -9.98 7.52 -5.41
CA GLU A 10 -8.69 6.99 -4.96
C GLU A 10 -8.44 5.60 -5.55
N MET A 11 -9.37 4.68 -5.33
CA MET A 11 -9.24 3.33 -5.83
C MET A 11 -8.63 3.32 -7.22
N MET A 12 -9.11 4.21 -8.08
CA MET A 12 -8.62 4.32 -9.45
C MET A 12 -7.19 4.84 -9.47
N GLU A 13 -6.94 5.91 -8.72
CA GLU A 13 -5.62 6.51 -8.66
C GLU A 13 -4.63 5.57 -7.96
N LEU A 14 -4.91 5.25 -6.72
CA LEU A 14 -4.04 4.36 -5.94
C LEU A 14 -3.67 3.13 -6.75
N ARG A 15 -4.68 2.50 -7.36
CA ARG A 15 -4.46 1.31 -8.16
C ARG A 15 -3.54 1.61 -9.35
N GLU A 16 -3.78 2.74 -10.00
CA GLU A 16 -2.98 3.15 -11.15
C GLU A 16 -1.49 3.16 -10.80
N ALA A 17 -1.15 3.86 -9.73
CA ALA A 17 0.24 3.96 -9.29
C ALA A 17 0.75 2.60 -8.82
N PHE A 18 0.04 2.00 -7.88
CA PHE A 18 0.44 0.70 -7.34
C PHE A 18 0.91 -0.23 -8.46
N ALA A 19 0.05 -0.42 -9.46
CA ALA A 19 0.37 -1.29 -10.58
C ALA A 19 1.73 -0.93 -11.17
N LYS A 20 1.96 0.37 -11.38
CA LYS A 20 3.22 0.84 -11.94
C LYS A 20 4.41 0.35 -11.11
N VAL A 21 4.17 0.14 -9.83
CA VAL A 21 5.22 -0.33 -8.92
C VAL A 21 4.99 -1.80 -8.54
N ASP A 22 3.98 -2.42 -9.15
CA ASP A 22 3.67 -3.81 -8.87
C ASP A 22 3.96 -4.68 -10.09
N THR A 23 5.11 -4.47 -10.70
CA THR A 23 5.52 -5.23 -11.87
C THR A 23 6.15 -6.56 -11.47
N ASP A 24 6.12 -6.87 -10.18
CA ASP A 24 6.68 -8.11 -9.67
C ASP A 24 5.97 -9.32 -10.27
N GLY A 25 4.79 -9.08 -10.84
CA GLY A 25 4.03 -10.16 -11.43
C GLY A 25 3.41 -11.08 -10.41
N ASN A 26 3.45 -10.66 -9.14
CA ASN A 26 2.89 -11.45 -8.05
C ASN A 26 1.60 -10.83 -7.53
N GLY A 27 1.40 -9.54 -7.84
CA GLY A 27 0.21 -8.85 -7.38
C GLY A 27 0.49 -7.91 -6.23
N TYR A 28 1.52 -8.21 -5.46
CA TYR A 28 1.89 -7.37 -4.31
C TYR A 28 3.25 -6.72 -4.53
N ILE A 29 3.40 -5.50 -4.04
CA ILE A 29 4.65 -4.76 -4.18
C ILE A 29 5.53 -4.95 -2.96
N SER A 30 6.73 -4.38 -3.00
CA SER A 30 7.68 -4.49 -1.90
C SER A 30 7.63 -3.23 -1.03
N PHE A 31 8.19 -3.33 0.17
CA PHE A 31 8.21 -2.22 1.10
C PHE A 31 8.64 -0.93 0.40
N ASN A 32 9.83 -0.96 -0.22
CA ASN A 32 10.35 0.19 -0.93
C ASN A 32 9.35 0.69 -1.97
N GLU A 33 8.80 -0.24 -2.74
CA GLU A 33 7.83 0.10 -3.77
C GLU A 33 6.61 0.80 -3.17
N LEU A 34 6.17 0.31 -2.01
CA LEU A 34 5.02 0.89 -1.33
C LEU A 34 5.21 2.37 -1.07
N ASN A 35 6.22 2.70 -0.27
CA ASN A 35 6.53 4.09 0.06
C ASN A 35 6.56 4.95 -1.20
N ASP A 36 7.27 4.46 -2.22
CA ASP A 36 7.38 5.18 -3.48
C ASP A 36 6.02 5.36 -4.13
N LEU A 37 5.17 4.35 -4.00
CA LEU A 37 3.83 4.38 -4.58
C LEU A 37 2.99 5.48 -3.92
N PHE A 38 3.10 5.59 -2.61
CA PHE A 38 2.35 6.59 -1.85
C PHE A 38 2.63 8.00 -2.39
N LYS A 39 3.90 8.36 -2.45
CA LYS A 39 4.31 9.67 -2.94
C LYS A 39 4.08 9.78 -4.45
N ALA A 40 4.27 8.67 -5.15
CA ALA A 40 4.08 8.64 -6.60
C ALA A 40 2.61 8.86 -6.96
N ALA A 41 1.72 8.46 -6.07
CA ALA A 41 0.29 8.61 -6.30
C ALA A 41 -0.23 9.89 -5.65
N CYS A 42 0.68 10.79 -5.31
CA CYS A 42 0.30 12.05 -4.68
C CYS A 42 -0.56 11.80 -3.45
N LEU A 43 -0.03 11.05 -2.49
CA LEU A 43 -0.76 10.73 -1.28
C LEU A 43 -0.66 11.87 -0.27
N PRO A 44 -1.67 11.99 0.60
CA PRO A 44 -1.71 13.04 1.62
C PRO A 44 -0.68 12.82 2.72
N LEU A 45 -0.60 11.59 3.22
CA LEU A 45 0.35 11.25 4.28
C LEU A 45 1.77 11.56 3.84
N PRO A 46 2.62 11.96 4.79
CA PRO A 46 4.03 12.30 4.53
C PRO A 46 4.85 11.06 4.19
N GLY A 47 6.17 11.23 4.15
CA GLY A 47 7.06 10.12 3.84
C GLY A 47 7.31 9.23 5.04
N TYR A 48 7.45 9.84 6.21
CA TYR A 48 7.71 9.08 7.44
C TYR A 48 6.47 8.30 7.86
N ARG A 49 5.30 8.88 7.64
CA ARG A 49 4.05 8.24 8.00
C ARG A 49 3.93 6.88 7.31
N VAL A 50 4.10 6.86 6.00
CA VAL A 50 4.01 5.63 5.22
C VAL A 50 5.09 4.64 5.63
N ARG A 51 6.35 5.08 5.55
CA ARG A 51 7.48 4.24 5.91
C ARG A 51 7.31 3.66 7.32
N GLU A 52 6.79 4.49 8.23
CA GLU A 52 6.58 4.06 9.60
C GLU A 52 5.42 3.08 9.69
N ILE A 53 4.28 3.46 9.12
CA ILE A 53 3.10 2.59 9.13
C ILE A 53 3.45 1.17 8.71
N THR A 54 4.29 1.06 7.68
CA THR A 54 4.70 -0.25 7.17
C THR A 54 5.67 -0.93 8.14
N GLU A 55 6.77 -0.26 8.43
CA GLU A 55 7.77 -0.80 9.33
C GLU A 55 7.14 -1.24 10.65
N ASN A 56 6.13 -0.51 11.08
CA ASN A 56 5.43 -0.81 12.33
C ASN A 56 4.30 -1.82 12.09
N LEU A 57 3.84 -1.89 10.85
CA LEU A 57 2.77 -2.80 10.48
C LEU A 57 3.19 -4.26 10.71
N MET A 58 4.25 -4.68 10.03
CA MET A 58 4.75 -6.04 10.17
C MET A 58 5.67 -6.16 11.38
N ALA A 59 6.01 -5.03 11.98
CA ALA A 59 6.88 -5.01 13.15
C ALA A 59 6.46 -6.06 14.16
N THR A 60 5.17 -6.41 14.15
CA THR A 60 4.64 -7.40 15.08
C THR A 60 4.38 -8.73 14.37
N GLY A 61 3.54 -8.68 13.34
CA GLY A 61 3.21 -9.88 12.59
C GLY A 61 2.12 -9.65 11.57
N ASP A 62 2.21 -8.56 10.83
CA ASP A 62 1.23 -8.22 9.81
C ASP A 62 1.64 -8.77 8.46
N LEU A 63 2.83 -8.41 8.01
CA LEU A 63 3.35 -8.85 6.72
C LEU A 63 4.24 -10.07 6.89
N ASP A 64 4.07 -10.78 8.01
CA ASP A 64 4.87 -11.97 8.29
C ASP A 64 4.42 -13.14 7.42
N GLN A 65 3.34 -12.93 6.67
CA GLN A 65 2.80 -13.97 5.80
C GLN A 65 3.73 -14.21 4.60
N ASP A 66 4.43 -13.16 4.19
CA ASP A 66 5.36 -13.25 3.07
C ASP A 66 6.39 -12.14 3.12
N GLY A 67 5.97 -10.96 3.55
CA GLY A 67 6.87 -9.82 3.65
C GLY A 67 6.52 -8.73 2.66
N ARG A 68 5.88 -9.10 1.56
CA ARG A 68 5.48 -8.12 0.54
C ARG A 68 4.26 -7.32 1.00
N ILE A 69 3.66 -6.59 0.06
CA ILE A 69 2.49 -5.78 0.36
C ILE A 69 1.54 -5.74 -0.83
N SER A 70 0.41 -6.41 -0.70
CA SER A 70 -0.59 -6.46 -1.77
C SER A 70 -1.45 -5.19 -1.75
N PHE A 71 -2.05 -4.88 -2.89
CA PHE A 71 -2.90 -3.70 -3.00
C PHE A 71 -3.89 -3.64 -1.85
N ASP A 72 -4.35 -4.80 -1.40
CA ASP A 72 -5.30 -4.88 -0.30
C ASP A 72 -4.76 -4.16 0.94
N GLU A 73 -3.57 -4.56 1.38
CA GLU A 73 -2.95 -3.96 2.55
C GLU A 73 -2.77 -2.45 2.36
N PHE A 74 -2.30 -2.06 1.19
CA PHE A 74 -2.09 -0.65 0.88
C PHE A 74 -3.35 0.16 1.15
N ILE A 75 -4.47 -0.28 0.57
CA ILE A 75 -5.74 0.40 0.74
C ILE A 75 -6.12 0.50 2.22
N LYS A 76 -6.16 -0.65 2.89
CA LYS A 76 -6.50 -0.69 4.31
C LYS A 76 -5.62 0.26 5.11
N ILE A 77 -4.38 0.43 4.65
CA ILE A 77 -3.44 1.31 5.33
C ILE A 77 -3.75 2.77 5.06
N PHE A 78 -4.15 3.07 3.83
CA PHE A 78 -4.49 4.43 3.44
C PHE A 78 -5.74 4.91 4.17
N HIS A 79 -6.67 4.00 4.42
CA HIS A 79 -7.91 4.32 5.11
C HIS A 79 -7.70 4.29 6.63
N GLY A 80 -6.86 3.37 7.09
CA GLY A 80 -6.59 3.25 8.51
C GLY A 80 -7.71 2.55 9.25
N LEU A 81 -8.90 3.14 9.20
CA LEU A 81 -10.06 2.55 9.87
C LEU A 81 -11.26 2.47 8.93
N LYS A 82 -11.83 1.27 8.81
CA LYS A 82 -12.98 1.06 7.95
C LYS A 82 -14.14 1.96 8.34
N MET A 1 -8.94 -9.15 -8.17
CA MET A 1 -10.06 -9.62 -7.38
C MET A 1 -9.75 -9.52 -5.89
N ALA A 2 -10.39 -8.55 -5.23
CA ALA A 2 -10.19 -8.33 -3.80
C ALA A 2 -11.08 -7.21 -3.28
N ARG A 3 -11.14 -7.07 -1.96
CA ARG A 3 -11.96 -6.04 -1.33
C ARG A 3 -11.30 -4.66 -1.48
N GLY A 4 -11.88 -3.68 -0.81
CA GLY A 4 -11.34 -2.33 -0.89
C GLY A 4 -12.00 -1.39 0.11
N SER A 5 -11.50 -0.15 0.17
CA SER A 5 -12.05 0.84 1.09
C SER A 5 -12.06 2.23 0.44
N VAL A 6 -10.93 2.61 -0.16
CA VAL A 6 -10.81 3.90 -0.81
C VAL A 6 -11.95 4.11 -1.81
N SER A 7 -12.40 5.36 -1.92
CA SER A 7 -13.49 5.70 -2.84
C SER A 7 -13.09 5.37 -4.27
N ASP A 8 -14.02 5.60 -5.20
CA ASP A 8 -13.79 5.34 -6.61
C ASP A 8 -12.62 6.17 -7.13
N GLU A 9 -12.64 7.47 -6.85
CA GLU A 9 -11.59 8.38 -7.28
C GLU A 9 -10.22 7.85 -6.87
N GLU A 10 -10.02 7.68 -5.56
CA GLU A 10 -8.75 7.18 -5.05
C GLU A 10 -8.46 5.78 -5.58
N MET A 11 -9.33 4.84 -5.26
CA MET A 11 -9.16 3.46 -5.72
C MET A 11 -8.59 3.41 -7.13
N MET A 12 -9.10 4.29 -7.99
CA MET A 12 -8.65 4.36 -9.37
C MET A 12 -7.21 4.86 -9.46
N GLU A 13 -6.94 5.96 -8.76
CA GLU A 13 -5.60 6.55 -8.75
C GLU A 13 -4.61 5.63 -8.04
N LEU A 14 -4.89 5.35 -6.77
CA LEU A 14 -4.03 4.48 -5.98
C LEU A 14 -3.66 3.22 -6.75
N ARG A 15 -4.68 2.58 -7.33
CA ARG A 15 -4.46 1.36 -8.09
C ARG A 15 -3.52 1.60 -9.26
N GLU A 16 -3.77 2.68 -10.00
CA GLU A 16 -2.95 3.02 -11.16
C GLU A 16 -1.47 3.01 -10.79
N ALA A 17 -1.11 3.80 -9.78
CA ALA A 17 0.28 3.88 -9.32
C ALA A 17 0.77 2.53 -8.83
N PHE A 18 0.05 1.94 -7.89
CA PHE A 18 0.41 0.64 -7.34
C PHE A 18 0.90 -0.30 -8.44
N ALA A 19 0.05 -0.52 -9.43
CA ALA A 19 0.38 -1.40 -10.54
C ALA A 19 1.74 -1.04 -11.15
N LYS A 20 1.96 0.25 -11.37
CA LYS A 20 3.21 0.72 -11.93
C LYS A 20 4.39 0.26 -11.10
N VAL A 21 4.16 0.05 -9.81
CA VAL A 21 5.21 -0.40 -8.89
C VAL A 21 4.98 -1.85 -8.48
N ASP A 22 3.98 -2.47 -9.07
CA ASP A 22 3.66 -3.86 -8.77
C ASP A 22 4.08 -4.79 -9.90
N THR A 23 5.30 -4.60 -10.39
CA THR A 23 5.83 -5.41 -11.48
C THR A 23 6.38 -6.73 -10.97
N ASP A 24 6.15 -7.00 -9.68
CA ASP A 24 6.62 -8.24 -9.08
C ASP A 24 6.03 -9.46 -9.77
N GLY A 25 4.93 -9.24 -10.48
CA GLY A 25 4.28 -10.33 -11.20
C GLY A 25 3.51 -11.25 -10.26
N ASN A 26 3.38 -10.85 -9.00
CA ASN A 26 2.67 -11.65 -8.01
C ASN A 26 1.41 -10.94 -7.56
N GLY A 27 1.32 -9.64 -7.81
CA GLY A 27 0.15 -8.88 -7.42
C GLY A 27 0.43 -7.90 -6.31
N TYR A 28 1.38 -8.25 -5.45
CA TYR A 28 1.76 -7.39 -4.32
C TYR A 28 3.11 -6.75 -4.56
N ILE A 29 3.28 -5.53 -4.06
CA ILE A 29 4.53 -4.81 -4.21
C ILE A 29 5.42 -4.98 -2.98
N SER A 30 6.62 -4.40 -3.04
CA SER A 30 7.56 -4.50 -1.93
C SER A 30 7.52 -3.23 -1.07
N PHE A 31 8.11 -3.32 0.11
CA PHE A 31 8.14 -2.19 1.04
C PHE A 31 8.57 -0.91 0.32
N ASN A 32 9.74 -0.96 -0.30
CA ASN A 32 10.27 0.19 -1.02
C ASN A 32 9.26 0.70 -2.05
N GLU A 33 8.70 -0.22 -2.83
CA GLU A 33 7.72 0.14 -3.85
C GLU A 33 6.51 0.82 -3.22
N LEU A 34 6.09 0.32 -2.06
CA LEU A 34 4.94 0.89 -1.35
C LEU A 34 5.15 2.37 -1.07
N ASN A 35 6.17 2.67 -0.27
CA ASN A 35 6.48 4.05 0.08
C ASN A 35 6.50 4.94 -1.16
N ASP A 36 7.23 4.50 -2.18
CA ASP A 36 7.34 5.25 -3.43
C ASP A 36 5.97 5.41 -4.08
N LEU A 37 5.13 4.39 -3.94
CA LEU A 37 3.79 4.42 -4.52
C LEU A 37 2.91 5.45 -3.81
N PHE A 38 3.10 5.58 -2.50
CA PHE A 38 2.33 6.52 -1.71
C PHE A 38 2.58 7.96 -2.17
N LYS A 39 3.86 8.30 -2.33
CA LYS A 39 4.24 9.64 -2.78
C LYS A 39 3.99 9.82 -4.26
N ALA A 40 4.18 8.75 -5.02
CA ALA A 40 3.97 8.78 -6.46
C ALA A 40 2.50 8.97 -6.80
N ALA A 41 1.64 8.51 -5.89
CA ALA A 41 0.19 8.63 -6.10
C ALA A 41 -0.34 9.95 -5.56
N CYS A 42 0.58 10.86 -5.22
CA CYS A 42 0.21 12.16 -4.70
C CYS A 42 -0.78 12.02 -3.55
N LEU A 43 -0.38 11.27 -2.53
CA LEU A 43 -1.23 11.05 -1.36
C LEU A 43 -0.98 12.11 -0.29
N PRO A 44 -1.94 12.25 0.63
CA PRO A 44 -1.84 13.23 1.72
C PRO A 44 -0.77 12.87 2.74
N LEU A 45 -0.79 11.62 3.20
CA LEU A 45 0.19 11.15 4.17
C LEU A 45 1.61 11.44 3.71
N PRO A 46 2.47 11.85 4.66
CA PRO A 46 3.87 12.17 4.37
C PRO A 46 4.68 10.93 4.01
N GLY A 47 6.01 11.09 3.96
CA GLY A 47 6.88 9.97 3.64
C GLY A 47 7.16 9.09 4.83
N TYR A 48 7.37 9.72 5.99
CA TYR A 48 7.64 8.98 7.21
C TYR A 48 6.43 8.20 7.68
N ARG A 49 5.26 8.81 7.56
CA ARG A 49 4.01 8.17 7.97
C ARG A 49 3.85 6.81 7.30
N VAL A 50 4.05 6.77 5.99
CA VAL A 50 3.93 5.54 5.22
C VAL A 50 5.00 4.53 5.64
N ARG A 51 6.26 4.93 5.47
CA ARG A 51 7.39 4.06 5.81
C ARG A 51 7.25 3.54 7.24
N GLU A 52 6.72 4.39 8.13
CA GLU A 52 6.54 4.02 9.52
C GLU A 52 5.40 3.00 9.67
N ILE A 53 4.23 3.36 9.16
CA ILE A 53 3.07 2.49 9.22
C ILE A 53 3.42 1.06 8.78
N THR A 54 4.24 0.96 7.74
CA THR A 54 4.65 -0.33 7.22
C THR A 54 5.64 -1.01 8.16
N GLU A 55 6.75 -0.35 8.43
CA GLU A 55 7.78 -0.90 9.31
C GLU A 55 7.16 -1.34 10.64
N ASN A 56 6.14 -0.61 11.09
CA ASN A 56 5.48 -0.91 12.35
C ASN A 56 4.36 -1.92 12.13
N LEU A 57 3.86 -2.00 10.90
CA LEU A 57 2.79 -2.93 10.56
C LEU A 57 3.24 -4.38 10.75
N MET A 58 4.28 -4.77 10.03
CA MET A 58 4.81 -6.14 10.13
C MET A 58 5.76 -6.26 11.31
N ALA A 59 6.09 -5.13 11.93
CA ALA A 59 7.00 -5.11 13.07
C ALA A 59 6.62 -6.19 14.08
N THR A 60 5.35 -6.56 14.09
CA THR A 60 4.86 -7.58 15.01
C THR A 60 4.59 -8.90 14.29
N GLY A 61 3.73 -8.85 13.28
CA GLY A 61 3.40 -10.04 12.52
C GLY A 61 2.28 -9.80 11.54
N ASP A 62 2.33 -8.68 10.83
CA ASP A 62 1.30 -8.35 9.85
C ASP A 62 1.67 -8.87 8.48
N LEU A 63 2.85 -8.50 7.99
CA LEU A 63 3.33 -8.93 6.69
C LEU A 63 4.22 -10.16 6.81
N ASP A 64 3.99 -10.95 7.86
CA ASP A 64 4.78 -12.16 8.10
C ASP A 64 4.38 -13.26 7.12
N GLN A 65 3.33 -13.00 6.34
CA GLN A 65 2.85 -13.97 5.36
C GLN A 65 3.87 -14.17 4.25
N ASP A 66 4.69 -13.15 4.02
CA ASP A 66 5.72 -13.22 2.97
C ASP A 66 6.69 -12.05 3.10
N GLY A 67 6.19 -10.91 3.54
CA GLY A 67 7.03 -9.73 3.70
C GLY A 67 6.67 -8.63 2.73
N ARG A 68 5.96 -8.98 1.67
CA ARG A 68 5.55 -8.00 0.67
C ARG A 68 4.30 -7.26 1.11
N ILE A 69 3.71 -6.51 0.18
CA ILE A 69 2.50 -5.75 0.48
C ILE A 69 1.57 -5.70 -0.74
N SER A 70 0.40 -6.31 -0.60
CA SER A 70 -0.58 -6.34 -1.68
C SER A 70 -1.44 -5.08 -1.67
N PHE A 71 -2.00 -4.74 -2.82
CA PHE A 71 -2.84 -3.56 -2.95
C PHE A 71 -3.82 -3.46 -1.78
N ASP A 72 -4.33 -4.61 -1.34
CA ASP A 72 -5.27 -4.65 -0.24
C ASP A 72 -4.70 -3.95 0.99
N GLU A 73 -3.49 -4.34 1.39
CA GLU A 73 -2.83 -3.75 2.55
C GLU A 73 -2.67 -2.24 2.37
N PHE A 74 -2.21 -1.84 1.19
CA PHE A 74 -2.01 -0.43 0.90
C PHE A 74 -3.27 0.38 1.19
N ILE A 75 -4.39 -0.07 0.63
CA ILE A 75 -5.66 0.61 0.83
C ILE A 75 -6.01 0.71 2.30
N LYS A 76 -6.08 -0.45 2.97
CA LYS A 76 -6.39 -0.50 4.39
C LYS A 76 -5.49 0.43 5.18
N ILE A 77 -4.24 0.58 4.73
CA ILE A 77 -3.28 1.44 5.39
C ILE A 77 -3.55 2.91 5.09
N PHE A 78 -3.90 3.20 3.85
CA PHE A 78 -4.19 4.56 3.44
C PHE A 78 -5.47 5.07 4.10
N HIS A 79 -6.47 4.20 4.22
CA HIS A 79 -7.73 4.56 4.83
C HIS A 79 -7.62 4.54 6.36
N GLY A 80 -6.83 3.62 6.87
CA GLY A 80 -6.65 3.52 8.31
C GLY A 80 -7.57 2.49 8.94
N LEU A 81 -7.55 1.27 8.41
CA LEU A 81 -8.39 0.20 8.91
C LEU A 81 -7.63 -1.13 8.93
N LYS A 82 -8.29 -2.17 9.42
CA LYS A 82 -7.69 -3.49 9.49
C LYS A 82 -8.33 -4.44 8.48
N MET A 1 -11.64 -9.54 -9.98
CA MET A 1 -11.38 -9.17 -8.60
C MET A 1 -12.69 -8.99 -7.84
N ALA A 2 -13.38 -7.88 -8.11
CA ALA A 2 -14.65 -7.58 -7.46
C ALA A 2 -14.47 -7.50 -5.94
N ARG A 3 -13.70 -6.51 -5.50
CA ARG A 3 -13.45 -6.31 -4.08
C ARG A 3 -12.68 -5.02 -3.84
N GLY A 4 -12.86 -4.44 -2.65
CA GLY A 4 -12.17 -3.20 -2.33
C GLY A 4 -12.84 -2.45 -1.20
N SER A 5 -12.36 -1.24 -0.92
CA SER A 5 -12.92 -0.41 0.14
C SER A 5 -12.68 1.06 -0.14
N VAL A 6 -11.46 1.41 -0.53
CA VAL A 6 -11.11 2.79 -0.83
C VAL A 6 -12.09 3.40 -1.83
N SER A 7 -12.28 4.71 -1.73
CA SER A 7 -13.20 5.41 -2.62
C SER A 7 -12.90 5.07 -4.08
N ASP A 8 -13.92 5.19 -4.94
CA ASP A 8 -13.77 4.89 -6.35
C ASP A 8 -12.62 5.70 -6.96
N GLU A 9 -12.67 7.02 -6.79
CA GLU A 9 -11.63 7.89 -7.32
C GLU A 9 -10.25 7.38 -6.96
N GLU A 10 -9.98 7.27 -5.65
CA GLU A 10 -8.69 6.80 -5.18
C GLU A 10 -8.38 5.41 -5.74
N MET A 11 -9.29 4.47 -5.53
CA MET A 11 -9.11 3.11 -6.01
C MET A 11 -8.48 3.11 -7.40
N MET A 12 -8.96 3.99 -8.27
CA MET A 12 -8.43 4.09 -9.63
C MET A 12 -7.00 4.64 -9.62
N GLU A 13 -6.79 5.72 -8.88
CA GLU A 13 -5.48 6.33 -8.79
C GLU A 13 -4.50 5.42 -8.05
N LEU A 14 -4.82 5.11 -6.80
CA LEU A 14 -3.95 4.25 -5.99
C LEU A 14 -3.54 3.01 -6.77
N ARG A 15 -4.51 2.35 -7.39
CA ARG A 15 -4.25 1.15 -8.17
C ARG A 15 -3.31 1.45 -9.33
N GLU A 16 -3.56 2.56 -10.02
CA GLU A 16 -2.73 2.96 -11.15
C GLU A 16 -1.26 2.96 -10.78
N ALA A 17 -0.91 3.78 -9.79
CA ALA A 17 0.47 3.87 -9.33
C ALA A 17 0.99 2.52 -8.86
N PHE A 18 0.27 1.90 -7.92
CA PHE A 18 0.66 0.61 -7.38
C PHE A 18 1.14 -0.32 -8.49
N ALA A 19 0.30 -0.50 -9.51
CA ALA A 19 0.64 -1.35 -10.64
C ALA A 19 2.02 -1.01 -11.20
N LYS A 20 2.26 0.28 -11.40
CA LYS A 20 3.54 0.75 -11.93
C LYS A 20 4.69 0.24 -11.08
N VAL A 21 4.43 0.00 -9.80
CA VAL A 21 5.46 -0.49 -8.89
C VAL A 21 5.23 -1.95 -8.55
N ASP A 22 4.25 -2.57 -9.22
CA ASP A 22 3.93 -3.97 -8.99
C ASP A 22 4.13 -4.79 -10.26
N THR A 23 5.39 -5.06 -10.60
CA THR A 23 5.71 -5.83 -11.80
C THR A 23 5.61 -7.33 -11.54
N ASP A 24 5.38 -7.68 -10.27
CA ASP A 24 5.26 -9.08 -9.89
C ASP A 24 4.06 -9.73 -10.56
N GLY A 25 3.07 -8.91 -10.91
CA GLY A 25 1.87 -9.43 -11.56
C GLY A 25 0.91 -10.07 -10.58
N ASN A 26 1.28 -10.06 -9.31
CA ASN A 26 0.45 -10.66 -8.27
C ASN A 26 -0.10 -9.58 -7.33
N GLY A 27 -0.14 -8.34 -7.82
CA GLY A 27 -0.65 -7.24 -7.03
C GLY A 27 0.09 -7.10 -5.71
N TYR A 28 1.40 -7.33 -5.73
CA TYR A 28 2.22 -7.23 -4.53
C TYR A 28 3.38 -6.25 -4.75
N ILE A 29 3.69 -5.48 -3.70
CA ILE A 29 4.77 -4.51 -3.77
C ILE A 29 5.64 -4.58 -2.52
N SER A 30 6.95 -4.40 -2.70
CA SER A 30 7.89 -4.43 -1.60
C SER A 30 7.81 -3.15 -0.77
N PHE A 31 8.38 -3.19 0.43
CA PHE A 31 8.38 -2.03 1.31
C PHE A 31 8.78 -0.77 0.56
N ASN A 32 9.97 -0.80 -0.04
CA ASN A 32 10.48 0.33 -0.79
C ASN A 32 9.48 0.78 -1.85
N GLU A 33 8.95 -0.17 -2.61
CA GLU A 33 7.98 0.12 -3.65
C GLU A 33 6.75 0.81 -3.07
N LEU A 34 6.33 0.35 -1.89
CA LEU A 34 5.16 0.92 -1.24
C LEU A 34 5.34 2.42 -1.00
N ASN A 35 6.33 2.77 -0.19
CA ASN A 35 6.61 4.16 0.13
C ASN A 35 6.66 5.00 -1.15
N ASP A 36 7.37 4.51 -2.15
CA ASP A 36 7.49 5.22 -3.42
C ASP A 36 6.12 5.37 -4.09
N LEU A 37 5.29 4.35 -3.96
CA LEU A 37 3.95 4.36 -4.54
C LEU A 37 3.09 5.44 -3.91
N PHE A 38 3.18 5.55 -2.58
CA PHE A 38 2.41 6.55 -1.85
C PHE A 38 2.66 7.95 -2.40
N LYS A 39 3.93 8.34 -2.44
CA LYS A 39 4.31 9.65 -2.94
C LYS A 39 4.09 9.75 -4.44
N ALA A 40 4.34 8.65 -5.15
CA ALA A 40 4.15 8.61 -6.59
C ALA A 40 2.69 8.81 -6.97
N ALA A 41 1.80 8.38 -6.09
CA ALA A 41 0.37 8.52 -6.33
C ALA A 41 -0.18 9.79 -5.69
N CYS A 42 0.71 10.72 -5.38
CA CYS A 42 0.32 11.98 -4.76
C CYS A 42 -0.55 11.73 -3.54
N LEU A 43 -0.01 10.99 -2.57
CA LEU A 43 -0.74 10.69 -1.34
C LEU A 43 -0.63 11.83 -0.35
N PRO A 44 -1.66 11.97 0.50
CA PRO A 44 -1.70 13.02 1.52
C PRO A 44 -0.69 12.79 2.64
N LEU A 45 -0.65 11.57 3.16
CA LEU A 45 0.27 11.22 4.23
C LEU A 45 1.71 11.53 3.83
N PRO A 46 2.52 11.93 4.81
CA PRO A 46 3.94 12.27 4.59
C PRO A 46 4.77 11.04 4.27
N GLY A 47 6.09 11.21 4.29
CA GLY A 47 6.99 10.10 4.01
C GLY A 47 7.21 9.21 5.21
N TYR A 48 7.34 9.82 6.38
CA TYR A 48 7.57 9.07 7.61
C TYR A 48 6.32 8.28 8.00
N ARG A 49 5.16 8.88 7.79
CA ARG A 49 3.89 8.23 8.12
C ARG A 49 3.77 6.88 7.42
N VAL A 50 4.02 6.88 6.11
CA VAL A 50 3.94 5.67 5.32
C VAL A 50 5.00 4.66 5.76
N ARG A 51 6.25 5.06 5.71
CA ARG A 51 7.36 4.19 6.11
C ARG A 51 7.14 3.64 7.52
N GLU A 52 6.56 4.46 8.38
CA GLU A 52 6.29 4.07 9.76
C GLU A 52 5.17 3.04 9.82
N ILE A 53 4.04 3.37 9.22
CA ILE A 53 2.88 2.49 9.21
C ILE A 53 3.28 1.08 8.76
N THR A 54 4.16 1.00 7.77
CA THR A 54 4.62 -0.28 7.25
C THR A 54 5.55 -0.97 8.25
N GLU A 55 6.65 -0.28 8.60
CA GLU A 55 7.61 -0.84 9.53
C GLU A 55 6.92 -1.29 10.82
N ASN A 56 5.87 -0.59 11.21
CA ASN A 56 5.12 -0.92 12.42
C ASN A 56 4.04 -1.94 12.12
N LEU A 57 3.64 -2.02 10.85
CA LEU A 57 2.59 -2.96 10.44
C LEU A 57 3.05 -4.39 10.64
N MET A 58 4.15 -4.76 9.98
CA MET A 58 4.70 -6.11 10.09
C MET A 58 5.58 -6.24 11.33
N ALA A 59 5.84 -5.11 11.98
CA ALA A 59 6.67 -5.10 13.18
C ALA A 59 6.26 -6.21 14.14
N THR A 60 4.99 -6.61 14.08
CA THR A 60 4.47 -7.65 14.94
C THR A 60 4.28 -8.95 14.19
N GLY A 61 3.48 -8.91 13.12
CA GLY A 61 3.24 -10.10 12.32
C GLY A 61 2.18 -9.88 11.27
N ASP A 62 2.26 -8.75 10.57
CA ASP A 62 1.29 -8.42 9.53
C ASP A 62 1.79 -8.91 8.17
N LEU A 63 2.98 -8.48 7.79
CA LEU A 63 3.57 -8.87 6.51
C LEU A 63 4.54 -10.04 6.68
N ASP A 64 4.49 -10.67 7.86
CA ASP A 64 5.37 -11.80 8.15
C ASP A 64 5.16 -12.91 7.13
N GLN A 65 4.04 -12.88 6.43
CA GLN A 65 3.73 -13.88 5.42
C GLN A 65 4.89 -14.07 4.46
N ASP A 66 5.64 -13.00 4.24
CA ASP A 66 6.79 -13.04 3.34
C ASP A 66 7.57 -11.74 3.38
N GLY A 67 6.87 -10.64 3.66
CA GLY A 67 7.52 -9.35 3.73
C GLY A 67 7.03 -8.40 2.65
N ARG A 68 6.18 -8.90 1.77
CA ARG A 68 5.64 -8.09 0.68
C ARG A 68 4.41 -7.32 1.13
N ILE A 69 3.84 -6.55 0.22
CA ILE A 69 2.64 -5.76 0.52
C ILE A 69 1.67 -5.75 -0.65
N SER A 70 0.56 -6.46 -0.50
CA SER A 70 -0.45 -6.53 -1.55
C SER A 70 -1.29 -5.25 -1.59
N PHE A 71 -1.83 -4.94 -2.75
CA PHE A 71 -2.66 -3.75 -2.92
C PHE A 71 -3.68 -3.64 -1.79
N ASP A 72 -4.16 -4.78 -1.32
CA ASP A 72 -5.15 -4.80 -0.24
C ASP A 72 -4.63 -4.07 0.99
N GLU A 73 -3.43 -4.45 1.44
CA GLU A 73 -2.83 -3.83 2.60
C GLU A 73 -2.68 -2.32 2.40
N PHE A 74 -2.16 -1.93 1.25
CA PHE A 74 -1.96 -0.53 0.93
C PHE A 74 -3.26 0.26 1.13
N ILE A 75 -4.35 -0.27 0.60
CA ILE A 75 -5.66 0.37 0.72
C ILE A 75 -6.06 0.53 2.17
N LYS A 76 -6.15 -0.58 2.88
CA LYS A 76 -6.52 -0.57 4.30
C LYS A 76 -5.67 0.43 5.08
N ILE A 77 -4.41 0.56 4.67
CA ILE A 77 -3.49 1.49 5.33
C ILE A 77 -3.85 2.94 5.02
N PHE A 78 -4.22 3.19 3.78
CA PHE A 78 -4.59 4.54 3.35
C PHE A 78 -5.84 5.01 4.08
N HIS A 79 -6.81 4.11 4.22
CA HIS A 79 -8.07 4.44 4.90
C HIS A 79 -7.87 4.49 6.42
N GLY A 80 -6.98 3.62 6.92
CA GLY A 80 -6.72 3.59 8.35
C GLY A 80 -7.80 2.86 9.11
N LEU A 81 -8.04 1.60 8.74
CA LEU A 81 -9.06 0.80 9.40
C LEU A 81 -8.41 -0.28 10.27
N LYS A 82 -8.51 -0.10 11.59
CA LYS A 82 -7.94 -1.06 12.53
C LYS A 82 -8.43 -2.48 12.23
N MET A 1 -7.19 -10.83 -7.41
CA MET A 1 -6.34 -9.90 -6.69
C MET A 1 -6.93 -8.50 -6.72
N ALA A 2 -8.19 -8.38 -6.30
CA ALA A 2 -8.86 -7.08 -6.27
C ALA A 2 -9.68 -6.92 -5.00
N ARG A 3 -9.87 -5.67 -4.58
CA ARG A 3 -10.64 -5.38 -3.37
C ARG A 3 -11.63 -4.25 -3.62
N GLY A 4 -12.29 -3.80 -2.56
CA GLY A 4 -13.25 -2.72 -2.68
C GLY A 4 -13.55 -2.06 -1.34
N SER A 5 -12.65 -1.18 -0.91
CA SER A 5 -12.81 -0.49 0.36
C SER A 5 -12.60 1.02 0.18
N VAL A 6 -11.36 1.40 -0.13
CA VAL A 6 -11.03 2.81 -0.33
C VAL A 6 -11.98 3.47 -1.32
N SER A 7 -12.11 4.79 -1.24
CA SER A 7 -12.99 5.53 -2.12
C SER A 7 -12.71 5.18 -3.58
N ASP A 8 -13.76 5.23 -4.39
CA ASP A 8 -13.63 4.92 -5.81
C ASP A 8 -12.50 5.71 -6.45
N GLU A 9 -12.53 7.03 -6.27
CA GLU A 9 -11.50 7.91 -6.83
C GLU A 9 -10.11 7.38 -6.51
N GLU A 10 -9.80 7.26 -5.22
CA GLU A 10 -8.50 6.78 -4.78
C GLU A 10 -8.23 5.38 -5.35
N MET A 11 -9.12 4.45 -5.06
CA MET A 11 -8.97 3.08 -5.54
C MET A 11 -8.41 3.06 -6.96
N MET A 12 -8.93 3.94 -7.81
CA MET A 12 -8.48 4.03 -9.20
C MET A 12 -7.05 4.55 -9.27
N GLU A 13 -6.78 5.62 -8.53
CA GLU A 13 -5.45 6.21 -8.51
C GLU A 13 -4.44 5.28 -7.84
N LEU A 14 -4.70 4.96 -6.58
CA LEU A 14 -3.81 4.08 -5.82
C LEU A 14 -3.46 2.84 -6.63
N ARG A 15 -4.48 2.22 -7.23
CA ARG A 15 -4.28 1.02 -8.04
C ARG A 15 -3.36 1.31 -9.22
N GLU A 16 -3.66 2.37 -9.96
CA GLU A 16 -2.86 2.76 -11.11
C GLU A 16 -1.38 2.80 -10.76
N ALA A 17 -1.03 3.65 -9.82
CA ALA A 17 0.36 3.80 -9.38
C ALA A 17 0.92 2.46 -8.89
N PHE A 18 0.23 1.86 -7.94
CA PHE A 18 0.65 0.59 -7.38
C PHE A 18 1.15 -0.35 -8.47
N ALA A 19 0.30 -0.60 -9.47
CA ALA A 19 0.65 -1.47 -10.57
C ALA A 19 2.00 -1.09 -11.17
N LYS A 20 2.20 0.20 -11.38
CA LYS A 20 3.46 0.70 -11.95
C LYS A 20 4.65 0.26 -11.10
N VAL A 21 4.40 0.03 -9.81
CA VAL A 21 5.45 -0.41 -8.90
C VAL A 21 5.27 -1.87 -8.50
N ASP A 22 4.29 -2.52 -9.12
CA ASP A 22 4.01 -3.92 -8.82
C ASP A 22 4.85 -4.83 -9.70
N THR A 23 6.09 -5.08 -9.29
CA THR A 23 7.00 -5.93 -10.04
C THR A 23 6.43 -7.34 -10.19
N ASP A 24 5.81 -7.84 -9.13
CA ASP A 24 5.22 -9.16 -9.15
C ASP A 24 4.12 -9.27 -10.21
N GLY A 25 3.52 -8.12 -10.53
CA GLY A 25 2.46 -8.10 -11.53
C GLY A 25 1.19 -8.76 -11.03
N ASN A 26 1.20 -9.19 -9.78
CA ASN A 26 0.04 -9.85 -9.19
C ASN A 26 -0.54 -9.00 -8.05
N GLY A 27 -0.27 -7.70 -8.09
CA GLY A 27 -0.77 -6.81 -7.06
C GLY A 27 0.08 -6.83 -5.81
N TYR A 28 1.37 -7.13 -5.97
CA TYR A 28 2.29 -7.19 -4.83
C TYR A 28 3.45 -6.24 -5.03
N ILE A 29 3.77 -5.48 -3.99
CA ILE A 29 4.87 -4.53 -4.04
C ILE A 29 5.72 -4.59 -2.77
N SER A 30 7.03 -4.39 -2.92
CA SER A 30 7.94 -4.43 -1.80
C SER A 30 7.87 -3.15 -0.98
N PHE A 31 8.44 -3.18 0.22
CA PHE A 31 8.43 -2.02 1.09
C PHE A 31 8.84 -0.76 0.33
N ASN A 32 10.02 -0.80 -0.28
CA ASN A 32 10.52 0.34 -1.04
C ASN A 32 9.51 0.79 -2.09
N GLU A 33 8.95 -0.18 -2.81
CA GLU A 33 7.96 0.11 -3.84
C GLU A 33 6.75 0.83 -3.25
N LEU A 34 6.35 0.42 -2.06
CA LEU A 34 5.20 1.02 -1.38
C LEU A 34 5.42 2.51 -1.16
N ASN A 35 6.47 2.83 -0.41
CA ASN A 35 6.80 4.22 -0.12
C ASN A 35 6.79 5.07 -1.40
N ASP A 36 7.44 4.55 -2.44
CA ASP A 36 7.51 5.25 -3.71
C ASP A 36 6.12 5.39 -4.34
N LEU A 37 5.28 4.37 -4.13
CA LEU A 37 3.93 4.38 -4.66
C LEU A 37 3.08 5.48 -4.01
N PHE A 38 3.29 5.68 -2.72
CA PHE A 38 2.55 6.71 -1.99
C PHE A 38 2.91 8.10 -2.49
N LYS A 39 4.20 8.39 -2.58
CA LYS A 39 4.67 9.68 -3.04
C LYS A 39 4.30 9.89 -4.51
N ALA A 40 4.35 8.82 -5.30
CA ALA A 40 4.03 8.88 -6.71
C ALA A 40 2.53 9.00 -6.92
N ALA A 41 1.76 8.49 -5.96
CA ALA A 41 0.31 8.54 -6.05
C ALA A 41 -0.23 9.89 -5.58
N CYS A 42 0.65 10.71 -5.02
CA CYS A 42 0.26 12.03 -4.53
C CYS A 42 -0.71 11.91 -3.37
N LEU A 43 -0.42 10.99 -2.45
CA LEU A 43 -1.28 10.77 -1.29
C LEU A 43 -1.12 11.91 -0.28
N PRO A 44 -2.14 12.07 0.59
CA PRO A 44 -2.13 13.11 1.61
C PRO A 44 -1.10 12.85 2.71
N LEU A 45 -0.77 11.57 2.91
CA LEU A 45 0.20 11.19 3.92
C LEU A 45 1.63 11.50 3.46
N PRO A 46 2.48 11.94 4.40
CA PRO A 46 3.88 12.26 4.10
C PRO A 46 4.71 11.03 3.79
N GLY A 47 6.02 11.19 3.78
CA GLY A 47 6.92 10.09 3.50
C GLY A 47 7.16 9.21 4.70
N TYR A 48 7.38 9.84 5.85
CA TYR A 48 7.63 9.10 7.09
C TYR A 48 6.39 8.32 7.52
N ARG A 49 5.23 8.95 7.38
CA ARG A 49 3.96 8.32 7.76
C ARG A 49 3.83 6.94 7.11
N VAL A 50 4.00 6.89 5.79
CA VAL A 50 3.90 5.64 5.06
C VAL A 50 4.96 4.64 5.52
N ARG A 51 6.22 5.06 5.46
CA ARG A 51 7.32 4.21 5.88
C ARG A 51 7.07 3.62 7.26
N GLU A 52 6.83 4.49 8.23
CA GLU A 52 6.57 4.06 9.61
C GLU A 52 5.42 3.06 9.65
N ILE A 53 4.31 3.42 9.02
CA ILE A 53 3.13 2.56 8.99
C ILE A 53 3.49 1.15 8.54
N THR A 54 4.36 1.06 7.54
CA THR A 54 4.81 -0.24 7.02
C THR A 54 5.62 -1.00 8.05
N GLU A 55 6.77 -0.43 8.42
CA GLU A 55 7.64 -1.06 9.40
C GLU A 55 6.86 -1.47 10.65
N ASN A 56 5.92 -0.62 11.06
CA ASN A 56 5.11 -0.90 12.23
C ASN A 56 4.26 -2.15 12.03
N LEU A 57 3.55 -2.21 10.91
CA LEU A 57 2.71 -3.36 10.60
C LEU A 57 3.52 -4.65 10.61
N MET A 58 4.56 -4.70 9.79
CA MET A 58 5.42 -5.88 9.71
C MET A 58 5.84 -6.33 11.10
N ALA A 59 5.91 -5.39 12.04
CA ALA A 59 6.30 -5.71 13.40
C ALA A 59 5.14 -6.34 14.18
N THR A 60 3.92 -5.92 13.84
CA THR A 60 2.72 -6.45 14.49
C THR A 60 2.18 -7.66 13.75
N GLY A 61 3.08 -8.53 13.29
CA GLY A 61 2.66 -9.71 12.57
C GLY A 61 1.64 -9.42 11.49
N ASP A 62 1.98 -8.48 10.61
CA ASP A 62 1.08 -8.10 9.53
C ASP A 62 1.63 -8.57 8.18
N LEU A 63 2.91 -8.35 7.95
CA LEU A 63 3.55 -8.76 6.70
C LEU A 63 4.39 -10.00 6.91
N ASP A 64 4.27 -10.61 8.09
CA ASP A 64 5.02 -11.83 8.41
C ASP A 64 4.68 -12.94 7.43
N GLN A 65 3.57 -12.80 6.73
CA GLN A 65 3.14 -13.80 5.76
C GLN A 65 4.25 -14.13 4.77
N ASP A 66 4.81 -13.09 4.16
CA ASP A 66 5.89 -13.25 3.19
C ASP A 66 6.87 -12.08 3.26
N GLY A 67 6.36 -10.93 3.67
CA GLY A 67 7.22 -9.75 3.77
C GLY A 67 6.82 -8.67 2.78
N ARG A 68 6.34 -9.08 1.62
CA ARG A 68 5.92 -8.14 0.59
C ARG A 68 4.70 -7.33 1.04
N ILE A 69 4.12 -6.58 0.11
CA ILE A 69 2.94 -5.78 0.41
C ILE A 69 1.96 -5.77 -0.76
N SER A 70 0.86 -6.50 -0.60
CA SER A 70 -0.16 -6.58 -1.64
C SER A 70 -1.05 -5.35 -1.63
N PHE A 71 -1.66 -5.05 -2.77
CA PHE A 71 -2.54 -3.89 -2.89
C PHE A 71 -3.54 -3.85 -1.74
N ASP A 72 -3.92 -5.03 -1.26
CA ASP A 72 -4.88 -5.14 -0.16
C ASP A 72 -4.38 -4.38 1.07
N GLU A 73 -3.16 -4.70 1.50
CA GLU A 73 -2.57 -4.06 2.67
C GLU A 73 -2.47 -2.55 2.47
N PHE A 74 -2.05 -2.15 1.27
CA PHE A 74 -1.90 -0.74 0.94
C PHE A 74 -3.21 0.01 1.16
N ILE A 75 -4.29 -0.51 0.58
CA ILE A 75 -5.60 0.11 0.71
C ILE A 75 -6.02 0.22 2.17
N LYS A 76 -6.12 -0.92 2.84
CA LYS A 76 -6.49 -0.96 4.25
C LYS A 76 -5.60 -0.04 5.08
N ILE A 77 -4.32 0.03 4.71
CA ILE A 77 -3.37 0.87 5.42
C ILE A 77 -3.67 2.35 5.18
N PHE A 78 -4.05 2.68 3.96
CA PHE A 78 -4.37 4.07 3.62
C PHE A 78 -5.60 4.56 4.37
N HIS A 79 -6.62 3.70 4.42
CA HIS A 79 -7.86 4.04 5.11
C HIS A 79 -7.66 4.06 6.62
N GLY A 80 -6.80 3.18 7.11
CA GLY A 80 -6.53 3.10 8.54
C GLY A 80 -7.67 2.49 9.31
N LEU A 81 -8.04 1.27 8.95
CA LEU A 81 -9.13 0.57 9.62
C LEU A 81 -8.75 -0.88 9.91
N LYS A 82 -8.98 -1.31 11.15
CA LYS A 82 -8.66 -2.67 11.56
C LYS A 82 -9.93 -3.47 11.81
N MET A 1 -9.21 -9.65 -7.97
CA MET A 1 -10.11 -8.53 -8.23
C MET A 1 -11.21 -8.45 -7.18
N ALA A 2 -11.22 -7.35 -6.42
CA ALA A 2 -12.22 -7.15 -5.38
C ALA A 2 -12.74 -5.72 -5.39
N ARG A 3 -13.52 -5.38 -4.37
CA ARG A 3 -14.09 -4.04 -4.26
C ARG A 3 -13.16 -3.12 -3.47
N GLY A 4 -12.74 -3.58 -2.30
CA GLY A 4 -11.86 -2.79 -1.46
C GLY A 4 -12.61 -1.82 -0.56
N SER A 5 -11.96 -0.73 -0.20
CA SER A 5 -12.57 0.27 0.67
C SER A 5 -12.46 1.66 0.05
N VAL A 6 -11.28 1.98 -0.48
CA VAL A 6 -11.04 3.28 -1.10
C VAL A 6 -12.13 3.60 -2.11
N SER A 7 -12.31 4.89 -2.39
CA SER A 7 -13.32 5.34 -3.33
C SER A 7 -12.83 5.16 -4.77
N ASP A 8 -13.73 5.39 -5.73
CA ASP A 8 -13.39 5.26 -7.14
C ASP A 8 -12.19 6.12 -7.50
N GLU A 9 -12.20 7.36 -7.03
CA GLU A 9 -11.10 8.29 -7.30
C GLU A 9 -9.77 7.70 -6.87
N GLU A 10 -9.64 7.39 -5.58
CA GLU A 10 -8.42 6.81 -5.04
C GLU A 10 -8.16 5.44 -5.64
N MET A 11 -9.06 4.50 -5.38
CA MET A 11 -8.93 3.14 -5.88
C MET A 11 -8.34 3.14 -7.30
N MET A 12 -8.82 4.06 -8.13
CA MET A 12 -8.34 4.17 -9.50
C MET A 12 -6.90 4.66 -9.54
N GLU A 13 -6.62 5.73 -8.80
CA GLU A 13 -5.27 6.29 -8.75
C GLU A 13 -4.32 5.34 -8.04
N LEU A 14 -4.62 5.06 -6.77
CA LEU A 14 -3.79 4.18 -5.96
C LEU A 14 -3.41 2.93 -6.75
N ARG A 15 -4.41 2.30 -7.36
CA ARG A 15 -4.18 1.09 -8.15
C ARG A 15 -3.28 1.38 -9.33
N GLU A 16 -3.56 2.47 -10.04
CA GLU A 16 -2.76 2.85 -11.21
C GLU A 16 -1.28 2.82 -10.88
N ALA A 17 -0.88 3.62 -9.90
CA ALA A 17 0.51 3.69 -9.48
C ALA A 17 1.02 2.34 -9.01
N PHE A 18 0.32 1.76 -8.03
CA PHE A 18 0.69 0.47 -7.48
C PHE A 18 1.13 -0.49 -8.60
N ALA A 19 0.45 -0.42 -9.73
CA ALA A 19 0.76 -1.27 -10.88
C ALA A 19 2.18 -1.03 -11.36
N LYS A 20 2.50 0.23 -11.63
CA LYS A 20 3.84 0.60 -12.11
C LYS A 20 4.91 0.13 -11.13
N VAL A 21 4.51 -0.12 -9.89
CA VAL A 21 5.43 -0.57 -8.86
C VAL A 21 5.17 -2.02 -8.48
N ASP A 22 4.23 -2.66 -9.19
CA ASP A 22 3.87 -4.05 -8.93
C ASP A 22 4.73 -4.98 -9.77
N THR A 23 5.99 -5.16 -9.36
CA THR A 23 6.90 -6.03 -10.08
C THR A 23 6.29 -7.42 -10.30
N ASP A 24 5.69 -7.96 -9.24
CA ASP A 24 5.06 -9.28 -9.32
C ASP A 24 3.93 -9.29 -10.34
N GLY A 25 3.35 -8.12 -10.58
CA GLY A 25 2.26 -8.01 -11.54
C GLY A 25 1.00 -8.71 -11.06
N ASN A 26 1.02 -9.18 -9.83
CA ASN A 26 -0.13 -9.88 -9.25
C ASN A 26 -0.74 -9.07 -8.11
N GLY A 27 -0.48 -7.77 -8.11
CA GLY A 27 -1.01 -6.91 -7.07
C GLY A 27 -0.17 -6.92 -5.81
N TYR A 28 1.14 -7.11 -5.98
CA TYR A 28 2.06 -7.15 -4.85
C TYR A 28 3.21 -6.17 -5.04
N ILE A 29 3.60 -5.50 -3.96
CA ILE A 29 4.69 -4.53 -4.00
C ILE A 29 5.57 -4.65 -2.78
N SER A 30 6.87 -4.36 -2.95
CA SER A 30 7.82 -4.43 -1.86
C SER A 30 7.74 -3.18 -0.98
N PHE A 31 8.26 -3.29 0.24
CA PHE A 31 8.25 -2.18 1.17
C PHE A 31 8.66 -0.88 0.49
N ASN A 32 9.83 -0.89 -0.15
CA ASN A 32 10.34 0.28 -0.84
C ASN A 32 9.34 0.78 -1.89
N GLU A 33 8.80 -0.15 -2.68
CA GLU A 33 7.84 0.18 -3.71
C GLU A 33 6.60 0.85 -3.10
N LEU A 34 6.17 0.34 -1.95
CA LEU A 34 5.01 0.89 -1.26
C LEU A 34 5.18 2.38 -1.01
N ASN A 35 6.18 2.72 -0.19
CA ASN A 35 6.45 4.11 0.14
C ASN A 35 6.47 4.98 -1.12
N ASP A 36 7.17 4.49 -2.14
CA ASP A 36 7.27 5.22 -3.40
C ASP A 36 5.91 5.38 -4.06
N LEU A 37 5.07 4.35 -3.95
CA LEU A 37 3.74 4.38 -4.53
C LEU A 37 2.88 5.44 -3.85
N PHE A 38 3.00 5.54 -2.53
CA PHE A 38 2.23 6.52 -1.77
C PHE A 38 2.47 7.93 -2.29
N LYS A 39 3.75 8.33 -2.34
CA LYS A 39 4.11 9.66 -2.82
C LYS A 39 3.88 9.78 -4.33
N ALA A 40 4.18 8.70 -5.06
CA ALA A 40 4.01 8.69 -6.50
C ALA A 40 2.55 8.91 -6.88
N ALA A 41 1.64 8.44 -6.03
CA ALA A 41 0.21 8.59 -6.27
C ALA A 41 -0.33 9.85 -5.59
N CYS A 42 0.58 10.76 -5.25
CA CYS A 42 0.18 12.00 -4.60
C CYS A 42 -0.72 11.72 -3.39
N LEU A 43 -0.19 10.98 -2.43
CA LEU A 43 -0.95 10.64 -1.23
C LEU A 43 -0.90 11.78 -0.22
N PRO A 44 -1.94 11.85 0.64
CA PRO A 44 -2.04 12.90 1.67
C PRO A 44 -1.00 12.71 2.77
N LEU A 45 -0.80 11.46 3.19
CA LEU A 45 0.17 11.16 4.24
C LEU A 45 1.59 11.47 3.79
N PRO A 46 2.44 11.89 4.73
CA PRO A 46 3.84 12.23 4.45
C PRO A 46 4.67 10.99 4.11
N GLY A 47 5.98 11.17 4.07
CA GLY A 47 6.88 10.07 3.76
C GLY A 47 7.16 9.20 4.97
N TYR A 48 7.33 9.82 6.12
CA TYR A 48 7.61 9.11 7.36
C TYR A 48 6.39 8.31 7.82
N ARG A 49 5.21 8.90 7.64
CA ARG A 49 3.97 8.25 8.03
C ARG A 49 3.83 6.89 7.36
N VAL A 50 3.98 6.87 6.04
CA VAL A 50 3.87 5.64 5.28
C VAL A 50 4.96 4.65 5.66
N ARG A 51 6.22 5.08 5.57
CA ARG A 51 7.35 4.23 5.90
C ARG A 51 7.21 3.68 7.32
N GLU A 52 6.71 4.52 8.23
CA GLU A 52 6.53 4.11 9.62
C GLU A 52 5.38 3.11 9.74
N ILE A 53 4.24 3.46 9.17
CA ILE A 53 3.07 2.59 9.22
C ILE A 53 3.41 1.17 8.80
N THR A 54 4.22 1.05 7.75
CA THR A 54 4.64 -0.25 7.25
C THR A 54 5.63 -0.92 8.19
N GLU A 55 6.73 -0.23 8.47
CA GLU A 55 7.76 -0.76 9.36
C GLU A 55 7.15 -1.20 10.69
N ASN A 56 6.14 -0.47 11.14
CA ASN A 56 5.47 -0.78 12.40
C ASN A 56 4.35 -1.80 12.18
N LEU A 57 3.87 -1.89 10.94
CA LEU A 57 2.81 -2.83 10.60
C LEU A 57 3.26 -4.27 10.79
N MET A 58 4.32 -4.64 10.08
CA MET A 58 4.86 -6.00 10.17
C MET A 58 5.83 -6.12 11.33
N ALA A 59 6.13 -4.99 11.96
CA ALA A 59 7.06 -4.96 13.09
C ALA A 59 6.73 -6.08 14.08
N THR A 60 5.47 -6.51 14.09
CA THR A 60 5.04 -7.57 14.99
C THR A 60 4.79 -8.87 14.24
N GLY A 61 3.90 -8.81 13.26
CA GLY A 61 3.59 -10.00 12.47
C GLY A 61 2.43 -9.77 11.51
N ASP A 62 2.49 -8.65 10.79
CA ASP A 62 1.44 -8.32 9.83
C ASP A 62 1.81 -8.79 8.43
N LEU A 63 2.98 -8.34 7.96
CA LEU A 63 3.45 -8.71 6.62
C LEU A 63 4.40 -9.91 6.70
N ASP A 64 4.81 -10.25 7.92
CA ASP A 64 5.71 -11.38 8.13
C ASP A 64 5.21 -12.63 7.39
N GLN A 65 3.90 -12.67 7.14
CA GLN A 65 3.30 -13.80 6.44
C GLN A 65 4.06 -14.11 5.15
N ASP A 66 4.59 -13.08 4.51
CA ASP A 66 5.34 -13.25 3.28
C ASP A 66 6.45 -12.21 3.17
N GLY A 67 6.17 -10.99 3.62
CA GLY A 67 7.15 -9.94 3.57
C GLY A 67 6.76 -8.82 2.61
N ARG A 68 6.17 -9.20 1.48
CA ARG A 68 5.74 -8.22 0.49
C ARG A 68 4.52 -7.45 0.96
N ILE A 69 3.91 -6.70 0.06
CA ILE A 69 2.73 -5.90 0.39
C ILE A 69 1.73 -5.89 -0.77
N SER A 70 0.63 -6.61 -0.60
CA SER A 70 -0.40 -6.67 -1.63
C SER A 70 -1.25 -5.40 -1.64
N PHE A 71 -1.78 -5.07 -2.81
CA PHE A 71 -2.61 -3.87 -2.96
C PHE A 71 -3.64 -3.78 -1.83
N ASP A 72 -4.20 -4.93 -1.45
CA ASP A 72 -5.19 -4.99 -0.39
C ASP A 72 -4.68 -4.27 0.87
N GLU A 73 -3.51 -4.69 1.34
CA GLU A 73 -2.91 -4.11 2.53
C GLU A 73 -2.75 -2.60 2.37
N PHE A 74 -2.30 -2.19 1.19
CA PHE A 74 -2.09 -0.77 0.90
C PHE A 74 -3.37 0.02 1.12
N ILE A 75 -4.47 -0.50 0.59
CA ILE A 75 -5.77 0.16 0.72
C ILE A 75 -6.17 0.29 2.19
N LYS A 76 -6.21 -0.85 2.89
CA LYS A 76 -6.58 -0.86 4.29
C LYS A 76 -5.73 0.13 5.09
N ILE A 77 -4.46 0.23 4.73
CA ILE A 77 -3.55 1.14 5.42
C ILE A 77 -3.91 2.59 5.14
N PHE A 78 -4.23 2.88 3.87
CA PHE A 78 -4.60 4.23 3.47
C PHE A 78 -5.88 4.68 4.18
N HIS A 79 -6.79 3.75 4.39
CA HIS A 79 -8.06 4.05 5.06
C HIS A 79 -7.85 4.21 6.57
N GLY A 80 -6.93 3.43 7.12
CA GLY A 80 -6.65 3.51 8.54
C GLY A 80 -7.39 2.43 9.34
N LEU A 81 -7.13 1.17 8.99
CA LEU A 81 -7.77 0.05 9.67
C LEU A 81 -7.64 0.19 11.19
N LYS A 82 -8.73 0.58 11.84
CA LYS A 82 -8.73 0.75 13.29
C LYS A 82 -8.30 -0.54 13.99
N MET A 1 -7.36 -9.92 -6.60
CA MET A 1 -8.60 -10.54 -6.15
C MET A 1 -9.00 -10.02 -4.77
N ALA A 2 -9.88 -9.03 -4.75
CA ALA A 2 -10.35 -8.44 -3.50
C ALA A 2 -11.62 -7.62 -3.71
N ARG A 3 -12.17 -7.10 -2.62
CA ARG A 3 -13.39 -6.29 -2.70
C ARG A 3 -13.05 -4.81 -2.89
N GLY A 4 -12.38 -4.23 -1.90
CA GLY A 4 -12.00 -2.83 -1.99
C GLY A 4 -12.50 -2.03 -0.80
N SER A 5 -11.97 -0.82 -0.65
CA SER A 5 -12.36 0.05 0.45
C SER A 5 -12.37 1.51 0.03
N VAL A 6 -11.22 2.00 -0.42
CA VAL A 6 -11.09 3.38 -0.86
C VAL A 6 -12.17 3.73 -1.89
N SER A 7 -12.58 4.99 -1.91
CA SER A 7 -13.59 5.44 -2.84
C SER A 7 -13.18 5.18 -4.29
N ASP A 8 -14.14 5.28 -5.21
CA ASP A 8 -13.87 5.04 -6.62
C ASP A 8 -12.70 5.89 -7.10
N GLU A 9 -12.74 7.18 -6.77
CA GLU A 9 -11.69 8.10 -7.17
C GLU A 9 -10.31 7.55 -6.79
N GLU A 10 -10.10 7.33 -5.51
CA GLU A 10 -8.82 6.80 -5.01
C GLU A 10 -8.56 5.41 -5.59
N MET A 11 -9.47 4.48 -5.32
CA MET A 11 -9.32 3.11 -5.80
C MET A 11 -8.73 3.10 -7.20
N MET A 12 -9.21 3.98 -8.06
CA MET A 12 -8.73 4.07 -9.43
C MET A 12 -7.29 4.59 -9.47
N GLU A 13 -7.06 5.71 -8.79
CA GLU A 13 -5.73 6.32 -8.74
C GLU A 13 -4.75 5.41 -8.01
N LEU A 14 -5.03 5.14 -6.73
CA LEU A 14 -4.18 4.29 -5.92
C LEU A 14 -3.78 3.04 -6.67
N ARG A 15 -4.77 2.37 -7.27
CA ARG A 15 -4.51 1.15 -8.03
C ARG A 15 -3.58 1.42 -9.20
N GLU A 16 -3.85 2.49 -9.95
CA GLU A 16 -3.03 2.85 -11.10
C GLU A 16 -1.55 2.88 -10.72
N ALA A 17 -1.21 3.75 -9.76
CA ALA A 17 0.17 3.88 -9.31
C ALA A 17 0.70 2.55 -8.80
N PHE A 18 0.00 1.96 -7.84
CA PHE A 18 0.40 0.68 -7.26
C PHE A 18 0.90 -0.27 -8.35
N ALA A 19 0.05 -0.52 -9.35
CA ALA A 19 0.40 -1.40 -10.44
C ALA A 19 1.75 -1.04 -11.04
N LYS A 20 1.95 0.25 -11.29
CA LYS A 20 3.20 0.74 -11.86
C LYS A 20 4.39 0.31 -11.01
N VAL A 21 4.16 0.12 -9.72
CA VAL A 21 5.22 -0.29 -8.81
C VAL A 21 5.02 -1.74 -8.37
N ASP A 22 4.03 -2.40 -8.96
CA ASP A 22 3.74 -3.80 -8.64
C ASP A 22 4.17 -4.71 -9.78
N THR A 23 5.40 -4.54 -10.24
CA THR A 23 5.93 -5.35 -11.33
C THR A 23 6.43 -6.71 -10.82
N ASP A 24 6.19 -6.97 -9.54
CA ASP A 24 6.63 -8.22 -8.92
C ASP A 24 5.97 -9.41 -9.60
N GLY A 25 4.91 -9.15 -10.36
CA GLY A 25 4.20 -10.20 -11.04
C GLY A 25 3.50 -11.16 -10.09
N ASN A 26 3.42 -10.77 -8.82
CA ASN A 26 2.78 -11.59 -7.80
C ASN A 26 1.49 -10.95 -7.31
N GLY A 27 1.36 -9.64 -7.56
CA GLY A 27 0.17 -8.92 -7.12
C GLY A 27 0.45 -7.98 -5.97
N TYR A 28 1.59 -8.17 -5.31
CA TYR A 28 1.96 -7.32 -4.18
C TYR A 28 3.32 -6.66 -4.44
N ILE A 29 3.46 -5.45 -3.92
CA ILE A 29 4.70 -4.70 -4.08
C ILE A 29 5.60 -4.84 -2.86
N SER A 30 6.79 -4.25 -2.92
CA SER A 30 7.74 -4.31 -1.82
C SER A 30 7.69 -3.04 -0.98
N PHE A 31 8.27 -3.09 0.20
CA PHE A 31 8.29 -1.95 1.10
C PHE A 31 8.69 -0.67 0.35
N ASN A 32 9.86 -0.70 -0.27
CA ASN A 32 10.35 0.45 -1.01
C ASN A 32 9.33 0.90 -2.05
N GLU A 33 8.78 -0.06 -2.79
CA GLU A 33 7.78 0.24 -3.82
C GLU A 33 6.58 0.95 -3.21
N LEU A 34 6.17 0.49 -2.03
CA LEU A 34 5.01 1.07 -1.35
C LEU A 34 5.22 2.56 -1.10
N ASN A 35 6.25 2.89 -0.33
CA ASN A 35 6.55 4.28 -0.02
C ASN A 35 6.57 5.13 -1.28
N ASP A 36 7.23 4.63 -2.32
CA ASP A 36 7.31 5.35 -3.58
C ASP A 36 5.93 5.50 -4.22
N LEU A 37 5.09 4.49 -4.04
CA LEU A 37 3.75 4.50 -4.59
C LEU A 37 2.90 5.59 -3.94
N PHE A 38 3.07 5.76 -2.63
CA PHE A 38 2.32 6.76 -1.88
C PHE A 38 2.63 8.16 -2.42
N LYS A 39 3.91 8.53 -2.42
CA LYS A 39 4.32 9.84 -2.90
C LYS A 39 3.99 10.01 -4.39
N ALA A 40 4.19 8.94 -5.16
CA ALA A 40 3.91 8.96 -6.58
C ALA A 40 2.41 9.04 -6.85
N ALA A 41 1.62 8.59 -5.88
CA ALA A 41 0.17 8.60 -6.01
C ALA A 41 -0.41 9.88 -5.42
N CYS A 42 0.43 10.89 -5.23
CA CYS A 42 -0.01 12.16 -4.68
C CYS A 42 -0.78 11.95 -3.37
N LEU A 43 -0.29 11.04 -2.54
CA LEU A 43 -0.92 10.74 -1.27
C LEU A 43 -0.72 11.89 -0.27
N PRO A 44 -1.69 12.04 0.64
CA PRO A 44 -1.64 13.09 1.67
C PRO A 44 -0.55 12.84 2.70
N LEU A 45 -0.51 11.62 3.23
CA LEU A 45 0.48 11.25 4.24
C LEU A 45 1.89 11.54 3.74
N PRO A 46 2.77 11.96 4.66
CA PRO A 46 4.17 12.27 4.34
C PRO A 46 4.98 11.03 3.98
N GLY A 47 6.30 11.18 3.93
CA GLY A 47 7.16 10.06 3.60
C GLY A 47 7.43 9.17 4.80
N TYR A 48 7.68 9.79 5.95
CA TYR A 48 7.95 9.03 7.17
C TYR A 48 6.72 8.26 7.63
N ARG A 49 5.55 8.88 7.47
CA ARG A 49 4.30 8.25 7.86
C ARG A 49 4.14 6.89 7.20
N VAL A 50 4.25 6.86 5.88
CA VAL A 50 4.12 5.63 5.12
C VAL A 50 5.16 4.61 5.55
N ARG A 51 6.43 5.01 5.53
CA ARG A 51 7.53 4.14 5.92
C ARG A 51 7.28 3.56 7.31
N GLU A 52 6.99 4.42 8.27
CA GLU A 52 6.74 4.00 9.64
C GLU A 52 5.56 3.03 9.70
N ILE A 53 4.51 3.32 8.96
CA ILE A 53 3.32 2.48 8.92
C ILE A 53 3.67 1.07 8.44
N THR A 54 4.64 0.98 7.54
CA THR A 54 5.07 -0.30 7.00
C THR A 54 5.87 -1.09 8.02
N GLU A 55 7.02 -0.55 8.41
CA GLU A 55 7.89 -1.20 9.38
C GLU A 55 7.11 -1.53 10.66
N ASN A 56 6.17 -0.67 11.01
CA ASN A 56 5.36 -0.87 12.21
C ASN A 56 4.45 -2.09 12.06
N LEU A 57 3.74 -2.14 10.94
CA LEU A 57 2.84 -3.27 10.67
C LEU A 57 3.58 -4.60 10.69
N MET A 58 4.58 -4.73 9.82
CA MET A 58 5.37 -5.94 9.74
C MET A 58 5.82 -6.39 11.13
N ALA A 59 5.96 -5.42 12.03
CA ALA A 59 6.39 -5.70 13.39
C ALA A 59 5.41 -6.65 14.09
N THR A 60 4.13 -6.45 13.85
CA THR A 60 3.09 -7.27 14.45
C THR A 60 2.72 -8.44 13.53
N GLY A 61 3.70 -8.96 12.82
CA GLY A 61 3.45 -10.07 11.91
C GLY A 61 2.35 -9.76 10.91
N ASP A 62 2.16 -8.48 10.63
CA ASP A 62 1.14 -8.05 9.67
C ASP A 62 1.51 -8.48 8.26
N LEU A 63 2.77 -8.28 7.90
CA LEU A 63 3.25 -8.64 6.57
C LEU A 63 4.00 -9.97 6.61
N ASP A 64 3.74 -10.76 7.63
CA ASP A 64 4.39 -12.06 7.79
C ASP A 64 3.91 -13.04 6.72
N GLN A 65 2.86 -12.65 6.01
CA GLN A 65 2.30 -13.49 4.95
C GLN A 65 3.35 -13.85 3.92
N ASP A 66 4.40 -13.03 3.85
CA ASP A 66 5.49 -13.27 2.89
C ASP A 66 6.55 -12.17 3.01
N GLY A 67 6.13 -10.99 3.44
CA GLY A 67 7.05 -9.88 3.60
C GLY A 67 6.77 -8.75 2.63
N ARG A 68 5.94 -9.03 1.63
CA ARG A 68 5.58 -8.02 0.64
C ARG A 68 4.38 -7.20 1.09
N ILE A 69 3.77 -6.48 0.16
CA ILE A 69 2.61 -5.65 0.47
C ILE A 69 1.63 -5.62 -0.70
N SER A 70 0.52 -6.32 -0.56
CA SER A 70 -0.50 -6.38 -1.61
C SER A 70 -1.37 -5.12 -1.59
N PHE A 71 -1.99 -4.82 -2.72
CA PHE A 71 -2.84 -3.64 -2.83
C PHE A 71 -3.80 -3.56 -1.65
N ASP A 72 -4.24 -4.71 -1.16
CA ASP A 72 -5.15 -4.77 -0.03
C ASP A 72 -4.57 -4.03 1.18
N GLU A 73 -3.37 -4.41 1.57
CA GLU A 73 -2.70 -3.79 2.72
C GLU A 73 -2.58 -2.28 2.51
N PHE A 74 -2.19 -1.89 1.31
CA PHE A 74 -2.03 -0.47 0.98
C PHE A 74 -3.30 0.30 1.27
N ILE A 75 -4.42 -0.18 0.72
CA ILE A 75 -5.71 0.46 0.92
C ILE A 75 -6.04 0.58 2.40
N LYS A 76 -6.08 -0.55 3.09
CA LYS A 76 -6.37 -0.58 4.51
C LYS A 76 -5.49 0.39 5.27
N ILE A 77 -4.26 0.56 4.81
CA ILE A 77 -3.31 1.46 5.45
C ILE A 77 -3.68 2.92 5.19
N PHE A 78 -4.07 3.21 3.95
CA PHE A 78 -4.46 4.57 3.58
C PHE A 78 -5.67 5.03 4.38
N HIS A 79 -6.61 4.12 4.59
CA HIS A 79 -7.83 4.42 5.34
C HIS A 79 -7.55 4.42 6.84
N GLY A 80 -6.67 3.54 7.28
CA GLY A 80 -6.33 3.45 8.68
C GLY A 80 -7.32 2.61 9.47
N LEU A 81 -8.59 3.00 9.43
CA LEU A 81 -9.63 2.27 10.13
C LEU A 81 -10.90 2.18 9.29
N LYS A 82 -11.44 0.97 9.16
CA LYS A 82 -12.65 0.75 8.38
C LYS A 82 -13.84 1.43 9.04
N MET A 1 -12.62 -9.09 -5.45
CA MET A 1 -13.32 -7.83 -5.26
C MET A 1 -13.69 -7.63 -3.79
N ALA A 2 -13.89 -6.37 -3.41
CA ALA A 2 -14.25 -6.05 -2.03
C ALA A 2 -15.15 -4.82 -1.97
N ARG A 3 -15.48 -4.39 -0.75
CA ARG A 3 -16.33 -3.22 -0.57
C ARG A 3 -15.62 -2.16 0.25
N GLY A 4 -15.49 -2.40 1.55
CA GLY A 4 -14.83 -1.45 2.42
C GLY A 4 -13.42 -1.11 1.96
N SER A 5 -13.25 0.09 1.41
CA SER A 5 -11.94 0.52 0.93
C SER A 5 -12.02 1.95 0.38
N VAL A 6 -10.90 2.42 -0.16
CA VAL A 6 -10.83 3.77 -0.72
C VAL A 6 -11.97 4.00 -1.73
N SER A 7 -12.44 5.24 -1.78
CA SER A 7 -13.53 5.58 -2.70
C SER A 7 -13.14 5.28 -4.15
N ASP A 8 -14.11 5.36 -5.04
CA ASP A 8 -13.86 5.10 -6.46
C ASP A 8 -12.72 5.95 -6.98
N GLU A 9 -12.78 7.25 -6.70
CA GLU A 9 -11.74 8.17 -7.15
C GLU A 9 -10.35 7.65 -6.77
N GLU A 10 -10.13 7.52 -5.46
CA GLU A 10 -8.85 7.03 -4.96
C GLU A 10 -8.53 5.64 -5.50
N MET A 11 -9.39 4.68 -5.18
CA MET A 11 -9.20 3.31 -5.64
C MET A 11 -8.64 3.28 -7.05
N MET A 12 -9.17 4.15 -7.92
CA MET A 12 -8.72 4.22 -9.30
C MET A 12 -7.29 4.76 -9.38
N GLU A 13 -7.03 5.87 -8.69
CA GLU A 13 -5.72 6.48 -8.68
C GLU A 13 -4.70 5.57 -7.98
N LEU A 14 -4.97 5.27 -6.71
CA LEU A 14 -4.08 4.42 -5.93
C LEU A 14 -3.70 3.16 -6.71
N ARG A 15 -4.71 2.50 -7.26
CA ARG A 15 -4.48 1.28 -8.03
C ARG A 15 -3.55 1.55 -9.22
N GLU A 16 -3.82 2.62 -9.94
CA GLU A 16 -3.01 3.00 -11.10
C GLU A 16 -1.52 2.99 -10.75
N ALA A 17 -1.15 3.80 -9.76
CA ALA A 17 0.24 3.88 -9.32
C ALA A 17 0.74 2.53 -8.85
N PHE A 18 0.04 1.94 -7.88
CA PHE A 18 0.42 0.64 -7.33
C PHE A 18 0.87 -0.30 -8.44
N ALA A 19 0.00 -0.50 -9.43
CA ALA A 19 0.31 -1.38 -10.55
C ALA A 19 1.67 -1.03 -11.16
N LYS A 20 1.90 0.25 -11.39
CA LYS A 20 3.15 0.71 -11.96
C LYS A 20 4.35 0.22 -11.15
N VAL A 21 4.12 0.02 -9.86
CA VAL A 21 5.18 -0.47 -8.97
C VAL A 21 4.94 -1.91 -8.57
N ASP A 22 3.92 -2.53 -9.16
CA ASP A 22 3.60 -3.92 -8.87
C ASP A 22 3.94 -4.83 -10.05
N THR A 23 5.13 -4.63 -10.60
CA THR A 23 5.57 -5.43 -11.74
C THR A 23 6.16 -6.75 -11.29
N ASP A 24 6.04 -7.05 -10.00
CA ASP A 24 6.56 -8.28 -9.43
C ASP A 24 5.92 -9.49 -10.11
N GLY A 25 4.75 -9.29 -10.71
CA GLY A 25 4.05 -10.37 -11.37
C GLY A 25 3.34 -11.27 -10.40
N ASN A 26 3.24 -10.84 -9.14
CA ASN A 26 2.57 -11.64 -8.12
C ASN A 26 1.31 -10.93 -7.63
N GLY A 27 1.23 -9.63 -7.88
CA GLY A 27 0.07 -8.86 -7.46
C GLY A 27 0.37 -7.90 -6.33
N TYR A 28 1.33 -8.27 -5.49
CA TYR A 28 1.72 -7.44 -4.36
C TYR A 28 3.09 -6.81 -4.59
N ILE A 29 3.27 -5.59 -4.11
CA ILE A 29 4.53 -4.88 -4.27
C ILE A 29 5.42 -5.08 -3.04
N SER A 30 6.62 -4.51 -3.10
CA SER A 30 7.57 -4.63 -2.00
C SER A 30 7.55 -3.37 -1.13
N PHE A 31 8.07 -3.51 0.09
CA PHE A 31 8.10 -2.39 1.03
C PHE A 31 8.57 -1.10 0.33
N ASN A 32 9.74 -1.17 -0.29
CA ASN A 32 10.30 -0.02 -0.99
C ASN A 32 9.32 0.52 -2.02
N GLU A 33 8.74 -0.38 -2.82
CA GLU A 33 7.79 0.01 -3.84
C GLU A 33 6.57 0.70 -3.22
N LEU A 34 6.13 0.19 -2.07
CA LEU A 34 4.98 0.75 -1.38
C LEU A 34 5.21 2.22 -1.07
N ASN A 35 6.23 2.51 -0.27
CA ASN A 35 6.56 3.88 0.10
C ASN A 35 6.62 4.78 -1.13
N ASP A 36 7.34 4.33 -2.15
CA ASP A 36 7.49 5.09 -3.39
C ASP A 36 6.13 5.28 -4.06
N LEU A 37 5.26 4.30 -3.93
CA LEU A 37 3.93 4.37 -4.52
C LEU A 37 3.07 5.43 -3.84
N PHE A 38 3.22 5.54 -2.52
CA PHE A 38 2.47 6.52 -1.74
C PHE A 38 2.81 7.94 -2.18
N LYS A 39 4.10 8.25 -2.21
CA LYS A 39 4.55 9.58 -2.61
C LYS A 39 4.27 9.83 -4.09
N ALA A 40 4.52 8.82 -4.91
CA ALA A 40 4.30 8.92 -6.35
C ALA A 40 2.81 9.01 -6.66
N ALA A 41 1.98 8.56 -5.72
CA ALA A 41 0.53 8.58 -5.89
C ALA A 41 -0.04 9.94 -5.49
N CYS A 42 0.84 10.87 -5.15
CA CYS A 42 0.42 12.21 -4.75
C CYS A 42 -0.54 12.14 -3.56
N LEU A 43 -0.35 11.13 -2.71
CA LEU A 43 -1.19 10.96 -1.54
C LEU A 43 -0.94 12.05 -0.51
N PRO A 44 -1.91 12.25 0.39
CA PRO A 44 -1.81 13.27 1.45
C PRO A 44 -0.76 12.92 2.49
N LEU A 45 -0.81 11.69 2.99
CA LEU A 45 0.13 11.23 4.00
C LEU A 45 1.57 11.53 3.58
N PRO A 46 2.38 11.97 4.56
CA PRO A 46 3.79 12.30 4.31
C PRO A 46 4.64 11.07 4.02
N GLY A 47 5.95 11.25 4.00
CA GLY A 47 6.85 10.15 3.73
C GLY A 47 7.10 9.28 4.96
N TYR A 48 7.25 9.93 6.11
CA TYR A 48 7.49 9.23 7.36
C TYR A 48 6.27 8.42 7.77
N ARG A 49 5.09 8.98 7.51
CA ARG A 49 3.83 8.32 7.87
C ARG A 49 3.75 6.93 7.23
N VAL A 50 3.99 6.88 5.92
CA VAL A 50 3.95 5.61 5.19
C VAL A 50 5.01 4.65 5.70
N ARG A 51 6.27 5.08 5.64
CA ARG A 51 7.38 4.25 6.09
C ARG A 51 7.15 3.75 7.51
N GLU A 52 6.71 4.64 8.40
CA GLU A 52 6.45 4.29 9.78
C GLU A 52 5.30 3.29 9.88
N ILE A 53 4.19 3.60 9.21
CA ILE A 53 3.03 2.73 9.22
C ILE A 53 3.41 1.28 8.90
N THR A 54 4.33 1.12 7.95
CA THR A 54 4.78 -0.21 7.55
C THR A 54 5.65 -0.83 8.63
N GLU A 55 6.70 -0.11 9.04
CA GLU A 55 7.62 -0.59 10.06
C GLU A 55 6.85 -1.08 11.29
N ASN A 56 5.75 -0.40 11.59
CA ASN A 56 4.93 -0.74 12.74
C ASN A 56 3.93 -1.85 12.39
N LEU A 57 3.52 -1.89 11.11
CA LEU A 57 2.57 -2.89 10.64
C LEU A 57 3.14 -4.30 10.82
N MET A 58 4.23 -4.59 10.09
CA MET A 58 4.86 -5.89 10.17
C MET A 58 5.45 -6.14 11.55
N ALA A 59 5.53 -5.08 12.35
CA ALA A 59 6.07 -5.17 13.70
C ALA A 59 5.45 -6.34 14.46
N THR A 60 4.25 -6.73 14.05
CA THR A 60 3.55 -7.84 14.68
C THR A 60 3.21 -8.93 13.68
N GLY A 61 4.21 -9.35 12.91
CA GLY A 61 4.00 -10.38 11.91
C GLY A 61 2.82 -10.09 11.01
N ASP A 62 2.78 -8.87 10.47
CA ASP A 62 1.69 -8.46 9.58
C ASP A 62 2.08 -8.64 8.13
N LEU A 63 3.23 -8.06 7.75
CA LEU A 63 3.71 -8.15 6.38
C LEU A 63 4.75 -9.26 6.25
N ASP A 64 4.84 -10.11 7.27
CA ASP A 64 5.80 -11.21 7.27
C ASP A 64 5.17 -12.47 6.70
N GLN A 65 3.84 -12.45 6.55
CA GLN A 65 3.12 -13.60 6.02
C GLN A 65 3.75 -14.09 4.73
N ASP A 66 4.34 -13.17 3.97
CA ASP A 66 4.98 -13.50 2.70
C ASP A 66 6.26 -12.69 2.51
N GLY A 67 6.23 -11.44 2.97
CA GLY A 67 7.40 -10.59 2.84
C GLY A 67 7.16 -9.44 1.87
N ARG A 68 5.92 -9.28 1.44
CA ARG A 68 5.57 -8.22 0.50
C ARG A 68 4.35 -7.44 0.99
N ILE A 69 3.76 -6.66 0.09
CA ILE A 69 2.58 -5.86 0.43
C ILE A 69 1.61 -5.79 -0.74
N SER A 70 0.46 -6.42 -0.60
CA SER A 70 -0.55 -6.42 -1.66
C SER A 70 -1.38 -5.15 -1.61
N PHE A 71 -1.99 -4.80 -2.74
CA PHE A 71 -2.82 -3.60 -2.83
C PHE A 71 -3.78 -3.50 -1.65
N ASP A 72 -4.25 -4.65 -1.18
CA ASP A 72 -5.17 -4.69 -0.05
C ASP A 72 -4.59 -3.95 1.15
N GLU A 73 -3.39 -4.37 1.57
CA GLU A 73 -2.72 -3.74 2.70
C GLU A 73 -2.57 -2.24 2.49
N PHE A 74 -2.15 -1.86 1.29
CA PHE A 74 -1.96 -0.45 0.95
C PHE A 74 -3.22 0.35 1.26
N ILE A 75 -4.34 -0.10 0.71
CA ILE A 75 -5.62 0.58 0.91
C ILE A 75 -5.93 0.71 2.40
N LYS A 76 -6.00 -0.41 3.09
CA LYS A 76 -6.29 -0.41 4.52
C LYS A 76 -5.33 0.52 5.28
N ILE A 77 -4.13 0.67 4.75
CA ILE A 77 -3.13 1.53 5.36
C ILE A 77 -3.41 2.99 5.08
N PHE A 78 -3.75 3.30 3.83
CA PHE A 78 -4.05 4.68 3.44
C PHE A 78 -5.24 5.21 4.22
N HIS A 79 -6.28 4.40 4.36
CA HIS A 79 -7.48 4.79 5.09
C HIS A 79 -7.25 4.69 6.59
N GLY A 80 -6.47 3.70 7.01
CA GLY A 80 -6.19 3.52 8.42
C GLY A 80 -7.45 3.37 9.26
N LEU A 81 -8.34 2.48 8.82
CA LEU A 81 -9.60 2.25 9.53
C LEU A 81 -9.94 0.77 9.54
N LYS A 82 -10.24 0.25 10.73
CA LYS A 82 -10.60 -1.15 10.89
C LYS A 82 -11.72 -1.54 9.93
N MET A 1 -12.64 -12.14 3.14
CA MET A 1 -12.63 -11.04 2.17
C MET A 1 -12.94 -9.70 2.85
N ALA A 2 -12.60 -9.61 4.13
CA ALA A 2 -12.86 -8.39 4.89
C ALA A 2 -11.58 -7.56 5.04
N ARG A 3 -11.65 -6.29 4.69
CA ARG A 3 -10.50 -5.39 4.80
C ARG A 3 -10.89 -3.97 4.42
N GLY A 4 -9.93 -3.06 4.54
CA GLY A 4 -10.18 -1.67 4.22
C GLY A 4 -10.65 -1.48 2.78
N SER A 5 -10.81 -0.23 2.38
CA SER A 5 -11.25 0.08 1.01
C SER A 5 -11.22 1.59 0.77
N VAL A 6 -10.82 1.97 -0.44
CA VAL A 6 -10.75 3.38 -0.81
C VAL A 6 -11.85 3.74 -1.80
N SER A 7 -12.34 4.97 -1.71
CA SER A 7 -13.39 5.45 -2.60
C SER A 7 -13.05 5.17 -4.06
N ASP A 8 -14.04 5.27 -4.93
CA ASP A 8 -13.84 5.02 -6.35
C ASP A 8 -12.68 5.85 -6.89
N GLU A 9 -12.70 7.14 -6.61
CA GLU A 9 -11.64 8.04 -7.07
C GLU A 9 -10.27 7.50 -6.69
N GLU A 10 -10.04 7.34 -5.39
CA GLU A 10 -8.77 6.83 -4.88
C GLU A 10 -8.46 5.45 -5.47
N MET A 11 -9.36 4.51 -5.21
CA MET A 11 -9.18 3.15 -5.71
C MET A 11 -8.59 3.15 -7.12
N MET A 12 -9.09 4.03 -7.97
CA MET A 12 -8.61 4.14 -9.34
C MET A 12 -7.18 4.69 -9.37
N GLU A 13 -6.95 5.75 -8.61
CA GLU A 13 -5.63 6.37 -8.56
C GLU A 13 -4.63 5.45 -7.85
N LEU A 14 -4.92 5.15 -6.59
CA LEU A 14 -4.04 4.28 -5.80
C LEU A 14 -3.64 3.05 -6.58
N ARG A 15 -4.62 2.40 -7.21
CA ARG A 15 -4.37 1.20 -7.99
C ARG A 15 -3.52 1.53 -9.22
N GLU A 16 -3.83 2.63 -9.88
CA GLU A 16 -3.09 3.05 -11.07
C GLU A 16 -1.59 3.05 -10.80
N ALA A 17 -1.18 3.77 -9.76
CA ALA A 17 0.23 3.85 -9.40
C ALA A 17 0.74 2.50 -8.91
N PHE A 18 0.07 1.93 -7.91
CA PHE A 18 0.45 0.65 -7.35
C PHE A 18 0.85 -0.33 -8.46
N ALA A 19 0.16 -0.23 -9.59
CA ALA A 19 0.44 -1.11 -10.72
C ALA A 19 1.85 -0.89 -11.26
N LYS A 20 2.18 0.37 -11.55
CA LYS A 20 3.49 0.72 -12.07
C LYS A 20 4.59 0.25 -11.12
N VAL A 21 4.22 0.04 -9.87
CA VAL A 21 5.18 -0.42 -8.87
C VAL A 21 4.92 -1.87 -8.47
N ASP A 22 3.95 -2.49 -9.14
CA ASP A 22 3.61 -3.88 -8.86
C ASP A 22 3.90 -4.77 -10.06
N THR A 23 5.06 -4.57 -10.67
CA THR A 23 5.45 -5.35 -11.84
C THR A 23 6.07 -6.68 -11.44
N ASP A 24 6.05 -6.96 -10.14
CA ASP A 24 6.61 -8.21 -9.62
C ASP A 24 5.87 -9.41 -10.19
N GLY A 25 4.69 -9.17 -10.76
CA GLY A 25 3.91 -10.24 -11.33
C GLY A 25 3.30 -11.16 -10.28
N ASN A 26 3.32 -10.70 -9.03
CA ASN A 26 2.78 -11.48 -7.92
C ASN A 26 1.50 -10.84 -7.38
N GLY A 27 1.32 -9.56 -7.66
CA GLY A 27 0.15 -8.84 -7.20
C GLY A 27 0.46 -7.89 -6.06
N TYR A 28 1.56 -8.15 -5.35
CA TYR A 28 1.96 -7.32 -4.23
C TYR A 28 3.29 -6.63 -4.51
N ILE A 29 3.48 -5.45 -3.92
CA ILE A 29 4.71 -4.70 -4.11
C ILE A 29 5.63 -4.85 -2.90
N SER A 30 6.81 -4.22 -2.99
CA SER A 30 7.78 -4.29 -1.90
C SER A 30 7.73 -3.02 -1.05
N PHE A 31 8.33 -3.09 0.14
CA PHE A 31 8.35 -1.95 1.04
C PHE A 31 8.75 -0.68 0.31
N ASN A 32 9.91 -0.70 -0.33
CA ASN A 32 10.41 0.45 -1.08
C ASN A 32 9.38 0.92 -2.10
N GLU A 33 8.82 -0.02 -2.84
CA GLU A 33 7.82 0.31 -3.86
C GLU A 33 6.61 0.99 -3.23
N LEU A 34 6.20 0.51 -2.07
CA LEU A 34 5.06 1.07 -1.36
C LEU A 34 5.25 2.56 -1.11
N ASN A 35 6.29 2.90 -0.35
CA ASN A 35 6.59 4.29 -0.03
C ASN A 35 6.60 5.15 -1.30
N ASP A 36 7.24 4.63 -2.35
CA ASP A 36 7.31 5.35 -3.62
C ASP A 36 5.92 5.51 -4.23
N LEU A 37 5.07 4.51 -4.02
CA LEU A 37 3.71 4.55 -4.55
C LEU A 37 2.89 5.64 -3.89
N PHE A 38 3.06 5.78 -2.58
CA PHE A 38 2.33 6.79 -1.81
C PHE A 38 2.69 8.20 -2.29
N LYS A 39 3.97 8.44 -2.45
CA LYS A 39 4.46 9.74 -2.90
C LYS A 39 4.12 9.97 -4.38
N ALA A 40 4.12 8.88 -5.15
CA ALA A 40 3.82 8.95 -6.57
C ALA A 40 2.33 9.18 -6.80
N ALA A 41 1.51 8.73 -5.87
CA ALA A 41 0.06 8.89 -5.98
C ALA A 41 -0.38 10.24 -5.44
N CYS A 42 0.59 11.02 -4.96
CA CYS A 42 0.29 12.34 -4.41
C CYS A 42 -0.61 12.23 -3.18
N LEU A 43 -0.46 11.14 -2.44
CA LEU A 43 -1.26 10.91 -1.24
C LEU A 43 -1.02 12.01 -0.21
N PRO A 44 -1.96 12.15 0.74
CA PRO A 44 -1.86 13.16 1.81
C PRO A 44 -0.76 12.85 2.80
N LEU A 45 -0.70 11.60 3.26
CA LEU A 45 0.31 11.17 4.21
C LEU A 45 1.72 11.48 3.70
N PRO A 46 2.60 11.90 4.61
CA PRO A 46 3.98 12.24 4.28
C PRO A 46 4.81 11.01 3.90
N GLY A 47 6.13 11.18 3.84
CA GLY A 47 7.00 10.07 3.50
C GLY A 47 7.28 9.16 4.68
N TYR A 48 7.58 9.76 5.83
CA TYR A 48 7.86 9.00 7.03
C TYR A 48 6.64 8.21 7.49
N ARG A 49 5.47 8.82 7.39
CA ARG A 49 4.24 8.18 7.79
C ARG A 49 4.08 6.82 7.11
N VAL A 50 4.17 6.82 5.78
CA VAL A 50 4.04 5.58 5.01
C VAL A 50 5.09 4.56 5.44
N ARG A 51 6.35 4.95 5.35
CA ARG A 51 7.45 4.07 5.73
C ARG A 51 7.23 3.49 7.12
N GLU A 52 7.09 4.37 8.11
CA GLU A 52 6.86 3.94 9.49
C GLU A 52 5.69 2.98 9.58
N ILE A 53 4.57 3.36 8.98
CA ILE A 53 3.37 2.52 9.00
C ILE A 53 3.68 1.11 8.54
N THR A 54 4.53 0.99 7.52
CA THR A 54 4.91 -0.31 6.99
C THR A 54 5.72 -1.11 8.01
N GLU A 55 6.89 -0.56 8.37
CA GLU A 55 7.76 -1.22 9.34
C GLU A 55 6.99 -1.63 10.59
N ASN A 56 6.04 -0.78 11.00
CA ASN A 56 5.23 -1.05 12.17
C ASN A 56 4.36 -2.29 11.97
N LEU A 57 3.64 -2.32 10.85
CA LEU A 57 2.77 -3.45 10.53
C LEU A 57 3.56 -4.75 10.53
N MET A 58 4.61 -4.81 9.71
CA MET A 58 5.44 -6.00 9.62
C MET A 58 5.85 -6.49 11.01
N ALA A 59 5.90 -5.56 11.97
CA ALA A 59 6.28 -5.90 13.34
C ALA A 59 5.09 -6.45 14.11
N THR A 60 3.89 -5.99 13.75
CA THR A 60 2.68 -6.44 14.42
C THR A 60 2.06 -7.64 13.70
N GLY A 61 2.92 -8.55 13.26
CA GLY A 61 2.45 -9.74 12.57
C GLY A 61 1.46 -9.40 11.47
N ASP A 62 1.85 -8.51 10.57
CA ASP A 62 0.99 -8.10 9.46
C ASP A 62 1.54 -8.61 8.14
N LEU A 63 2.84 -8.43 7.93
CA LEU A 63 3.49 -8.87 6.70
C LEU A 63 4.31 -10.13 6.94
N ASP A 64 3.97 -10.87 7.99
CA ASP A 64 4.67 -12.10 8.32
C ASP A 64 4.26 -13.23 7.39
N GLN A 65 3.28 -12.97 6.54
CA GLN A 65 2.79 -13.97 5.59
C GLN A 65 3.80 -14.19 4.48
N ASP A 66 4.60 -13.17 4.18
CA ASP A 66 5.61 -13.26 3.14
C ASP A 66 6.63 -12.13 3.27
N GLY A 67 6.15 -10.96 3.68
CA GLY A 67 7.04 -9.81 3.84
C GLY A 67 6.73 -8.70 2.85
N ARG A 68 6.05 -9.06 1.75
CA ARG A 68 5.70 -8.09 0.73
C ARG A 68 4.51 -7.23 1.17
N ILE A 69 3.91 -6.53 0.22
CA ILE A 69 2.76 -5.68 0.51
C ILE A 69 1.78 -5.67 -0.65
N SER A 70 0.67 -6.37 -0.47
CA SER A 70 -0.37 -6.45 -1.50
C SER A 70 -1.24 -5.20 -1.49
N PHE A 71 -1.83 -4.89 -2.64
CA PHE A 71 -2.69 -3.71 -2.77
C PHE A 71 -3.65 -3.62 -1.60
N ASP A 72 -4.12 -4.77 -1.12
CA ASP A 72 -5.05 -4.82 -0.01
C ASP A 72 -4.47 -4.09 1.21
N GLU A 73 -3.27 -4.48 1.62
CA GLU A 73 -2.61 -3.87 2.76
C GLU A 73 -2.47 -2.36 2.57
N PHE A 74 -2.11 -1.96 1.35
CA PHE A 74 -1.94 -0.55 1.03
C PHE A 74 -3.22 0.23 1.32
N ILE A 75 -4.33 -0.24 0.75
CA ILE A 75 -5.62 0.41 0.94
C ILE A 75 -5.97 0.52 2.42
N LYS A 76 -6.04 -0.61 3.10
CA LYS A 76 -6.36 -0.63 4.52
C LYS A 76 -5.43 0.29 5.30
N ILE A 77 -4.19 0.40 4.84
CA ILE A 77 -3.20 1.26 5.50
C ILE A 77 -3.50 2.73 5.23
N PHE A 78 -3.83 3.04 3.98
CA PHE A 78 -4.14 4.42 3.59
C PHE A 78 -5.36 4.94 4.33
N HIS A 79 -6.40 4.13 4.37
CA HIS A 79 -7.64 4.50 5.06
C HIS A 79 -7.46 4.46 6.57
N GLY A 80 -6.65 3.52 7.04
CA GLY A 80 -6.40 3.40 8.47
C GLY A 80 -7.69 3.20 9.26
N LEU A 81 -8.48 2.22 8.86
CA LEU A 81 -9.73 1.92 9.53
C LEU A 81 -9.97 0.42 9.64
N LYS A 82 -10.28 -0.04 10.85
CA LYS A 82 -10.52 -1.46 11.09
C LYS A 82 -11.55 -2.00 10.09
N MET A 1 -10.20 -8.34 -8.13
CA MET A 1 -11.61 -8.27 -8.49
C MET A 1 -12.49 -8.72 -7.32
N ALA A 2 -13.76 -8.34 -7.37
CA ALA A 2 -14.71 -8.72 -6.33
C ALA A 2 -14.28 -8.16 -4.97
N ARG A 3 -13.94 -6.87 -4.95
CA ARG A 3 -13.50 -6.22 -3.71
C ARG A 3 -13.51 -4.71 -3.87
N GLY A 4 -13.58 -4.00 -2.74
CA GLY A 4 -13.61 -2.55 -2.77
C GLY A 4 -13.69 -1.94 -1.39
N SER A 5 -12.76 -1.03 -1.08
CA SER A 5 -12.73 -0.38 0.21
C SER A 5 -12.54 1.13 0.06
N VAL A 6 -11.36 1.53 -0.37
CA VAL A 6 -11.04 2.95 -0.56
C VAL A 6 -12.04 3.59 -1.53
N SER A 7 -12.20 4.91 -1.39
CA SER A 7 -13.12 5.65 -2.25
C SER A 7 -12.88 5.31 -3.72
N ASP A 8 -13.93 5.45 -4.52
CA ASP A 8 -13.86 5.14 -5.95
C ASP A 8 -12.71 5.93 -6.59
N GLU A 9 -12.75 7.24 -6.44
CA GLU A 9 -11.72 8.11 -7.02
C GLU A 9 -10.33 7.58 -6.70
N GLU A 10 -10.02 7.48 -5.41
CA GLU A 10 -8.72 7.00 -4.97
C GLU A 10 -8.44 5.61 -5.53
N MET A 11 -9.35 4.67 -5.28
CA MET A 11 -9.20 3.30 -5.77
C MET A 11 -8.61 3.30 -7.17
N MET A 12 -9.11 4.18 -8.03
CA MET A 12 -8.62 4.27 -9.40
C MET A 12 -7.19 4.80 -9.44
N GLU A 13 -6.94 5.87 -8.71
CA GLU A 13 -5.61 6.47 -8.66
C GLU A 13 -4.62 5.55 -7.96
N LEU A 14 -4.90 5.23 -6.70
CA LEU A 14 -4.03 4.36 -5.91
C LEU A 14 -3.66 3.11 -6.71
N ARG A 15 -4.65 2.47 -7.30
CA ARG A 15 -4.43 1.27 -8.10
C ARG A 15 -3.51 1.56 -9.27
N GLU A 16 -3.76 2.67 -9.96
CA GLU A 16 -2.96 3.06 -11.10
C GLU A 16 -1.47 3.03 -10.77
N ALA A 17 -1.07 3.82 -9.77
CA ALA A 17 0.32 3.88 -9.34
C ALA A 17 0.81 2.52 -8.87
N PHE A 18 0.08 1.95 -7.91
CA PHE A 18 0.44 0.65 -7.35
C PHE A 18 0.89 -0.31 -8.46
N ALA A 19 0.02 -0.51 -9.45
CA ALA A 19 0.32 -1.40 -10.57
C ALA A 19 1.68 -1.06 -11.18
N LYS A 20 1.91 0.23 -11.41
CA LYS A 20 3.17 0.68 -11.99
C LYS A 20 4.36 0.20 -11.17
N VAL A 21 4.14 -0.01 -9.89
CA VAL A 21 5.19 -0.48 -8.99
C VAL A 21 4.95 -1.93 -8.58
N ASP A 22 3.94 -2.54 -9.16
CA ASP A 22 3.60 -3.93 -8.85
C ASP A 22 4.03 -4.85 -10.00
N THR A 23 5.28 -4.72 -10.42
CA THR A 23 5.81 -5.54 -11.51
C THR A 23 6.25 -6.91 -10.99
N ASP A 24 5.96 -7.18 -9.73
CA ASP A 24 6.33 -8.45 -9.12
C ASP A 24 5.64 -9.61 -9.84
N GLY A 25 4.62 -9.30 -10.61
CA GLY A 25 3.90 -10.33 -11.34
C GLY A 25 3.13 -11.26 -10.42
N ASN A 26 3.03 -10.88 -9.15
CA ASN A 26 2.33 -11.70 -8.17
C ASN A 26 1.07 -10.99 -7.67
N GLY A 27 1.01 -9.68 -7.90
CA GLY A 27 -0.15 -8.90 -7.48
C GLY A 27 0.18 -7.98 -6.32
N TYR A 28 1.25 -8.29 -5.60
CA TYR A 28 1.66 -7.47 -4.46
C TYR A 28 3.03 -6.83 -4.70
N ILE A 29 3.20 -5.62 -4.19
CA ILE A 29 4.47 -4.90 -4.35
C ILE A 29 5.38 -5.12 -3.15
N SER A 30 6.58 -4.55 -3.22
CA SER A 30 7.55 -4.69 -2.14
C SER A 30 7.54 -3.45 -1.25
N PHE A 31 8.09 -3.60 -0.04
CA PHE A 31 8.15 -2.49 0.90
C PHE A 31 8.60 -1.20 0.22
N ASN A 32 9.76 -1.25 -0.43
CA ASN A 32 10.31 -0.10 -1.12
C ASN A 32 9.31 0.45 -2.14
N GLU A 33 8.72 -0.45 -2.91
CA GLU A 33 7.74 -0.05 -3.92
C GLU A 33 6.54 0.65 -3.28
N LEU A 34 6.13 0.15 -2.13
CA LEU A 34 4.99 0.72 -1.41
C LEU A 34 5.24 2.19 -1.10
N ASN A 35 6.27 2.46 -0.29
CA ASN A 35 6.60 3.83 0.08
C ASN A 35 6.67 4.72 -1.15
N ASP A 36 7.37 4.26 -2.18
CA ASP A 36 7.50 5.03 -3.41
C ASP A 36 6.15 5.24 -4.08
N LEU A 37 5.29 4.24 -3.98
CA LEU A 37 3.96 4.31 -4.57
C LEU A 37 3.12 5.41 -3.90
N PHE A 38 3.26 5.52 -2.58
CA PHE A 38 2.53 6.52 -1.82
C PHE A 38 2.85 7.93 -2.32
N LYS A 39 4.13 8.28 -2.26
CA LYS A 39 4.58 9.60 -2.69
C LYS A 39 4.33 9.79 -4.19
N ALA A 40 4.52 8.71 -4.96
CA ALA A 40 4.31 8.77 -6.40
C ALA A 40 2.82 8.87 -6.74
N ALA A 41 1.98 8.46 -5.80
CA ALA A 41 0.54 8.51 -5.99
C ALA A 41 -0.05 9.81 -5.44
N CYS A 42 0.80 10.81 -5.26
CA CYS A 42 0.37 12.10 -4.74
C CYS A 42 -0.44 11.91 -3.45
N LEU A 43 -0.01 10.98 -2.62
CA LEU A 43 -0.69 10.70 -1.36
C LEU A 43 -0.55 11.88 -0.40
N PRO A 44 -1.60 12.11 0.40
CA PRO A 44 -1.61 13.21 1.39
C PRO A 44 -0.65 12.96 2.54
N LEU A 45 -0.60 11.72 3.01
CA LEU A 45 0.28 11.36 4.12
C LEU A 45 1.73 11.71 3.79
N PRO A 46 2.48 12.13 4.82
CA PRO A 46 3.90 12.50 4.67
C PRO A 46 4.79 11.29 4.39
N GLY A 47 6.09 11.50 4.45
CA GLY A 47 7.03 10.42 4.20
C GLY A 47 7.21 9.52 5.41
N TYR A 48 7.29 10.13 6.60
CA TYR A 48 7.46 9.38 7.83
C TYR A 48 6.22 8.54 8.14
N ARG A 49 5.05 9.09 7.84
CA ARG A 49 3.79 8.41 8.09
C ARG A 49 3.77 7.04 7.40
N VAL A 50 4.04 7.03 6.10
CA VAL A 50 4.06 5.80 5.33
C VAL A 50 5.12 4.84 5.85
N ARG A 51 6.36 5.30 5.86
CA ARG A 51 7.48 4.48 6.34
C ARG A 51 7.18 3.91 7.71
N GLU A 52 6.62 4.74 8.59
CA GLU A 52 6.29 4.31 9.95
C GLU A 52 5.15 3.29 9.93
N ILE A 53 4.09 3.61 9.21
CA ILE A 53 2.94 2.73 9.10
C ILE A 53 3.36 1.31 8.74
N THR A 54 4.40 1.20 7.92
CA THR A 54 4.91 -0.10 7.49
C THR A 54 5.77 -0.73 8.58
N GLU A 55 6.71 0.05 9.11
CA GLU A 55 7.60 -0.45 10.16
C GLU A 55 6.80 -0.93 11.37
N ASN A 56 5.65 -0.30 11.60
CA ASN A 56 4.80 -0.66 12.73
C ASN A 56 3.83 -1.77 12.34
N LEU A 57 3.43 -1.79 11.07
CA LEU A 57 2.51 -2.80 10.57
C LEU A 57 3.11 -4.20 10.71
N MET A 58 4.20 -4.46 9.99
CA MET A 58 4.87 -5.75 10.04
C MET A 58 5.45 -6.01 11.44
N ALA A 59 5.48 -4.96 12.26
CA ALA A 59 6.01 -5.08 13.61
C ALA A 59 5.41 -6.28 14.34
N THR A 60 4.24 -6.71 13.90
CA THR A 60 3.57 -7.85 14.51
C THR A 60 3.36 -8.97 13.49
N GLY A 61 4.32 -9.13 12.59
CA GLY A 61 4.22 -10.17 11.57
C GLY A 61 3.08 -9.93 10.61
N ASP A 62 2.81 -8.66 10.31
CA ASP A 62 1.73 -8.30 9.39
C ASP A 62 2.17 -8.49 7.95
N LEU A 63 3.29 -7.87 7.59
CA LEU A 63 3.82 -7.98 6.23
C LEU A 63 4.88 -9.07 6.14
N ASP A 64 5.10 -9.77 7.25
CA ASP A 64 6.08 -10.84 7.29
C ASP A 64 5.47 -12.16 6.81
N GLN A 65 4.16 -12.21 6.73
CA GLN A 65 3.45 -13.41 6.29
C GLN A 65 4.07 -13.95 5.01
N ASP A 66 4.36 -13.05 4.08
CA ASP A 66 4.96 -13.45 2.80
C ASP A 66 6.22 -12.64 2.52
N GLY A 67 6.23 -11.39 2.97
CA GLY A 67 7.37 -10.53 2.75
C GLY A 67 7.08 -9.40 1.77
N ARG A 68 5.88 -9.41 1.20
CA ARG A 68 5.47 -8.39 0.25
C ARG A 68 4.27 -7.60 0.78
N ILE A 69 3.65 -6.82 -0.11
CA ILE A 69 2.50 -6.02 0.27
C ILE A 69 1.50 -5.91 -0.88
N SER A 70 0.35 -6.58 -0.73
CA SER A 70 -0.68 -6.57 -1.76
C SER A 70 -1.47 -5.27 -1.71
N PHE A 71 -2.10 -4.92 -2.83
CA PHE A 71 -2.90 -3.70 -2.92
C PHE A 71 -3.86 -3.59 -1.75
N ASP A 72 -4.33 -4.74 -1.26
CA ASP A 72 -5.26 -4.77 -0.14
C ASP A 72 -4.68 -4.05 1.06
N GLU A 73 -3.50 -4.46 1.49
CA GLU A 73 -2.83 -3.85 2.64
C GLU A 73 -2.68 -2.35 2.43
N PHE A 74 -2.23 -1.96 1.24
CA PHE A 74 -2.04 -0.55 0.92
C PHE A 74 -3.32 0.24 1.16
N ILE A 75 -4.42 -0.25 0.63
CA ILE A 75 -5.71 0.42 0.79
C ILE A 75 -6.07 0.57 2.27
N LYS A 76 -6.16 -0.55 2.97
CA LYS A 76 -6.48 -0.53 4.39
C LYS A 76 -5.57 0.42 5.15
N ILE A 77 -4.34 0.57 4.67
CA ILE A 77 -3.37 1.45 5.30
C ILE A 77 -3.73 2.92 5.07
N PHE A 78 -4.06 3.25 3.83
CA PHE A 78 -4.43 4.62 3.48
C PHE A 78 -5.66 5.08 4.25
N HIS A 79 -6.62 4.16 4.40
CA HIS A 79 -7.85 4.48 5.13
C HIS A 79 -7.61 4.46 6.64
N GLY A 80 -6.73 3.57 7.08
CA GLY A 80 -6.43 3.47 8.50
C GLY A 80 -7.65 3.15 9.34
N LEU A 81 -8.31 2.04 9.02
CA LEU A 81 -9.50 1.62 9.73
C LEU A 81 -9.32 0.23 10.35
N LYS A 82 -9.46 0.14 11.66
CA LYS A 82 -9.31 -1.13 12.36
C LYS A 82 -10.52 -2.02 12.15
N MET A 1 -7.53 -8.75 -9.43
CA MET A 1 -6.49 -8.68 -8.41
C MET A 1 -6.31 -7.26 -7.90
N ALA A 2 -7.35 -6.73 -7.27
CA ALA A 2 -7.32 -5.37 -6.74
C ALA A 2 -8.58 -5.07 -5.94
N ARG A 3 -8.45 -5.04 -4.62
CA ARG A 3 -9.58 -4.76 -3.74
C ARG A 3 -9.15 -3.89 -2.56
N GLY A 4 -10.13 -3.39 -1.81
CA GLY A 4 -9.83 -2.55 -0.66
C GLY A 4 -10.94 -1.56 -0.38
N SER A 5 -10.98 -1.06 0.85
CA SER A 5 -12.00 -0.10 1.26
C SER A 5 -11.51 1.33 1.05
N VAL A 6 -11.53 1.77 -0.20
CA VAL A 6 -11.09 3.12 -0.54
C VAL A 6 -12.05 3.79 -1.53
N SER A 7 -12.20 5.10 -1.41
CA SER A 7 -13.10 5.85 -2.28
C SER A 7 -12.82 5.53 -3.74
N ASP A 8 -13.86 5.63 -4.57
CA ASP A 8 -13.73 5.35 -6.00
C ASP A 8 -12.56 6.13 -6.60
N GLU A 9 -12.56 7.44 -6.38
CA GLU A 9 -11.50 8.30 -6.91
C GLU A 9 -10.13 7.72 -6.58
N GLU A 10 -9.84 7.57 -5.31
CA GLU A 10 -8.56 7.04 -4.87
C GLU A 10 -8.31 5.66 -5.47
N MET A 11 -9.25 4.75 -5.27
CA MET A 11 -9.14 3.39 -5.78
C MET A 11 -8.53 3.40 -7.19
N MET A 12 -9.01 4.32 -8.03
CA MET A 12 -8.51 4.43 -9.39
C MET A 12 -7.06 4.93 -9.40
N GLU A 13 -6.80 5.97 -8.63
CA GLU A 13 -5.46 6.54 -8.55
C GLU A 13 -4.49 5.58 -7.87
N LEU A 14 -4.78 5.25 -6.62
CA LEU A 14 -3.94 4.33 -5.85
C LEU A 14 -3.59 3.10 -6.67
N ARG A 15 -4.60 2.50 -7.29
CA ARG A 15 -4.39 1.31 -8.11
C ARG A 15 -3.46 1.61 -9.28
N GLU A 16 -3.73 2.70 -9.99
CA GLU A 16 -2.91 3.10 -11.13
C GLU A 16 -1.43 3.08 -10.76
N ALA A 17 -1.06 3.87 -9.76
CA ALA A 17 0.32 3.95 -9.31
C ALA A 17 0.81 2.59 -8.81
N PHE A 18 0.08 2.02 -7.87
CA PHE A 18 0.45 0.72 -7.31
C PHE A 18 0.92 -0.24 -8.40
N ALA A 19 0.08 -0.44 -9.39
CA ALA A 19 0.42 -1.33 -10.50
C ALA A 19 1.77 -0.98 -11.11
N LYS A 20 2.00 0.31 -11.32
CA LYS A 20 3.26 0.78 -11.89
C LYS A 20 4.43 0.33 -11.04
N VAL A 21 4.20 0.13 -9.75
CA VAL A 21 5.24 -0.31 -8.83
C VAL A 21 5.03 -1.76 -8.41
N ASP A 22 4.02 -2.40 -9.00
CA ASP A 22 3.72 -3.78 -8.69
C ASP A 22 4.17 -4.71 -9.82
N THR A 23 5.42 -4.55 -10.25
CA THR A 23 5.97 -5.36 -11.31
C THR A 23 6.45 -6.71 -10.80
N ASP A 24 6.16 -6.98 -9.52
CA ASP A 24 6.56 -8.24 -8.90
C ASP A 24 5.92 -9.43 -9.61
N GLY A 25 4.88 -9.15 -10.39
CA GLY A 25 4.19 -10.20 -11.11
C GLY A 25 3.45 -11.14 -10.19
N ASN A 26 3.32 -10.76 -8.92
CA ASN A 26 2.63 -11.57 -7.93
C ASN A 26 1.35 -10.89 -7.46
N GLY A 27 1.25 -9.59 -7.71
CA GLY A 27 0.07 -8.84 -7.30
C GLY A 27 0.36 -7.90 -6.16
N TYR A 28 1.44 -8.14 -5.43
CA TYR A 28 1.82 -7.32 -4.30
C TYR A 28 3.17 -6.65 -4.53
N ILE A 29 3.32 -5.43 -4.04
CA ILE A 29 4.57 -4.69 -4.19
C ILE A 29 5.48 -4.88 -2.98
N SER A 30 6.66 -4.29 -3.04
CA SER A 30 7.63 -4.40 -1.95
C SER A 30 7.58 -3.16 -1.06
N PHE A 31 8.15 -3.28 0.14
CA PHE A 31 8.17 -2.17 1.09
C PHE A 31 8.60 -0.88 0.39
N ASN A 32 9.76 -0.91 -0.25
CA ASN A 32 10.28 0.25 -0.94
C ASN A 32 9.28 0.77 -1.97
N GLU A 33 8.72 -0.15 -2.75
CA GLU A 33 7.75 0.23 -3.77
C GLU A 33 6.53 0.92 -3.15
N LEU A 34 6.11 0.42 -1.99
CA LEU A 34 4.97 0.99 -1.29
C LEU A 34 5.18 2.47 -1.01
N ASN A 35 6.21 2.79 -0.23
CA ASN A 35 6.53 4.17 0.11
C ASN A 35 6.55 5.04 -1.14
N ASP A 36 7.25 4.57 -2.16
CA ASP A 36 7.35 5.31 -3.42
C ASP A 36 5.98 5.47 -4.07
N LEU A 37 5.13 4.47 -3.90
CA LEU A 37 3.79 4.51 -4.47
C LEU A 37 2.93 5.57 -3.78
N PHE A 38 3.16 5.75 -2.49
CA PHE A 38 2.41 6.74 -1.72
C PHE A 38 2.72 8.16 -2.20
N LYS A 39 4.00 8.43 -2.44
CA LYS A 39 4.43 9.75 -2.90
C LYS A 39 4.19 9.89 -4.40
N ALA A 40 4.29 8.78 -5.13
CA ALA A 40 4.09 8.79 -6.57
C ALA A 40 2.61 8.95 -6.91
N ALA A 41 1.74 8.53 -5.99
CA ALA A 41 0.31 8.63 -6.21
C ALA A 41 -0.24 9.95 -5.68
N CYS A 42 0.67 10.89 -5.40
CA CYS A 42 0.29 12.20 -4.88
C CYS A 42 -0.63 12.06 -3.68
N LEU A 43 -0.33 11.09 -2.82
CA LEU A 43 -1.12 10.85 -1.62
C LEU A 43 -0.89 11.95 -0.58
N PRO A 44 -1.84 12.10 0.35
CA PRO A 44 -1.75 13.10 1.41
C PRO A 44 -0.67 12.78 2.43
N LEU A 45 -0.70 11.56 2.96
CA LEU A 45 0.28 11.11 3.94
C LEU A 45 1.70 11.37 3.46
N PRO A 46 2.57 11.81 4.37
CA PRO A 46 3.98 12.10 4.06
C PRO A 46 4.77 10.84 3.76
N GLY A 47 6.10 10.98 3.72
CA GLY A 47 6.95 9.84 3.44
C GLY A 47 7.22 8.99 4.67
N TYR A 48 7.41 9.64 5.80
CA TYR A 48 7.68 8.95 7.06
C TYR A 48 6.44 8.21 7.54
N ARG A 49 5.28 8.86 7.43
CA ARG A 49 4.02 8.27 7.85
C ARG A 49 3.85 6.88 7.24
N VAL A 50 4.10 6.77 5.95
CA VAL A 50 3.98 5.50 5.25
C VAL A 50 5.05 4.52 5.68
N ARG A 51 6.31 4.92 5.52
CA ARG A 51 7.44 4.07 5.90
C ARG A 51 7.26 3.53 7.32
N GLU A 52 6.73 4.37 8.20
CA GLU A 52 6.51 3.98 9.59
C GLU A 52 5.36 2.98 9.71
N ILE A 53 4.20 3.36 9.16
CA ILE A 53 3.03 2.50 9.20
C ILE A 53 3.37 1.09 8.77
N THR A 54 4.21 0.97 7.73
CA THR A 54 4.61 -0.32 7.22
C THR A 54 5.58 -1.02 8.18
N GLU A 55 6.70 -0.36 8.46
CA GLU A 55 7.70 -0.92 9.36
C GLU A 55 7.07 -1.35 10.68
N ASN A 56 6.05 -0.63 11.10
CA ASN A 56 5.35 -0.93 12.35
C ASN A 56 4.23 -1.94 12.11
N LEU A 57 3.75 -2.00 10.88
CA LEU A 57 2.68 -2.92 10.51
C LEU A 57 3.12 -4.37 10.68
N MET A 58 4.17 -4.74 9.96
CA MET A 58 4.70 -6.11 10.03
C MET A 58 5.66 -6.26 11.20
N ALA A 59 5.98 -5.14 11.85
CA ALA A 59 6.89 -5.15 12.98
C ALA A 59 6.54 -6.28 13.96
N THR A 60 5.28 -6.68 13.96
CA THR A 60 4.83 -7.76 14.84
C THR A 60 4.57 -9.04 14.06
N GLY A 61 3.68 -8.95 13.07
CA GLY A 61 3.36 -10.12 12.26
C GLY A 61 2.22 -9.87 11.30
N ASP A 62 2.28 -8.73 10.61
CA ASP A 62 1.24 -8.37 9.65
C ASP A 62 1.62 -8.83 8.24
N LEU A 63 2.79 -8.40 7.78
CA LEU A 63 3.27 -8.75 6.45
C LEU A 63 4.19 -9.98 6.52
N ASP A 64 4.55 -10.37 7.73
CA ASP A 64 5.42 -11.53 7.93
C ASP A 64 4.92 -12.72 7.13
N GLN A 65 3.63 -12.74 6.82
CA GLN A 65 3.04 -13.83 6.06
C GLN A 65 3.83 -14.10 4.78
N ASP A 66 4.36 -13.04 4.19
CA ASP A 66 5.14 -13.17 2.96
C ASP A 66 6.26 -12.12 2.92
N GLY A 67 5.97 -10.93 3.42
CA GLY A 67 6.96 -9.87 3.44
C GLY A 67 6.57 -8.71 2.54
N ARG A 68 5.98 -9.02 1.40
CA ARG A 68 5.56 -7.99 0.45
C ARG A 68 4.29 -7.28 0.94
N ILE A 69 3.68 -6.50 0.06
CA ILE A 69 2.46 -5.77 0.39
C ILE A 69 1.50 -5.73 -0.78
N SER A 70 0.36 -6.40 -0.62
CA SER A 70 -0.65 -6.45 -1.68
C SER A 70 -1.50 -5.18 -1.67
N PHE A 71 -2.08 -4.86 -2.82
CA PHE A 71 -2.91 -3.68 -2.95
C PHE A 71 -3.92 -3.60 -1.81
N ASP A 72 -4.43 -4.75 -1.39
CA ASP A 72 -5.40 -4.82 -0.31
C ASP A 72 -4.87 -4.11 0.93
N GLU A 73 -3.69 -4.53 1.38
CA GLU A 73 -3.07 -3.94 2.57
C GLU A 73 -2.88 -2.44 2.39
N PHE A 74 -2.35 -2.04 1.24
CA PHE A 74 -2.11 -0.64 0.94
C PHE A 74 -3.38 0.18 1.17
N ILE A 75 -4.50 -0.32 0.67
CA ILE A 75 -5.78 0.36 0.81
C ILE A 75 -6.17 0.50 2.27
N LYS A 76 -6.30 -0.63 2.95
CA LYS A 76 -6.67 -0.65 4.37
C LYS A 76 -5.77 0.29 5.17
N ILE A 77 -4.52 0.44 4.72
CA ILE A 77 -3.57 1.31 5.39
C ILE A 77 -3.89 2.78 5.14
N PHE A 78 -4.18 3.11 3.88
CA PHE A 78 -4.50 4.47 3.51
C PHE A 78 -5.75 4.96 4.24
N HIS A 79 -6.70 4.05 4.47
CA HIS A 79 -7.93 4.38 5.16
C HIS A 79 -7.74 4.35 6.67
N GLY A 80 -6.89 3.43 7.13
CA GLY A 80 -6.64 3.30 8.55
C GLY A 80 -7.54 2.28 9.22
N LEU A 81 -8.85 2.45 9.07
CA LEU A 81 -9.81 1.53 9.67
C LEU A 81 -10.98 1.29 8.72
N LYS A 82 -11.90 0.43 9.14
CA LYS A 82 -13.07 0.11 8.33
C LYS A 82 -13.87 1.37 8.00
N MET A 1 -10.21 -10.00 -10.17
CA MET A 1 -9.84 -9.71 -8.79
C MET A 1 -10.03 -8.22 -8.48
N ALA A 2 -10.84 -7.94 -7.48
CA ALA A 2 -11.11 -6.55 -7.08
C ALA A 2 -11.65 -6.49 -5.66
N ARG A 3 -11.44 -5.36 -5.01
CA ARG A 3 -11.91 -5.16 -3.64
C ARG A 3 -12.69 -3.85 -3.51
N GLY A 4 -13.22 -3.60 -2.31
CA GLY A 4 -13.98 -2.38 -2.08
C GLY A 4 -13.70 -1.78 -0.72
N SER A 5 -12.98 -0.67 -0.70
CA SER A 5 -12.64 0.01 0.55
C SER A 5 -12.40 1.49 0.31
N VAL A 6 -11.32 1.80 -0.40
CA VAL A 6 -10.97 3.19 -0.70
C VAL A 6 -11.95 3.80 -1.69
N SER A 7 -12.12 5.12 -1.61
CA SER A 7 -13.04 5.83 -2.50
C SER A 7 -12.79 5.45 -3.95
N ASP A 8 -13.82 5.58 -4.78
CA ASP A 8 -13.72 5.25 -6.19
C ASP A 8 -12.56 6.01 -6.84
N GLU A 9 -12.57 7.33 -6.70
CA GLU A 9 -11.53 8.17 -7.28
C GLU A 9 -10.15 7.62 -6.95
N GLU A 10 -9.85 7.54 -5.64
CA GLU A 10 -8.56 7.03 -5.19
C GLU A 10 -8.31 5.62 -5.73
N MET A 11 -9.24 4.71 -5.47
CA MET A 11 -9.12 3.34 -5.93
C MET A 11 -8.51 3.28 -7.33
N MET A 12 -8.98 4.15 -8.21
CA MET A 12 -8.48 4.20 -9.57
C MET A 12 -7.04 4.70 -9.61
N GLU A 13 -6.78 5.79 -8.90
CA GLU A 13 -5.45 6.38 -8.85
C GLU A 13 -4.48 5.44 -8.12
N LEU A 14 -4.77 5.16 -6.86
CA LEU A 14 -3.93 4.29 -6.06
C LEU A 14 -3.56 3.02 -6.82
N ARG A 15 -4.57 2.36 -7.38
CA ARG A 15 -4.36 1.14 -8.15
C ARG A 15 -3.41 1.39 -9.32
N GLU A 16 -3.67 2.46 -10.04
CA GLU A 16 -2.84 2.81 -11.20
C GLU A 16 -1.36 2.81 -10.83
N ALA A 17 -0.99 3.68 -9.89
CA ALA A 17 0.39 3.78 -9.44
C ALA A 17 0.89 2.45 -8.90
N PHE A 18 0.16 1.89 -7.94
CA PHE A 18 0.53 0.62 -7.34
C PHE A 18 1.04 -0.36 -8.40
N ALA A 19 0.20 -0.62 -9.41
CA ALA A 19 0.57 -1.53 -10.48
C ALA A 19 1.92 -1.16 -11.07
N LYS A 20 2.12 0.12 -11.34
CA LYS A 20 3.37 0.60 -11.91
C LYS A 20 4.56 0.19 -11.04
N VAL A 21 4.32 0.04 -9.74
CA VAL A 21 5.36 -0.36 -8.81
C VAL A 21 5.18 -1.81 -8.36
N ASP A 22 4.20 -2.49 -8.96
CA ASP A 22 3.93 -3.88 -8.63
C ASP A 22 4.45 -4.82 -9.72
N THR A 23 5.73 -4.69 -10.04
CA THR A 23 6.36 -5.52 -11.06
C THR A 23 6.37 -6.99 -10.65
N ASP A 24 6.09 -7.23 -9.37
CA ASP A 24 6.07 -8.59 -8.85
C ASP A 24 5.01 -9.44 -9.56
N GLY A 25 4.06 -8.76 -10.20
CA GLY A 25 3.01 -9.46 -10.92
C GLY A 25 2.33 -10.52 -10.05
N ASN A 26 2.38 -10.32 -8.74
CA ASN A 26 1.77 -11.26 -7.80
C ASN A 26 0.58 -10.61 -7.08
N GLY A 27 0.50 -9.28 -7.17
CA GLY A 27 -0.58 -8.57 -6.51
C GLY A 27 -0.10 -7.74 -5.33
N TYR A 28 1.16 -7.94 -4.95
CA TYR A 28 1.74 -7.21 -3.82
C TYR A 28 3.09 -6.61 -4.21
N ILE A 29 3.36 -5.41 -3.71
CA ILE A 29 4.62 -4.74 -3.99
C ILE A 29 5.57 -4.83 -2.80
N SER A 30 6.81 -4.37 -3.01
CA SER A 30 7.81 -4.42 -1.96
C SER A 30 7.75 -3.15 -1.10
N PHE A 31 8.30 -3.23 0.11
CA PHE A 31 8.30 -2.10 1.02
C PHE A 31 8.73 -0.81 0.30
N ASN A 32 9.88 -0.86 -0.35
CA ASN A 32 10.40 0.29 -1.07
C ASN A 32 9.38 0.80 -2.08
N GLU A 33 8.81 -0.13 -2.86
CA GLU A 33 7.82 0.22 -3.87
C GLU A 33 6.62 0.91 -3.24
N LEU A 34 6.21 0.42 -2.07
CA LEU A 34 5.07 0.99 -1.36
C LEU A 34 5.28 2.48 -1.10
N ASN A 35 6.31 2.80 -0.33
CA ASN A 35 6.62 4.19 0.01
C ASN A 35 6.64 5.05 -1.26
N ASP A 36 7.30 4.56 -2.30
CA ASP A 36 7.39 5.28 -3.56
C ASP A 36 6.01 5.45 -4.18
N LEU A 37 5.14 4.47 -3.99
CA LEU A 37 3.79 4.50 -4.53
C LEU A 37 2.94 5.56 -3.81
N PHE A 38 3.20 5.73 -2.52
CA PHE A 38 2.47 6.70 -1.72
C PHE A 38 2.79 8.12 -2.18
N LYS A 39 4.05 8.37 -2.49
CA LYS A 39 4.48 9.70 -2.93
C LYS A 39 4.25 9.87 -4.43
N ALA A 40 4.33 8.76 -5.17
CA ALA A 40 4.13 8.80 -6.61
C ALA A 40 2.66 8.98 -6.96
N ALA A 41 1.79 8.52 -6.06
CA ALA A 41 0.34 8.64 -6.27
C ALA A 41 -0.18 9.96 -5.71
N CYS A 42 0.74 10.86 -5.39
CA CYS A 42 0.35 12.17 -4.85
C CYS A 42 -0.61 12.01 -3.67
N LEU A 43 -0.28 11.09 -2.76
CA LEU A 43 -1.11 10.85 -1.59
C LEU A 43 -0.90 11.92 -0.54
N PRO A 44 -1.90 12.09 0.34
CA PRO A 44 -1.85 13.09 1.42
C PRO A 44 -0.83 12.72 2.49
N LEU A 45 -0.89 11.48 2.96
CA LEU A 45 0.02 11.01 3.99
C LEU A 45 1.46 11.34 3.64
N PRO A 46 2.24 11.74 4.65
CA PRO A 46 3.66 12.11 4.47
C PRO A 46 4.52 10.88 4.15
N GLY A 47 5.84 11.08 4.20
CA GLY A 47 6.76 9.99 3.92
C GLY A 47 6.99 9.11 5.12
N TYR A 48 7.11 9.72 6.30
CA TYR A 48 7.34 8.97 7.52
C TYR A 48 6.12 8.15 7.90
N ARG A 49 4.94 8.73 7.70
CA ARG A 49 3.69 8.04 8.02
C ARG A 49 3.62 6.68 7.33
N VAL A 50 3.92 6.66 6.03
CA VAL A 50 3.88 5.43 5.26
C VAL A 50 4.96 4.46 5.74
N ARG A 51 6.22 4.89 5.64
CA ARG A 51 7.34 4.06 6.06
C ARG A 51 7.12 3.51 7.47
N GLU A 52 6.55 4.34 8.34
CA GLU A 52 6.28 3.94 9.72
C GLU A 52 5.16 2.90 9.77
N ILE A 53 4.02 3.25 9.18
CA ILE A 53 2.87 2.35 9.17
C ILE A 53 3.27 0.96 8.73
N THR A 54 4.09 0.88 7.69
CA THR A 54 4.55 -0.40 7.16
C THR A 54 5.47 -1.10 8.16
N GLU A 55 6.57 -0.43 8.52
CA GLU A 55 7.53 -1.00 9.47
C GLU A 55 6.83 -1.42 10.76
N ASN A 56 5.73 -0.75 11.07
CA ASN A 56 4.97 -1.06 12.29
C ASN A 56 3.94 -2.15 12.02
N LEU A 57 3.54 -2.29 10.76
CA LEU A 57 2.57 -3.30 10.37
C LEU A 57 3.13 -4.70 10.55
N MET A 58 4.22 -4.99 9.83
CA MET A 58 4.86 -6.31 9.92
C MET A 58 5.75 -6.39 11.16
N ALA A 59 5.91 -5.27 11.84
CA ALA A 59 6.73 -5.22 13.05
C ALA A 59 6.43 -6.39 13.97
N THR A 60 5.20 -6.91 13.87
CA THR A 60 4.78 -8.03 14.71
C THR A 60 4.64 -9.30 13.89
N GLY A 61 3.88 -9.22 12.80
CA GLY A 61 3.69 -10.38 11.94
C GLY A 61 2.58 -10.18 10.94
N ASP A 62 2.53 -9.00 10.34
CA ASP A 62 1.51 -8.67 9.35
C ASP A 62 1.96 -9.07 7.95
N LEU A 63 3.12 -8.57 7.55
CA LEU A 63 3.67 -8.86 6.24
C LEU A 63 4.65 -10.03 6.29
N ASP A 64 5.01 -10.42 7.51
CA ASP A 64 5.93 -11.53 7.72
C ASP A 64 5.49 -12.76 6.92
N GLN A 65 4.20 -12.82 6.60
CA GLN A 65 3.66 -13.94 5.84
C GLN A 65 4.47 -14.19 4.58
N ASP A 66 5.01 -13.11 4.01
CA ASP A 66 5.81 -13.22 2.79
C ASP A 66 6.86 -12.11 2.74
N GLY A 67 6.47 -10.91 3.16
CA GLY A 67 7.38 -9.79 3.16
C GLY A 67 6.96 -8.70 2.19
N ARG A 68 5.98 -9.01 1.35
CA ARG A 68 5.48 -8.05 0.38
C ARG A 68 4.28 -7.28 0.93
N ILE A 69 3.59 -6.55 0.06
CA ILE A 69 2.42 -5.77 0.46
C ILE A 69 1.37 -5.75 -0.63
N SER A 70 0.25 -6.44 -0.39
CA SER A 70 -0.84 -6.50 -1.36
C SER A 70 -1.61 -5.18 -1.39
N PHE A 71 -2.19 -4.87 -2.55
CA PHE A 71 -2.96 -3.65 -2.72
C PHE A 71 -3.94 -3.45 -1.56
N ASP A 72 -4.46 -4.57 -1.06
CA ASP A 72 -5.41 -4.52 0.05
C ASP A 72 -4.82 -3.78 1.24
N GLU A 73 -3.65 -4.23 1.69
CA GLU A 73 -2.99 -3.61 2.83
C GLU A 73 -2.77 -2.12 2.59
N PHE A 74 -2.28 -1.78 1.40
CA PHE A 74 -2.03 -0.39 1.05
C PHE A 74 -3.28 0.45 1.24
N ILE A 75 -4.41 -0.04 0.74
CA ILE A 75 -5.67 0.67 0.85
C ILE A 75 -6.03 0.92 2.32
N LYS A 76 -6.12 -0.17 3.08
CA LYS A 76 -6.46 -0.07 4.51
C LYS A 76 -5.58 0.97 5.20
N ILE A 77 -4.31 1.04 4.80
CA ILE A 77 -3.39 1.99 5.39
C ILE A 77 -3.69 3.42 4.93
N PHE A 78 -4.11 3.56 3.68
CA PHE A 78 -4.44 4.86 3.13
C PHE A 78 -5.65 5.46 3.84
N HIS A 79 -6.60 4.61 4.23
CA HIS A 79 -7.80 5.05 4.91
C HIS A 79 -7.54 5.23 6.41
N GLY A 80 -6.67 4.37 6.96
CA GLY A 80 -6.35 4.45 8.37
C GLY A 80 -7.52 4.06 9.25
N LEU A 81 -8.08 2.88 9.00
CA LEU A 81 -9.22 2.40 9.78
C LEU A 81 -9.09 0.91 10.07
N LYS A 82 -9.16 0.55 11.35
CA LYS A 82 -9.05 -0.84 11.76
C LYS A 82 -10.14 -1.69 11.12
N MET A 1 -6.02 -9.60 -9.05
CA MET A 1 -6.61 -9.44 -7.72
C MET A 1 -6.43 -8.02 -7.21
N ALA A 2 -7.46 -7.50 -6.54
CA ALA A 2 -7.41 -6.15 -6.00
C ALA A 2 -8.70 -5.83 -5.23
N ARG A 3 -8.56 -5.09 -4.14
CA ARG A 3 -9.70 -4.71 -3.32
C ARG A 3 -9.26 -3.86 -2.13
N GLY A 4 -10.23 -3.30 -1.42
CA GLY A 4 -9.92 -2.46 -0.28
C GLY A 4 -10.95 -1.36 -0.06
N SER A 5 -10.92 -0.73 1.10
CA SER A 5 -11.84 0.34 1.42
C SER A 5 -11.24 1.70 1.12
N VAL A 6 -11.64 2.29 -0.01
CA VAL A 6 -11.14 3.59 -0.41
C VAL A 6 -12.08 4.25 -1.41
N SER A 7 -12.16 5.58 -1.36
CA SER A 7 -13.02 6.34 -2.26
C SER A 7 -12.79 5.92 -3.71
N ASP A 8 -13.85 5.95 -4.50
CA ASP A 8 -13.76 5.58 -5.91
C ASP A 8 -12.59 6.29 -6.59
N GLU A 9 -12.57 7.62 -6.47
CA GLU A 9 -11.51 8.41 -7.07
C GLU A 9 -10.13 7.83 -6.75
N GLU A 10 -9.84 7.74 -5.45
CA GLU A 10 -8.56 7.20 -5.00
C GLU A 10 -8.33 5.79 -5.54
N MET A 11 -9.28 4.90 -5.24
CA MET A 11 -9.19 3.51 -5.70
C MET A 11 -8.60 3.44 -7.11
N MET A 12 -9.08 4.32 -7.99
CA MET A 12 -8.62 4.35 -9.37
C MET A 12 -7.17 4.83 -9.44
N GLU A 13 -6.88 5.90 -8.72
CA GLU A 13 -5.53 6.46 -8.70
C GLU A 13 -4.56 5.51 -8.00
N LEU A 14 -4.83 5.22 -6.73
CA LEU A 14 -3.98 4.33 -5.94
C LEU A 14 -3.65 3.07 -6.74
N ARG A 15 -4.66 2.47 -7.35
CA ARG A 15 -4.46 1.26 -8.14
C ARG A 15 -3.53 1.52 -9.31
N GLU A 16 -3.77 2.61 -10.03
CA GLU A 16 -2.94 2.97 -11.18
C GLU A 16 -1.46 2.96 -10.81
N ALA A 17 -1.10 3.78 -9.83
CA ALA A 17 0.28 3.87 -9.38
C ALA A 17 0.79 2.51 -8.89
N PHE A 18 0.06 1.92 -7.94
CA PHE A 18 0.44 0.62 -7.39
C PHE A 18 0.92 -0.32 -8.49
N ALA A 19 0.08 -0.53 -9.50
CA ALA A 19 0.41 -1.40 -10.61
C ALA A 19 1.77 -1.04 -11.20
N LYS A 20 2.00 0.25 -11.42
CA LYS A 20 3.26 0.72 -11.97
C LYS A 20 4.45 0.24 -11.13
N VAL A 21 4.20 0.04 -9.83
CA VAL A 21 5.24 -0.42 -8.91
C VAL A 21 5.01 -1.88 -8.51
N ASP A 22 4.01 -2.50 -9.12
CA ASP A 22 3.69 -3.89 -8.83
C ASP A 22 3.99 -4.79 -10.04
N THR A 23 5.14 -4.57 -10.65
CA THR A 23 5.55 -5.35 -11.81
C THR A 23 6.18 -6.67 -11.40
N ASP A 24 6.15 -6.96 -10.10
CA ASP A 24 6.71 -8.19 -9.57
C ASP A 24 6.00 -9.41 -10.15
N GLY A 25 4.82 -9.18 -10.73
CA GLY A 25 4.06 -10.27 -11.31
C GLY A 25 3.48 -11.19 -10.26
N ASN A 26 3.42 -10.72 -9.03
CA ASN A 26 2.88 -11.52 -7.93
C ASN A 26 1.58 -10.90 -7.39
N GLY A 27 1.38 -9.62 -7.69
CA GLY A 27 0.19 -8.94 -7.23
C GLY A 27 0.46 -7.98 -6.11
N TYR A 28 1.51 -8.25 -5.33
CA TYR A 28 1.89 -7.40 -4.21
C TYR A 28 3.24 -6.74 -4.45
N ILE A 29 3.38 -5.52 -3.96
CA ILE A 29 4.63 -4.78 -4.11
C ILE A 29 5.54 -4.95 -2.89
N SER A 30 6.72 -4.36 -2.95
CA SER A 30 7.67 -4.44 -1.86
C SER A 30 7.62 -3.19 -0.99
N PHE A 31 8.18 -3.28 0.22
CA PHE A 31 8.20 -2.15 1.14
C PHE A 31 8.63 -0.87 0.42
N ASN A 32 9.80 -0.91 -0.19
CA ASN A 32 10.33 0.24 -0.91
C ASN A 32 9.33 0.74 -1.95
N GLU A 33 8.78 -0.19 -2.72
CA GLU A 33 7.81 0.16 -3.75
C GLU A 33 6.59 0.85 -3.14
N LEU A 34 6.15 0.36 -2.00
CA LEU A 34 5.00 0.93 -1.30
C LEU A 34 5.20 2.42 -1.05
N ASN A 35 6.22 2.74 -0.25
CA ASN A 35 6.52 4.13 0.08
C ASN A 35 6.55 4.99 -1.17
N ASP A 36 7.25 4.51 -2.20
CA ASP A 36 7.36 5.23 -3.46
C ASP A 36 5.99 5.40 -4.11
N LEU A 37 5.14 4.39 -3.96
CA LEU A 37 3.80 4.42 -4.53
C LEU A 37 2.93 5.45 -3.82
N PHE A 38 3.13 5.61 -2.52
CA PHE A 38 2.37 6.56 -1.74
C PHE A 38 2.64 7.99 -2.20
N LYS A 39 3.91 8.33 -2.35
CA LYS A 39 4.30 9.66 -2.80
C LYS A 39 4.05 9.83 -4.29
N ALA A 40 4.21 8.74 -5.04
CA ALA A 40 4.00 8.77 -6.48
C ALA A 40 2.53 8.95 -6.81
N ALA A 41 1.66 8.51 -5.91
CA ALA A 41 0.22 8.63 -6.12
C ALA A 41 -0.31 9.95 -5.57
N CYS A 42 0.60 10.86 -5.26
CA CYS A 42 0.23 12.16 -4.72
C CYS A 42 -0.76 12.02 -3.57
N LEU A 43 -0.39 11.22 -2.58
CA LEU A 43 -1.24 10.99 -1.42
C LEU A 43 -1.03 12.07 -0.36
N PRO A 44 -1.98 12.19 0.57
CA PRO A 44 -1.92 13.17 1.64
C PRO A 44 -0.83 12.85 2.67
N LEU A 45 -0.81 11.61 3.13
CA LEU A 45 0.18 11.17 4.11
C LEU A 45 1.59 11.47 3.61
N PRO A 46 2.47 11.88 4.55
CA PRO A 46 3.86 12.21 4.24
C PRO A 46 4.68 10.96 3.88
N GLY A 47 6.00 11.13 3.83
CA GLY A 47 6.87 10.01 3.51
C GLY A 47 7.17 9.14 4.71
N TYR A 48 7.37 9.77 5.85
CA TYR A 48 7.68 9.05 7.08
C TYR A 48 6.47 8.27 7.57
N ARG A 49 5.29 8.90 7.50
CA ARG A 49 4.06 8.26 7.94
C ARG A 49 3.89 6.90 7.27
N VAL A 50 4.15 6.84 5.98
CA VAL A 50 4.02 5.59 5.22
C VAL A 50 5.10 4.58 5.64
N ARG A 51 6.35 5.02 5.58
CA ARG A 51 7.47 4.16 5.95
C ARG A 51 7.28 3.59 7.35
N GLU A 52 6.82 4.43 8.28
CA GLU A 52 6.59 4.02 9.65
C GLU A 52 5.43 3.03 9.73
N ILE A 53 4.30 3.41 9.14
CA ILE A 53 3.11 2.57 9.15
C ILE A 53 3.45 1.14 8.74
N THR A 54 4.24 1.01 7.67
CA THR A 54 4.63 -0.30 7.17
C THR A 54 5.59 -1.00 8.15
N GLU A 55 6.69 -0.33 8.47
CA GLU A 55 7.68 -0.88 9.39
C GLU A 55 7.03 -1.34 10.68
N ASN A 56 6.01 -0.59 11.12
CA ASN A 56 5.30 -0.93 12.34
C ASN A 56 4.19 -1.95 12.08
N LEU A 57 3.76 -2.02 10.82
CA LEU A 57 2.71 -2.96 10.43
C LEU A 57 3.16 -4.40 10.65
N MET A 58 4.20 -4.81 9.96
CA MET A 58 4.73 -6.16 10.09
C MET A 58 5.66 -6.27 11.29
N ALA A 59 5.95 -5.14 11.92
CA ALA A 59 6.83 -5.11 13.08
C ALA A 59 6.45 -6.19 14.09
N THR A 60 5.17 -6.57 14.07
CA THR A 60 4.67 -7.61 14.97
C THR A 60 4.42 -8.91 14.24
N GLY A 61 3.56 -8.85 13.22
CA GLY A 61 3.25 -10.04 12.45
C GLY A 61 2.12 -9.81 11.45
N ASP A 62 2.18 -8.68 10.76
CA ASP A 62 1.17 -8.34 9.78
C ASP A 62 1.55 -8.87 8.40
N LEU A 63 2.74 -8.51 7.94
CA LEU A 63 3.23 -8.95 6.63
C LEU A 63 4.10 -10.20 6.77
N ASP A 64 3.98 -10.87 7.90
CA ASP A 64 4.75 -12.09 8.15
C ASP A 64 4.47 -13.13 7.09
N GLN A 65 3.35 -12.98 6.38
CA GLN A 65 2.97 -13.91 5.33
C GLN A 65 4.12 -14.13 4.35
N ASP A 66 4.92 -13.10 4.15
CA ASP A 66 6.06 -13.19 3.24
C ASP A 66 6.94 -11.95 3.34
N GLY A 67 6.31 -10.81 3.64
CA GLY A 67 7.05 -9.57 3.77
C GLY A 67 6.67 -8.56 2.70
N ARG A 68 5.86 -8.99 1.74
CA ARG A 68 5.43 -8.12 0.65
C ARG A 68 4.24 -7.27 1.09
N ILE A 69 3.63 -6.59 0.12
CA ILE A 69 2.47 -5.74 0.40
C ILE A 69 1.51 -5.71 -0.78
N SER A 70 0.36 -6.38 -0.62
CA SER A 70 -0.64 -6.43 -1.67
C SER A 70 -1.49 -5.17 -1.67
N PHE A 71 -2.07 -4.86 -2.83
CA PHE A 71 -2.91 -3.67 -2.97
C PHE A 71 -3.91 -3.58 -1.82
N ASP A 72 -4.39 -4.72 -1.36
CA ASP A 72 -5.34 -4.77 -0.26
C ASP A 72 -4.79 -4.06 0.97
N GLU A 73 -3.61 -4.47 1.42
CA GLU A 73 -2.97 -3.88 2.58
C GLU A 73 -2.79 -2.38 2.39
N PHE A 74 -2.30 -1.98 1.22
CA PHE A 74 -2.07 -0.58 0.92
C PHE A 74 -3.33 0.24 1.17
N ILE A 75 -4.44 -0.20 0.59
CA ILE A 75 -5.71 0.50 0.75
C ILE A 75 -6.08 0.63 2.22
N LYS A 76 -6.23 -0.51 2.89
CA LYS A 76 -6.58 -0.54 4.30
C LYS A 76 -5.64 0.34 5.11
N ILE A 77 -4.39 0.45 4.66
CA ILE A 77 -3.40 1.26 5.34
C ILE A 77 -3.62 2.74 5.07
N PHE A 78 -3.99 3.06 3.84
CA PHE A 78 -4.24 4.44 3.45
C PHE A 78 -5.44 5.02 4.20
N HIS A 79 -6.47 4.20 4.38
CA HIS A 79 -7.68 4.62 5.08
C HIS A 79 -7.48 4.53 6.59
N GLY A 80 -6.72 3.53 7.03
CA GLY A 80 -6.47 3.36 8.45
C GLY A 80 -7.45 2.40 9.10
N LEU A 81 -8.74 2.73 9.02
CA LEU A 81 -9.77 1.90 9.61
C LEU A 81 -10.93 1.70 8.63
N LYS A 82 -11.33 0.46 8.42
CA LYS A 82 -12.43 0.14 7.52
C LYS A 82 -13.75 0.71 8.05
N MET A 1 -14.99 -5.26 -7.64
CA MET A 1 -15.18 -6.61 -7.12
C MET A 1 -14.85 -6.67 -5.63
N ALA A 2 -15.36 -5.72 -4.87
CA ALA A 2 -15.12 -5.67 -3.44
C ALA A 2 -16.01 -4.62 -2.76
N ARG A 3 -15.79 -4.40 -1.48
CA ARG A 3 -16.57 -3.44 -0.72
C ARG A 3 -15.76 -2.87 0.45
N GLY A 4 -16.17 -1.70 0.93
CA GLY A 4 -15.46 -1.07 2.03
C GLY A 4 -13.98 -0.86 1.74
N SER A 5 -13.65 0.29 1.18
CA SER A 5 -12.27 0.61 0.84
C SER A 5 -12.15 2.04 0.33
N VAL A 6 -10.98 2.38 -0.20
CA VAL A 6 -10.74 3.72 -0.73
C VAL A 6 -11.85 4.15 -1.67
N SER A 7 -11.97 5.46 -1.88
CA SER A 7 -13.00 5.99 -2.76
C SER A 7 -12.77 5.55 -4.20
N ASP A 8 -13.61 6.05 -5.10
CA ASP A 8 -13.49 5.71 -6.52
C ASP A 8 -12.26 6.37 -7.14
N GLU A 9 -12.17 7.69 -7.00
CA GLU A 9 -11.05 8.44 -7.55
C GLU A 9 -9.72 7.87 -7.06
N GLU A 10 -9.66 7.53 -5.78
CA GLU A 10 -8.45 6.97 -5.19
C GLU A 10 -8.21 5.55 -5.69
N MET A 11 -9.11 4.64 -5.34
CA MET A 11 -9.00 3.25 -5.76
C MET A 11 -8.44 3.14 -7.17
N MET A 12 -8.93 4.01 -8.06
CA MET A 12 -8.49 4.02 -9.44
C MET A 12 -7.04 4.50 -9.55
N GLU A 13 -6.74 5.63 -8.91
CA GLU A 13 -5.39 6.18 -8.93
C GLU A 13 -4.42 5.28 -8.17
N LEU A 14 -4.69 5.07 -6.90
CA LEU A 14 -3.84 4.23 -6.06
C LEU A 14 -3.50 2.93 -6.76
N ARG A 15 -4.52 2.26 -7.30
CA ARG A 15 -4.33 1.00 -8.01
C ARG A 15 -3.41 1.19 -9.22
N GLU A 16 -3.68 2.23 -10.01
CA GLU A 16 -2.89 2.51 -11.19
C GLU A 16 -1.40 2.49 -10.86
N ALA A 17 -0.99 3.37 -9.96
CA ALA A 17 0.42 3.45 -9.56
C ALA A 17 0.91 2.11 -9.04
N PHE A 18 0.21 1.57 -8.04
CA PHE A 18 0.58 0.29 -7.45
C PHE A 18 1.00 -0.71 -8.52
N ALA A 19 0.32 -0.64 -9.67
CA ALA A 19 0.61 -1.54 -10.78
C ALA A 19 2.04 -1.34 -11.29
N LYS A 20 2.37 -0.10 -11.60
CA LYS A 20 3.71 0.23 -12.09
C LYS A 20 4.78 -0.22 -11.10
N VAL A 21 4.39 -0.39 -9.85
CA VAL A 21 5.31 -0.82 -8.81
C VAL A 21 5.04 -2.27 -8.39
N ASP A 22 4.10 -2.91 -9.08
CA ASP A 22 3.76 -4.29 -8.78
C ASP A 22 4.54 -5.26 -9.66
N THR A 23 5.82 -5.44 -9.34
CA THR A 23 6.68 -6.33 -10.10
C THR A 23 6.11 -7.74 -10.14
N ASP A 24 5.52 -8.17 -9.03
CA ASP A 24 4.92 -9.49 -8.94
C ASP A 24 3.80 -9.67 -9.95
N GLY A 25 3.17 -8.55 -10.31
CA GLY A 25 2.08 -8.60 -11.27
C GLY A 25 0.85 -9.29 -10.72
N ASN A 26 0.90 -9.64 -9.44
CA ASN A 26 -0.22 -10.32 -8.79
C ASN A 26 -0.84 -9.43 -7.71
N GLY A 27 -0.62 -8.13 -7.83
CA GLY A 27 -1.16 -7.19 -6.86
C GLY A 27 -0.32 -7.12 -5.59
N TYR A 28 0.98 -7.31 -5.75
CA TYR A 28 1.90 -7.28 -4.60
C TYR A 28 3.05 -6.31 -4.86
N ILE A 29 3.46 -5.61 -3.82
CA ILE A 29 4.57 -4.65 -3.94
C ILE A 29 5.50 -4.74 -2.73
N SER A 30 6.78 -4.51 -2.96
CA SER A 30 7.78 -4.56 -1.90
C SER A 30 7.74 -3.28 -1.05
N PHE A 31 8.29 -3.36 0.15
CA PHE A 31 8.32 -2.23 1.06
C PHE A 31 8.76 -0.96 0.33
N ASN A 32 9.90 -1.03 -0.34
CA ASN A 32 10.42 0.11 -1.09
C ASN A 32 9.40 0.62 -2.10
N GLU A 33 8.83 -0.30 -2.87
CA GLU A 33 7.83 0.05 -3.88
C GLU A 33 6.63 0.73 -3.23
N LEU A 34 6.22 0.23 -2.08
CA LEU A 34 5.07 0.78 -1.36
C LEU A 34 5.27 2.27 -1.10
N ASN A 35 6.30 2.61 -0.34
CA ASN A 35 6.60 4.00 -0.02
C ASN A 35 6.62 4.85 -1.28
N ASP A 36 7.26 4.34 -2.32
CA ASP A 36 7.35 5.05 -3.59
C ASP A 36 5.97 5.27 -4.20
N LEU A 37 5.09 4.30 -3.99
CA LEU A 37 3.73 4.38 -4.53
C LEU A 37 2.91 5.43 -3.78
N PHE A 38 3.21 5.60 -2.50
CA PHE A 38 2.50 6.57 -1.68
C PHE A 38 2.85 8.00 -2.11
N LYS A 39 4.10 8.21 -2.49
CA LYS A 39 4.56 9.52 -2.93
C LYS A 39 4.33 9.70 -4.42
N ALA A 40 4.40 8.61 -5.17
CA ALA A 40 4.20 8.65 -6.62
C ALA A 40 2.72 8.84 -6.96
N ALA A 41 1.85 8.38 -6.07
CA ALA A 41 0.42 8.50 -6.28
C ALA A 41 -0.11 9.81 -5.72
N CYS A 42 0.81 10.70 -5.36
CA CYS A 42 0.44 12.01 -4.81
C CYS A 42 -0.56 11.84 -3.67
N LEU A 43 -0.22 11.01 -2.70
CA LEU A 43 -1.08 10.77 -1.56
C LEU A 43 -0.93 11.87 -0.51
N PRO A 44 -1.97 12.05 0.31
CA PRO A 44 -1.97 13.06 1.37
C PRO A 44 -0.99 12.74 2.50
N LEU A 45 -1.03 11.50 2.98
CA LEU A 45 -0.15 11.06 4.05
C LEU A 45 1.30 11.45 3.75
N PRO A 46 2.01 11.87 4.80
CA PRO A 46 3.42 12.28 4.67
C PRO A 46 4.34 11.09 4.41
N GLY A 47 5.65 11.34 4.46
CA GLY A 47 6.61 10.29 4.22
C GLY A 47 6.82 9.40 5.44
N TYR A 48 6.87 10.01 6.61
CA TYR A 48 7.08 9.27 7.85
C TYR A 48 5.87 8.40 8.16
N ARG A 49 4.68 8.90 7.83
CA ARG A 49 3.44 8.15 8.07
C ARG A 49 3.49 6.78 7.40
N VAL A 50 3.84 6.77 6.12
CA VAL A 50 3.93 5.53 5.37
C VAL A 50 4.99 4.61 5.94
N ARG A 51 6.22 5.10 5.99
CA ARG A 51 7.34 4.32 6.52
C ARG A 51 7.01 3.79 7.91
N GLU A 52 6.39 4.63 8.73
CA GLU A 52 6.03 4.24 10.09
C GLU A 52 4.95 3.16 10.08
N ILE A 53 3.88 3.41 9.35
CA ILE A 53 2.78 2.45 9.26
C ILE A 53 3.29 1.06 8.90
N THR A 54 4.33 1.01 8.08
CA THR A 54 4.92 -0.25 7.65
C THR A 54 5.72 -0.89 8.79
N GLU A 55 6.67 -0.14 9.32
CA GLU A 55 7.51 -0.63 10.41
C GLU A 55 6.66 -1.17 11.55
N ASN A 56 5.51 -0.53 11.77
CA ASN A 56 4.60 -0.94 12.84
C ASN A 56 3.69 -2.08 12.37
N LEU A 57 3.37 -2.07 11.09
CA LEU A 57 2.51 -3.11 10.51
C LEU A 57 3.14 -4.48 10.63
N MET A 58 4.28 -4.67 9.95
CA MET A 58 4.99 -5.94 10.00
C MET A 58 5.50 -6.24 11.40
N ALA A 59 5.47 -5.22 12.26
CA ALA A 59 5.92 -5.38 13.64
C ALA A 59 5.34 -6.64 14.28
N THR A 60 4.19 -7.07 13.77
CA THR A 60 3.52 -8.26 14.28
C THR A 60 3.30 -9.29 13.18
N GLY A 61 4.38 -9.61 12.45
CA GLY A 61 4.27 -10.58 11.38
C GLY A 61 3.14 -10.29 10.43
N ASP A 62 3.06 -9.05 9.98
CA ASP A 62 2.00 -8.63 9.05
C ASP A 62 2.50 -8.69 7.60
N LEU A 63 3.62 -8.03 7.34
CA LEU A 63 4.20 -8.00 5.99
C LEU A 63 5.30 -9.04 5.86
N ASP A 64 5.88 -9.43 7.00
CA ASP A 64 6.95 -10.43 6.99
C ASP A 64 6.43 -11.80 6.56
N GLN A 65 5.11 -11.98 6.64
CA GLN A 65 4.49 -13.23 6.25
C GLN A 65 4.96 -13.66 4.86
N ASP A 66 5.14 -12.70 3.97
CA ASP A 66 5.58 -12.99 2.61
C ASP A 66 6.64 -11.97 2.17
N GLY A 67 7.05 -11.10 3.09
CA GLY A 67 8.05 -10.09 2.77
C GLY A 67 7.59 -9.15 1.69
N ARG A 68 6.28 -9.15 1.41
CA ARG A 68 5.72 -8.27 0.40
C ARG A 68 4.53 -7.48 0.94
N ILE A 69 3.86 -6.75 0.07
CA ILE A 69 2.70 -5.95 0.47
C ILE A 69 1.65 -5.90 -0.64
N SER A 70 0.55 -6.61 -0.42
CA SER A 70 -0.53 -6.64 -1.40
C SER A 70 -1.30 -5.33 -1.42
N PHE A 71 -1.93 -5.03 -2.55
CA PHE A 71 -2.69 -3.79 -2.70
C PHE A 71 -3.66 -3.61 -1.53
N ASP A 72 -4.22 -4.72 -1.06
CA ASP A 72 -5.15 -4.67 0.06
C ASP A 72 -4.55 -3.92 1.25
N GLU A 73 -3.39 -4.37 1.70
CA GLU A 73 -2.71 -3.74 2.82
C GLU A 73 -2.55 -2.24 2.60
N PHE A 74 -2.11 -1.87 1.40
CA PHE A 74 -1.92 -0.47 1.06
C PHE A 74 -3.19 0.33 1.31
N ILE A 75 -4.30 -0.16 0.77
CA ILE A 75 -5.59 0.51 0.93
C ILE A 75 -5.91 0.73 2.39
N LYS A 76 -5.90 -0.35 3.17
CA LYS A 76 -6.20 -0.28 4.59
C LYS A 76 -5.33 0.79 5.27
N ILE A 77 -4.09 0.92 4.81
CA ILE A 77 -3.16 1.90 5.37
C ILE A 77 -3.57 3.31 4.97
N PHE A 78 -3.98 3.48 3.72
CA PHE A 78 -4.39 4.79 3.21
C PHE A 78 -5.69 5.23 3.88
N HIS A 79 -6.49 4.28 4.30
CA HIS A 79 -7.77 4.58 4.95
C HIS A 79 -7.58 4.79 6.44
N GLY A 80 -6.63 4.06 7.03
CA GLY A 80 -6.37 4.17 8.45
C GLY A 80 -7.07 3.10 9.27
N LEU A 81 -8.39 3.04 9.17
CA LEU A 81 -9.17 2.05 9.89
C LEU A 81 -10.27 1.47 9.01
N LYS A 82 -10.42 0.15 9.05
CA LYS A 82 -11.44 -0.53 8.27
C LYS A 82 -12.81 0.08 8.50
#